data_1YZV
# 
_entry.id   1YZV 
# 
_audit_conform.dict_name       mmcif_pdbx.dic 
_audit_conform.dict_version    5.387 
_audit_conform.dict_location   http://mmcif.pdb.org/dictionaries/ascii/mmcif_pdbx.dic 
# 
loop_
_database_2.database_id 
_database_2.database_code 
_database_2.pdbx_database_accession 
_database_2.pdbx_DOI 
PDB   1YZV         pdb_00001yzv 10.2210/pdb1yzv/pdb 
RCSB  RCSB032120   ?            ?                   
WWPDB D_1000032120 ?            ?                   
# 
loop_
_pdbx_audit_revision_history.ordinal 
_pdbx_audit_revision_history.data_content_type 
_pdbx_audit_revision_history.major_revision 
_pdbx_audit_revision_history.minor_revision 
_pdbx_audit_revision_history.revision_date 
1 'Structure model' 1 0 2005-03-08 
2 'Structure model' 1 1 2008-04-30 
3 'Structure model' 1 2 2011-07-13 
4 'Structure model' 1 3 2012-10-24 
5 'Structure model' 1 4 2024-02-14 
# 
_pdbx_audit_revision_details.ordinal             1 
_pdbx_audit_revision_details.revision_ordinal    1 
_pdbx_audit_revision_details.data_content_type   'Structure model' 
_pdbx_audit_revision_details.provider            repository 
_pdbx_audit_revision_details.type                'Initial release' 
_pdbx_audit_revision_details.description         ? 
_pdbx_audit_revision_details.details             ? 
# 
loop_
_pdbx_audit_revision_group.ordinal 
_pdbx_audit_revision_group.revision_ordinal 
_pdbx_audit_revision_group.data_content_type 
_pdbx_audit_revision_group.group 
1 2 'Structure model' 'Version format compliance' 
2 3 'Structure model' Advisory                    
3 3 'Structure model' 'Derived calculations'      
4 3 'Structure model' 'Version format compliance' 
5 4 'Structure model' 'Database references'       
6 5 'Structure model' 'Data collection'           
7 5 'Structure model' 'Database references'       
8 5 'Structure model' 'Derived calculations'      
# 
loop_
_pdbx_audit_revision_category.ordinal 
_pdbx_audit_revision_category.revision_ordinal 
_pdbx_audit_revision_category.data_content_type 
_pdbx_audit_revision_category.category 
1 5 'Structure model' chem_comp_atom 
2 5 'Structure model' chem_comp_bond 
3 5 'Structure model' database_2     
4 5 'Structure model' struct_site    
# 
loop_
_pdbx_audit_revision_item.ordinal 
_pdbx_audit_revision_item.revision_ordinal 
_pdbx_audit_revision_item.data_content_type 
_pdbx_audit_revision_item.item 
1 5 'Structure model' '_database_2.pdbx_DOI'                
2 5 'Structure model' '_database_2.pdbx_database_accession' 
3 5 'Structure model' '_struct_site.pdbx_auth_asym_id'      
4 5 'Structure model' '_struct_site.pdbx_auth_comp_id'      
5 5 'Structure model' '_struct_site.pdbx_auth_seq_id'       
# 
_pdbx_database_status.entry_id                        1YZV 
_pdbx_database_status.deposit_site                    RCSB 
_pdbx_database_status.process_site                    RCSB 
_pdbx_database_status.recvd_initial_deposition_date   2005-02-28 
_pdbx_database_status.status_code                     REL 
_pdbx_database_status.status_code_sf                  REL 
_pdbx_database_status.status_code_mr                  ? 
_pdbx_database_status.SG_entry                        Y 
_pdbx_database_status.status_code_cs                  ? 
_pdbx_database_status.pdb_format_compatible           Y 
_pdbx_database_status.status_code_nmr_data            ? 
_pdbx_database_status.methods_development_category    ? 
# 
_pdbx_database_related.db_name        TargetDB 
_pdbx_database_related.db_id          Tcru003547AAA 
_pdbx_database_related.details        . 
_pdbx_database_related.content_type   unspecified 
# 
loop_
_audit_author.name 
_audit_author.pdbx_ordinal 
'Caruthers, J.'                                                1 
'Merritt, E.A.'                                                2 
'Structural Genomics of Pathogenic Protozoa Consortium (SGPP)' 3 
# 
_citation.id                        primary 
_citation.title                     
;Crystal structures and proposed structural/functional classification of three protozoan proteins from the isochorismatase superfamily.
;
_citation.journal_abbrev            'Protein Sci.' 
_citation.journal_volume            14 
_citation.page_first                2887 
_citation.page_last                 2894 
_citation.year                      2005 
_citation.journal_id_ASTM           PRCIEI 
_citation.country                   US 
_citation.journal_id_ISSN           0961-8368 
_citation.journal_id_CSD            0795 
_citation.book_publisher            ? 
_citation.pdbx_database_id_PubMed   16199669 
_citation.pdbx_database_id_DOI      10.1110/ps.051783005 
# 
loop_
_citation_author.citation_id 
_citation_author.name 
_citation_author.ordinal 
_citation_author.identifier_ORCID 
primary 'Caruthers, J.'    1  ? 
primary 'Zucker, F.'       2  ? 
primary 'Worthey, E.'      3  ? 
primary 'Myler, P.J.'      4  ? 
primary 'Buckner, F.'      5  ? 
primary 'Van Voorhuis, W.' 6  ? 
primary 'Mehlin, C.'       7  ? 
primary 'Boni, E.'         8  ? 
primary 'Feist, T.'        9  ? 
primary 'Luft, J.'         10 ? 
primary 'Gulde, S.'        11 ? 
primary 'Lauricella, A.'   12 ? 
primary 'Kaluzhniy, O.'    13 ? 
primary 'Anderson, L.'     14 ? 
primary 'Le Trong, I.'     15 ? 
primary 'Holmes, M.A.'     16 ? 
primary 'Earnest, T.'      17 ? 
primary 'Soltis, M.'       18 ? 
primary 'Hodgson, K.O.'    19 ? 
primary 'Hol, W.G.'        20 ? 
primary 'Merritt, E.A.'    21 ? 
# 
loop_
_entity.id 
_entity.type 
_entity.src_method 
_entity.pdbx_description 
_entity.formula_weight 
_entity.pdbx_number_of_molecules 
_entity.pdbx_ec 
_entity.pdbx_mutation 
_entity.pdbx_fragment 
_entity.details 
1 polymer     man 'HYPOTHETICAL PROTEIN' 22561.338 1   ? ? ? ? 
2 non-polymer syn 'SULFATE ION'          96.063    1   ? ? ? ? 
3 water       nat water                  18.015    166 ? ? ? ? 
# 
_entity_poly.entity_id                      1 
_entity_poly.type                           'polypeptide(L)' 
_entity_poly.nstd_linkage                   no 
_entity_poly.nstd_monomer                   no 
_entity_poly.pdbx_seq_one_letter_code       
;MAHHHHHHMSRLLKHYGSCKTAFFCCDIQEKFMGRIANSANCVFVANRFAGLHTALGTAHSVYIVTEQYPKGLGATSADI
RLPPDAHVFSKKRFAMLVPQVMPLVDLPEVEQVVLWGFETHVCILQTAAALLDMKKKVVIAVDGCGSQSQGDHCTAIQLM
QSWSGDGCYISTSESILMQLLKDASDPVFKTIAPLMKQTHPIRI
;
_entity_poly.pdbx_seq_one_letter_code_can   
;MAHHHHHHMSRLLKHYGSCKTAFFCCDIQEKFMGRIANSANCVFVANRFAGLHTALGTAHSVYIVTEQYPKGLGATSADI
RLPPDAHVFSKKRFAMLVPQVMPLVDLPEVEQVVLWGFETHVCILQTAAALLDMKKKVVIAVDGCGSQSQGDHCTAIQLM
QSWSGDGCYISTSESILMQLLKDASDPVFKTIAPLMKQTHPIRI
;
_entity_poly.pdbx_strand_id                 A 
_entity_poly.pdbx_target_identifier         Tcru003547AAA 
# 
loop_
_pdbx_entity_nonpoly.entity_id 
_pdbx_entity_nonpoly.name 
_pdbx_entity_nonpoly.comp_id 
2 'SULFATE ION' SO4 
3 water         HOH 
# 
loop_
_entity_poly_seq.entity_id 
_entity_poly_seq.num 
_entity_poly_seq.mon_id 
_entity_poly_seq.hetero 
1 1   MET n 
1 2   ALA n 
1 3   HIS n 
1 4   HIS n 
1 5   HIS n 
1 6   HIS n 
1 7   HIS n 
1 8   HIS n 
1 9   MET n 
1 10  SER n 
1 11  ARG n 
1 12  LEU n 
1 13  LEU n 
1 14  LYS n 
1 15  HIS n 
1 16  TYR n 
1 17  GLY n 
1 18  SER n 
1 19  CYS n 
1 20  LYS n 
1 21  THR n 
1 22  ALA n 
1 23  PHE n 
1 24  PHE n 
1 25  CYS n 
1 26  CYS n 
1 27  ASP n 
1 28  ILE n 
1 29  GLN n 
1 30  GLU n 
1 31  LYS n 
1 32  PHE n 
1 33  MET n 
1 34  GLY n 
1 35  ARG n 
1 36  ILE n 
1 37  ALA n 
1 38  ASN n 
1 39  SER n 
1 40  ALA n 
1 41  ASN n 
1 42  CYS n 
1 43  VAL n 
1 44  PHE n 
1 45  VAL n 
1 46  ALA n 
1 47  ASN n 
1 48  ARG n 
1 49  PHE n 
1 50  ALA n 
1 51  GLY n 
1 52  LEU n 
1 53  HIS n 
1 54  THR n 
1 55  ALA n 
1 56  LEU n 
1 57  GLY n 
1 58  THR n 
1 59  ALA n 
1 60  HIS n 
1 61  SER n 
1 62  VAL n 
1 63  TYR n 
1 64  ILE n 
1 65  VAL n 
1 66  THR n 
1 67  GLU n 
1 68  GLN n 
1 69  TYR n 
1 70  PRO n 
1 71  LYS n 
1 72  GLY n 
1 73  LEU n 
1 74  GLY n 
1 75  ALA n 
1 76  THR n 
1 77  SER n 
1 78  ALA n 
1 79  ASP n 
1 80  ILE n 
1 81  ARG n 
1 82  LEU n 
1 83  PRO n 
1 84  PRO n 
1 85  ASP n 
1 86  ALA n 
1 87  HIS n 
1 88  VAL n 
1 89  PHE n 
1 90  SER n 
1 91  LYS n 
1 92  LYS n 
1 93  ARG n 
1 94  PHE n 
1 95  ALA n 
1 96  MET n 
1 97  LEU n 
1 98  VAL n 
1 99  PRO n 
1 100 GLN n 
1 101 VAL n 
1 102 MET n 
1 103 PRO n 
1 104 LEU n 
1 105 VAL n 
1 106 ASP n 
1 107 LEU n 
1 108 PRO n 
1 109 GLU n 
1 110 VAL n 
1 111 GLU n 
1 112 GLN n 
1 113 VAL n 
1 114 VAL n 
1 115 LEU n 
1 116 TRP n 
1 117 GLY n 
1 118 PHE n 
1 119 GLU n 
1 120 THR n 
1 121 HIS n 
1 122 VAL n 
1 123 CYS n 
1 124 ILE n 
1 125 LEU n 
1 126 GLN n 
1 127 THR n 
1 128 ALA n 
1 129 ALA n 
1 130 ALA n 
1 131 LEU n 
1 132 LEU n 
1 133 ASP n 
1 134 MET n 
1 135 LYS n 
1 136 LYS n 
1 137 LYS n 
1 138 VAL n 
1 139 VAL n 
1 140 ILE n 
1 141 ALA n 
1 142 VAL n 
1 143 ASP n 
1 144 GLY n 
1 145 CYS n 
1 146 GLY n 
1 147 SER n 
1 148 GLN n 
1 149 SER n 
1 150 GLN n 
1 151 GLY n 
1 152 ASP n 
1 153 HIS n 
1 154 CYS n 
1 155 THR n 
1 156 ALA n 
1 157 ILE n 
1 158 GLN n 
1 159 LEU n 
1 160 MET n 
1 161 GLN n 
1 162 SER n 
1 163 TRP n 
1 164 SER n 
1 165 GLY n 
1 166 ASP n 
1 167 GLY n 
1 168 CYS n 
1 169 TYR n 
1 170 ILE n 
1 171 SER n 
1 172 THR n 
1 173 SER n 
1 174 GLU n 
1 175 SER n 
1 176 ILE n 
1 177 LEU n 
1 178 MET n 
1 179 GLN n 
1 180 LEU n 
1 181 LEU n 
1 182 LYS n 
1 183 ASP n 
1 184 ALA n 
1 185 SER n 
1 186 ASP n 
1 187 PRO n 
1 188 VAL n 
1 189 PHE n 
1 190 LYS n 
1 191 THR n 
1 192 ILE n 
1 193 ALA n 
1 194 PRO n 
1 195 LEU n 
1 196 MET n 
1 197 LYS n 
1 198 GLN n 
1 199 THR n 
1 200 HIS n 
1 201 PRO n 
1 202 ILE n 
1 203 ARG n 
1 204 ILE n 
# 
_entity_src_gen.entity_id                          1 
_entity_src_gen.pdbx_src_id                        1 
_entity_src_gen.pdbx_alt_source_flag               sample 
_entity_src_gen.pdbx_seq_type                      ? 
_entity_src_gen.pdbx_beg_seq_num                   ? 
_entity_src_gen.pdbx_end_seq_num                   ? 
_entity_src_gen.gene_src_common_name               ? 
_entity_src_gen.gene_src_genus                     Trypanosoma 
_entity_src_gen.pdbx_gene_src_gene                 ? 
_entity_src_gen.gene_src_species                   ? 
_entity_src_gen.gene_src_strain                    ? 
_entity_src_gen.gene_src_tissue                    ? 
_entity_src_gen.gene_src_tissue_fraction           ? 
_entity_src_gen.gene_src_details                   ? 
_entity_src_gen.pdbx_gene_src_fragment             ? 
_entity_src_gen.pdbx_gene_src_scientific_name      'Trypanosoma cruzi' 
_entity_src_gen.pdbx_gene_src_ncbi_taxonomy_id     5693 
_entity_src_gen.pdbx_gene_src_variant              ? 
_entity_src_gen.pdbx_gene_src_cell_line            ? 
_entity_src_gen.pdbx_gene_src_atcc                 ? 
_entity_src_gen.pdbx_gene_src_organ                ? 
_entity_src_gen.pdbx_gene_src_organelle            ? 
_entity_src_gen.pdbx_gene_src_cell                 ? 
_entity_src_gen.pdbx_gene_src_cellular_location    ? 
_entity_src_gen.host_org_common_name               ? 
_entity_src_gen.pdbx_host_org_scientific_name      'Escherichia coli' 
_entity_src_gen.pdbx_host_org_ncbi_taxonomy_id     562 
_entity_src_gen.host_org_genus                     Escherichia 
_entity_src_gen.pdbx_host_org_gene                 ? 
_entity_src_gen.pdbx_host_org_organ                ? 
_entity_src_gen.host_org_species                   ? 
_entity_src_gen.pdbx_host_org_tissue               ? 
_entity_src_gen.pdbx_host_org_tissue_fraction      ? 
_entity_src_gen.pdbx_host_org_strain               ? 
_entity_src_gen.pdbx_host_org_variant              ? 
_entity_src_gen.pdbx_host_org_cell_line            ? 
_entity_src_gen.pdbx_host_org_atcc                 ? 
_entity_src_gen.pdbx_host_org_culture_collection   ? 
_entity_src_gen.pdbx_host_org_cell                 ? 
_entity_src_gen.pdbx_host_org_organelle            ? 
_entity_src_gen.pdbx_host_org_cellular_location    ? 
_entity_src_gen.pdbx_host_org_vector_type          plasmid 
_entity_src_gen.pdbx_host_org_vector               ? 
_entity_src_gen.host_org_details                   ? 
_entity_src_gen.expression_system_id               ? 
_entity_src_gen.plasmid_name                       pET3a 
_entity_src_gen.plasmid_details                    ? 
_entity_src_gen.pdbx_description                   ? 
# 
loop_
_chem_comp.id 
_chem_comp.type 
_chem_comp.mon_nstd_flag 
_chem_comp.name 
_chem_comp.pdbx_synonyms 
_chem_comp.formula 
_chem_comp.formula_weight 
ALA 'L-peptide linking' y ALANINE         ? 'C3 H7 N O2'     89.093  
ARG 'L-peptide linking' y ARGININE        ? 'C6 H15 N4 O2 1' 175.209 
ASN 'L-peptide linking' y ASPARAGINE      ? 'C4 H8 N2 O3'    132.118 
ASP 'L-peptide linking' y 'ASPARTIC ACID' ? 'C4 H7 N O4'     133.103 
CYS 'L-peptide linking' y CYSTEINE        ? 'C3 H7 N O2 S'   121.158 
GLN 'L-peptide linking' y GLUTAMINE       ? 'C5 H10 N2 O3'   146.144 
GLU 'L-peptide linking' y 'GLUTAMIC ACID' ? 'C5 H9 N O4'     147.129 
GLY 'peptide linking'   y GLYCINE         ? 'C2 H5 N O2'     75.067  
HIS 'L-peptide linking' y HISTIDINE       ? 'C6 H10 N3 O2 1' 156.162 
HOH non-polymer         . WATER           ? 'H2 O'           18.015  
ILE 'L-peptide linking' y ISOLEUCINE      ? 'C6 H13 N O2'    131.173 
LEU 'L-peptide linking' y LEUCINE         ? 'C6 H13 N O2'    131.173 
LYS 'L-peptide linking' y LYSINE          ? 'C6 H15 N2 O2 1' 147.195 
MET 'L-peptide linking' y METHIONINE      ? 'C5 H11 N O2 S'  149.211 
PHE 'L-peptide linking' y PHENYLALANINE   ? 'C9 H11 N O2'    165.189 
PRO 'L-peptide linking' y PROLINE         ? 'C5 H9 N O2'     115.130 
SER 'L-peptide linking' y SERINE          ? 'C3 H7 N O3'     105.093 
SO4 non-polymer         . 'SULFATE ION'   ? 'O4 S -2'        96.063  
THR 'L-peptide linking' y THREONINE       ? 'C4 H9 N O3'     119.119 
TRP 'L-peptide linking' y TRYPTOPHAN      ? 'C11 H12 N2 O2'  204.225 
TYR 'L-peptide linking' y TYROSINE        ? 'C9 H11 N O3'    181.189 
VAL 'L-peptide linking' y VALINE          ? 'C5 H11 N O2'    117.146 
# 
loop_
_pdbx_poly_seq_scheme.asym_id 
_pdbx_poly_seq_scheme.entity_id 
_pdbx_poly_seq_scheme.seq_id 
_pdbx_poly_seq_scheme.mon_id 
_pdbx_poly_seq_scheme.ndb_seq_num 
_pdbx_poly_seq_scheme.pdb_seq_num 
_pdbx_poly_seq_scheme.auth_seq_num 
_pdbx_poly_seq_scheme.pdb_mon_id 
_pdbx_poly_seq_scheme.auth_mon_id 
_pdbx_poly_seq_scheme.pdb_strand_id 
_pdbx_poly_seq_scheme.pdb_ins_code 
_pdbx_poly_seq_scheme.hetero 
A 1 1   MET 1   -7  ?   ?   ?   A . n 
A 1 2   ALA 2   -6  ?   ?   ?   A . n 
A 1 3   HIS 3   -5  ?   ?   ?   A . n 
A 1 4   HIS 4   -4  ?   ?   ?   A . n 
A 1 5   HIS 5   -3  ?   ?   ?   A . n 
A 1 6   HIS 6   -2  ?   ?   ?   A . n 
A 1 7   HIS 7   -1  ?   ?   ?   A . n 
A 1 8   HIS 8   0   ?   ?   ?   A . n 
A 1 9   MET 9   1   ?   ?   ?   A . n 
A 1 10  SER 10  2   2   SER SER A . n 
A 1 11  ARG 11  3   3   ARG ARG A . n 
A 1 12  LEU 12  4   4   LEU LEU A . n 
A 1 13  LEU 13  5   5   LEU LEU A . n 
A 1 14  LYS 14  6   6   LYS LYS A . n 
A 1 15  HIS 15  7   7   HIS HIS A . n 
A 1 16  TYR 16  8   8   TYR TYR A . n 
A 1 17  GLY 17  9   9   GLY GLY A . n 
A 1 18  SER 18  10  10  SER SER A . n 
A 1 19  CYS 19  11  11  CYS CYS A . n 
A 1 20  LYS 20  12  12  LYS LYS A . n 
A 1 21  THR 21  13  13  THR THR A . n 
A 1 22  ALA 22  14  14  ALA ALA A . n 
A 1 23  PHE 23  15  15  PHE PHE A . n 
A 1 24  PHE 24  16  16  PHE PHE A . n 
A 1 25  CYS 25  17  17  CYS CYS A . n 
A 1 26  CYS 26  18  18  CYS CYS A . n 
A 1 27  ASP 27  19  19  ASP ASP A . n 
A 1 28  ILE 28  20  20  ILE ILE A . n 
A 1 29  GLN 29  21  21  GLN GLN A . n 
A 1 30  GLU 30  22  22  GLU GLU A . n 
A 1 31  LYS 31  23  23  LYS LYS A . n 
A 1 32  PHE 32  24  24  PHE PHE A . n 
A 1 33  MET 33  25  25  MET MET A . n 
A 1 34  GLY 34  26  26  GLY GLY A . n 
A 1 35  ARG 35  27  27  ARG ARG A . n 
A 1 36  ILE 36  28  28  ILE ILE A . n 
A 1 37  ALA 37  29  29  ALA ALA A . n 
A 1 38  ASN 38  30  30  ASN ASN A . n 
A 1 39  SER 39  31  31  SER SER A . n 
A 1 40  ALA 40  32  32  ALA ALA A . n 
A 1 41  ASN 41  33  33  ASN ASN A . n 
A 1 42  CYS 42  34  34  CYS CYS A . n 
A 1 43  VAL 43  35  35  VAL VAL A . n 
A 1 44  PHE 44  36  36  PHE PHE A . n 
A 1 45  VAL 45  37  37  VAL VAL A . n 
A 1 46  ALA 46  38  38  ALA ALA A . n 
A 1 47  ASN 47  39  39  ASN ASN A . n 
A 1 48  ARG 48  40  40  ARG ARG A . n 
A 1 49  PHE 49  41  41  PHE PHE A . n 
A 1 50  ALA 50  42  42  ALA ALA A . n 
A 1 51  GLY 51  43  43  GLY GLY A . n 
A 1 52  LEU 52  44  44  LEU LEU A . n 
A 1 53  HIS 53  45  45  HIS HIS A . n 
A 1 54  THR 54  46  46  THR THR A . n 
A 1 55  ALA 55  47  47  ALA ALA A . n 
A 1 56  LEU 56  48  48  LEU LEU A . n 
A 1 57  GLY 57  49  49  GLY GLY A . n 
A 1 58  THR 58  50  50  THR THR A . n 
A 1 59  ALA 59  51  51  ALA ALA A . n 
A 1 60  HIS 60  52  52  HIS HIS A . n 
A 1 61  SER 61  53  53  SER SER A . n 
A 1 62  VAL 62  54  54  VAL VAL A . n 
A 1 63  TYR 63  55  55  TYR TYR A . n 
A 1 64  ILE 64  56  56  ILE ILE A . n 
A 1 65  VAL 65  57  57  VAL VAL A . n 
A 1 66  THR 66  58  58  THR THR A . n 
A 1 67  GLU 67  59  59  GLU GLU A . n 
A 1 68  GLN 68  60  60  GLN GLN A . n 
A 1 69  TYR 69  61  61  TYR TYR A . n 
A 1 70  PRO 70  62  62  PRO PRO A . n 
A 1 71  LYS 71  63  63  LYS LYS A . n 
A 1 72  GLY 72  64  64  GLY GLY A . n 
A 1 73  LEU 73  65  65  LEU LEU A . n 
A 1 74  GLY 74  66  66  GLY GLY A . n 
A 1 75  ALA 75  67  67  ALA ALA A . n 
A 1 76  THR 76  68  68  THR THR A . n 
A 1 77  SER 77  69  69  SER SER A . n 
A 1 78  ALA 78  70  70  ALA ALA A . n 
A 1 79  ASP 79  71  71  ASP ASP A . n 
A 1 80  ILE 80  72  72  ILE ILE A . n 
A 1 81  ARG 81  73  73  ARG ARG A . n 
A 1 82  LEU 82  74  74  LEU LEU A . n 
A 1 83  PRO 83  75  75  PRO PRO A . n 
A 1 84  PRO 84  76  76  PRO PRO A . n 
A 1 85  ASP 85  77  77  ASP ASP A . n 
A 1 86  ALA 86  78  78  ALA ALA A . n 
A 1 87  HIS 87  79  79  HIS HIS A . n 
A 1 88  VAL 88  80  80  VAL VAL A . n 
A 1 89  PHE 89  81  81  PHE PHE A . n 
A 1 90  SER 90  82  82  SER SER A . n 
A 1 91  LYS 91  83  83  LYS LYS A . n 
A 1 92  LYS 92  84  84  LYS LYS A . n 
A 1 93  ARG 93  85  85  ARG ARG A . n 
A 1 94  PHE 94  86  86  PHE PHE A . n 
A 1 95  ALA 95  87  87  ALA ALA A . n 
A 1 96  MET 96  88  88  MET MET A . n 
A 1 97  LEU 97  89  89  LEU LEU A . n 
A 1 98  VAL 98  90  90  VAL VAL A . n 
A 1 99  PRO 99  91  91  PRO PRO A . n 
A 1 100 GLN 100 92  92  GLN GLN A . n 
A 1 101 VAL 101 93  93  VAL VAL A . n 
A 1 102 MET 102 94  94  MET MET A . n 
A 1 103 PRO 103 95  95  PRO PRO A . n 
A 1 104 LEU 104 96  96  LEU LEU A . n 
A 1 105 VAL 105 97  97  VAL VAL A . n 
A 1 106 ASP 106 98  98  ASP ASP A . n 
A 1 107 LEU 107 99  99  LEU LEU A . n 
A 1 108 PRO 108 100 100 PRO PRO A . n 
A 1 109 GLU 109 101 101 GLU GLU A . n 
A 1 110 VAL 110 102 102 VAL VAL A . n 
A 1 111 GLU 111 103 103 GLU GLU A . n 
A 1 112 GLN 112 104 104 GLN GLN A . n 
A 1 113 VAL 113 105 105 VAL VAL A . n 
A 1 114 VAL 114 106 106 VAL VAL A . n 
A 1 115 LEU 115 107 107 LEU LEU A . n 
A 1 116 TRP 116 108 108 TRP TRP A . n 
A 1 117 GLY 117 109 109 GLY GLY A . n 
A 1 118 PHE 118 110 110 PHE PHE A . n 
A 1 119 GLU 119 111 111 GLU GLU A . n 
A 1 120 THR 120 112 112 THR THR A . n 
A 1 121 HIS 121 113 113 HIS HIS A . n 
A 1 122 VAL 122 114 114 VAL VAL A . n 
A 1 123 CYS 123 115 115 CYS CYS A . n 
A 1 124 ILE 124 116 116 ILE ILE A . n 
A 1 125 LEU 125 117 117 LEU LEU A . n 
A 1 126 GLN 126 118 118 GLN GLN A . n 
A 1 127 THR 127 119 119 THR THR A . n 
A 1 128 ALA 128 120 120 ALA ALA A . n 
A 1 129 ALA 129 121 121 ALA ALA A . n 
A 1 130 ALA 130 122 122 ALA ALA A . n 
A 1 131 LEU 131 123 123 LEU LEU A . n 
A 1 132 LEU 132 124 124 LEU LEU A . n 
A 1 133 ASP 133 125 125 ASP ASP A . n 
A 1 134 MET 134 126 126 MET MET A . n 
A 1 135 LYS 135 127 127 LYS LYS A . n 
A 1 136 LYS 136 128 128 LYS LYS A . n 
A 1 137 LYS 137 129 129 LYS LYS A . n 
A 1 138 VAL 138 130 130 VAL VAL A . n 
A 1 139 VAL 139 131 131 VAL VAL A . n 
A 1 140 ILE 140 132 132 ILE ILE A . n 
A 1 141 ALA 141 133 133 ALA ALA A . n 
A 1 142 VAL 142 134 134 VAL VAL A . n 
A 1 143 ASP 143 135 135 ASP ASP A . n 
A 1 144 GLY 144 136 136 GLY GLY A . n 
A 1 145 CYS 145 137 137 CYS CYS A . n 
A 1 146 GLY 146 138 138 GLY GLY A . n 
A 1 147 SER 147 139 139 SER SER A . n 
A 1 148 GLN 148 140 140 GLN GLN A . n 
A 1 149 SER 149 141 141 SER SER A . n 
A 1 150 GLN 150 142 142 GLN GLN A . n 
A 1 151 GLY 151 143 143 GLY GLY A . n 
A 1 152 ASP 152 144 144 ASP ASP A . n 
A 1 153 HIS 153 145 145 HIS HIS A . n 
A 1 154 CYS 154 146 146 CYS CYS A . n 
A 1 155 THR 155 147 147 THR THR A . n 
A 1 156 ALA 156 148 148 ALA ALA A . n 
A 1 157 ILE 157 149 149 ILE ILE A . n 
A 1 158 GLN 158 150 150 GLN GLN A . n 
A 1 159 LEU 159 151 151 LEU LEU A . n 
A 1 160 MET 160 152 152 MET MET A . n 
A 1 161 GLN 161 153 153 GLN GLN A . n 
A 1 162 SER 162 154 154 SER SER A . n 
A 1 163 TRP 163 155 155 TRP TRP A . n 
A 1 164 SER 164 156 156 SER SER A . n 
A 1 165 GLY 165 157 157 GLY GLY A . n 
A 1 166 ASP 166 158 158 ASP ASP A . n 
A 1 167 GLY 167 159 159 GLY GLY A . n 
A 1 168 CYS 168 160 160 CYS CYS A . n 
A 1 169 TYR 169 161 161 TYR TYR A . n 
A 1 170 ILE 170 162 162 ILE ILE A . n 
A 1 171 SER 171 163 163 SER SER A . n 
A 1 172 THR 172 164 164 THR THR A . n 
A 1 173 SER 173 165 165 SER SER A . n 
A 1 174 GLU 174 166 166 GLU GLU A . n 
A 1 175 SER 175 167 167 SER SER A . n 
A 1 176 ILE 176 168 168 ILE ILE A . n 
A 1 177 LEU 177 169 169 LEU LEU A . n 
A 1 178 MET 178 170 170 MET MET A . n 
A 1 179 GLN 179 171 171 GLN GLN A . n 
A 1 180 LEU 180 172 172 LEU LEU A . n 
A 1 181 LEU 181 173 173 LEU LEU A . n 
A 1 182 LYS 182 174 174 LYS LYS A . n 
A 1 183 ASP 183 175 175 ASP ASP A . n 
A 1 184 ALA 184 176 176 ALA ALA A . n 
A 1 185 SER 185 177 177 SER SER A . n 
A 1 186 ASP 186 178 178 ASP ASP A . n 
A 1 187 PRO 187 179 179 PRO PRO A . n 
A 1 188 VAL 188 180 180 VAL VAL A . n 
A 1 189 PHE 189 181 181 PHE PHE A . n 
A 1 190 LYS 190 182 182 LYS LYS A . n 
A 1 191 THR 191 183 183 THR THR A . n 
A 1 192 ILE 192 184 184 ILE ILE A . n 
A 1 193 ALA 193 185 185 ALA ALA A . n 
A 1 194 PRO 194 186 186 PRO PRO A . n 
A 1 195 LEU 195 187 187 LEU LEU A . n 
A 1 196 MET 196 188 188 MET MET A . n 
A 1 197 LYS 197 189 189 LYS LYS A . n 
A 1 198 GLN 198 190 190 GLN GLN A . n 
A 1 199 THR 199 191 191 THR THR A . n 
A 1 200 HIS 200 192 192 HIS HIS A . n 
A 1 201 PRO 201 193 193 PRO PRO A . n 
A 1 202 ILE 202 194 194 ILE ILE A . n 
A 1 203 ARG 203 195 195 ARG ARG A . n 
A 1 204 ILE 204 196 196 ILE ILE A . n 
# 
loop_
_pdbx_nonpoly_scheme.asym_id 
_pdbx_nonpoly_scheme.entity_id 
_pdbx_nonpoly_scheme.mon_id 
_pdbx_nonpoly_scheme.ndb_seq_num 
_pdbx_nonpoly_scheme.pdb_seq_num 
_pdbx_nonpoly_scheme.auth_seq_num 
_pdbx_nonpoly_scheme.pdb_mon_id 
_pdbx_nonpoly_scheme.auth_mon_id 
_pdbx_nonpoly_scheme.pdb_strand_id 
_pdbx_nonpoly_scheme.pdb_ins_code 
B 2 SO4 1   400  400  SO4 SUL A . 
C 3 HOH 1   1000 1000 HOH HOH A . 
C 3 HOH 2   1001 1001 HOH HOH A . 
C 3 HOH 3   1002 1002 HOH HOH A . 
C 3 HOH 4   1003 1003 HOH HOH A . 
C 3 HOH 5   1004 1004 HOH HOH A . 
C 3 HOH 6   1005 1005 HOH HOH A . 
C 3 HOH 7   1006 1006 HOH HOH A . 
C 3 HOH 8   1007 1007 HOH HOH A . 
C 3 HOH 9   1008 1008 HOH HOH A . 
C 3 HOH 10  1009 1009 HOH HOH A . 
C 3 HOH 11  1010 1010 HOH HOH A . 
C 3 HOH 12  1011 1011 HOH HOH A . 
C 3 HOH 13  1012 1012 HOH HOH A . 
C 3 HOH 14  1013 1013 HOH HOH A . 
C 3 HOH 15  1014 1014 HOH HOH A . 
C 3 HOH 16  1015 1015 HOH HOH A . 
C 3 HOH 17  1016 1016 HOH HOH A . 
C 3 HOH 18  1017 1017 HOH HOH A . 
C 3 HOH 19  1018 1018 HOH HOH A . 
C 3 HOH 20  1019 1019 HOH HOH A . 
C 3 HOH 21  1020 1020 HOH HOH A . 
C 3 HOH 22  1021 1021 HOH HOH A . 
C 3 HOH 23  1022 1022 HOH HOH A . 
C 3 HOH 24  1023 1023 HOH HOH A . 
C 3 HOH 25  1024 1024 HOH HOH A . 
C 3 HOH 26  1025 1025 HOH HOH A . 
C 3 HOH 27  1026 1026 HOH HOH A . 
C 3 HOH 28  1027 1027 HOH HOH A . 
C 3 HOH 29  1028 1028 HOH HOH A . 
C 3 HOH 30  1029 1029 HOH HOH A . 
C 3 HOH 31  1030 1030 HOH HOH A . 
C 3 HOH 32  1031 1031 HOH HOH A . 
C 3 HOH 33  1032 1032 HOH HOH A . 
C 3 HOH 34  1033 1033 HOH HOH A . 
C 3 HOH 35  1034 1034 HOH HOH A . 
C 3 HOH 36  1035 1035 HOH HOH A . 
C 3 HOH 37  1036 1036 HOH HOH A . 
C 3 HOH 38  1037 1037 HOH HOH A . 
C 3 HOH 39  1038 1038 HOH HOH A . 
C 3 HOH 40  1039 1039 HOH HOH A . 
C 3 HOH 41  1040 1040 HOH HOH A . 
C 3 HOH 42  1041 1041 HOH HOH A . 
C 3 HOH 43  1042 1042 HOH HOH A . 
C 3 HOH 44  1043 1043 HOH HOH A . 
C 3 HOH 45  1044 1044 HOH HOH A . 
C 3 HOH 46  1045 1045 HOH HOH A . 
C 3 HOH 47  1046 1046 HOH HOH A . 
C 3 HOH 48  1047 1047 HOH HOH A . 
C 3 HOH 49  1048 1048 HOH HOH A . 
C 3 HOH 50  1049 1049 HOH HOH A . 
C 3 HOH 51  1050 1050 HOH HOH A . 
C 3 HOH 52  1051 1051 HOH HOH A . 
C 3 HOH 53  1052 1052 HOH HOH A . 
C 3 HOH 54  1053 1053 HOH HOH A . 
C 3 HOH 55  1054 1054 HOH HOH A . 
C 3 HOH 56  1055 1055 HOH HOH A . 
C 3 HOH 57  1056 1056 HOH HOH A . 
C 3 HOH 58  1057 1057 HOH HOH A . 
C 3 HOH 59  1058 1058 HOH HOH A . 
C 3 HOH 60  1059 1059 HOH HOH A . 
C 3 HOH 61  1060 1060 HOH HOH A . 
C 3 HOH 62  1061 1061 HOH HOH A . 
C 3 HOH 63  1062 1062 HOH HOH A . 
C 3 HOH 64  1063 1063 HOH HOH A . 
C 3 HOH 65  1064 1064 HOH HOH A . 
C 3 HOH 66  1065 1065 HOH HOH A . 
C 3 HOH 67  1066 1066 HOH HOH A . 
C 3 HOH 68  1067 1067 HOH HOH A . 
C 3 HOH 69  1068 1068 HOH HOH A . 
C 3 HOH 70  1069 1069 HOH HOH A . 
C 3 HOH 71  1070 1070 HOH HOH A . 
C 3 HOH 72  1071 1071 HOH HOH A . 
C 3 HOH 73  1072 1072 HOH HOH A . 
C 3 HOH 74  1073 1073 HOH HOH A . 
C 3 HOH 75  1074 1074 HOH HOH A . 
C 3 HOH 76  1075 1075 HOH HOH A . 
C 3 HOH 77  1076 1076 HOH HOH A . 
C 3 HOH 78  1077 1077 HOH HOH A . 
C 3 HOH 79  1078 1078 HOH HOH A . 
C 3 HOH 80  1079 1079 HOH HOH A . 
C 3 HOH 81  1080 1080 HOH HOH A . 
C 3 HOH 82  1081 1081 HOH HOH A . 
C 3 HOH 83  1082 1082 HOH HOH A . 
C 3 HOH 84  1083 1083 HOH HOH A . 
C 3 HOH 85  1084 1084 HOH HOH A . 
C 3 HOH 86  1085 1085 HOH HOH A . 
C 3 HOH 87  1086 1086 HOH HOH A . 
C 3 HOH 88  1087 1087 HOH HOH A . 
C 3 HOH 89  1088 1088 HOH HOH A . 
C 3 HOH 90  1089 1089 HOH HOH A . 
C 3 HOH 91  1090 1090 HOH HOH A . 
C 3 HOH 92  1091 1091 HOH HOH A . 
C 3 HOH 93  1092 1092 HOH HOH A . 
C 3 HOH 94  1093 1093 HOH HOH A . 
C 3 HOH 95  1094 1094 HOH HOH A . 
C 3 HOH 96  1095 1095 HOH HOH A . 
C 3 HOH 97  1096 1096 HOH HOH A . 
C 3 HOH 98  1097 1097 HOH HOH A . 
C 3 HOH 99  1098 1098 HOH HOH A . 
C 3 HOH 100 1099 1099 HOH HOH A . 
C 3 HOH 101 1100 1100 HOH HOH A . 
C 3 HOH 102 1101 1101 HOH HOH A . 
C 3 HOH 103 1102 1102 HOH HOH A . 
C 3 HOH 104 1103 1103 HOH HOH A . 
C 3 HOH 105 1104 1104 HOH HOH A . 
C 3 HOH 106 1105 1105 HOH HOH A . 
C 3 HOH 107 1106 1106 HOH HOH A . 
C 3 HOH 108 1107 1107 HOH HOH A . 
C 3 HOH 109 1108 1108 HOH HOH A . 
C 3 HOH 110 1109 1109 HOH HOH A . 
C 3 HOH 111 1110 1110 HOH HOH A . 
C 3 HOH 112 1111 1111 HOH HOH A . 
C 3 HOH 113 1112 1112 HOH HOH A . 
C 3 HOH 114 1113 1113 HOH HOH A . 
C 3 HOH 115 1114 1114 HOH HOH A . 
C 3 HOH 116 1115 1115 HOH HOH A . 
C 3 HOH 117 1116 1116 HOH HOH A . 
C 3 HOH 118 1117 1117 HOH HOH A . 
C 3 HOH 119 1118 1118 HOH HOH A . 
C 3 HOH 120 1119 1119 HOH HOH A . 
C 3 HOH 121 1120 1120 HOH HOH A . 
C 3 HOH 122 1121 1121 HOH HOH A . 
C 3 HOH 123 1122 1122 HOH HOH A . 
C 3 HOH 124 1123 1123 HOH HOH A . 
C 3 HOH 125 1124 1124 HOH HOH A . 
C 3 HOH 126 1125 1125 HOH HOH A . 
C 3 HOH 127 1126 1126 HOH HOH A . 
C 3 HOH 128 1127 1127 HOH HOH A . 
C 3 HOH 129 1128 1128 HOH HOH A . 
C 3 HOH 130 1129 1129 HOH HOH A . 
C 3 HOH 131 1130 1130 HOH HOH A . 
C 3 HOH 132 1131 1131 HOH HOH A . 
C 3 HOH 133 1132 1132 HOH HOH A . 
C 3 HOH 134 1133 1133 HOH HOH A . 
C 3 HOH 135 1134 1134 HOH HOH A . 
C 3 HOH 136 1135 1135 HOH HOH A . 
C 3 HOH 137 1136 1136 HOH HOH A . 
C 3 HOH 138 1137 1137 HOH HOH A . 
C 3 HOH 139 1138 1138 HOH HOH A . 
C 3 HOH 140 1139 1139 HOH HOH A . 
C 3 HOH 141 1140 1140 HOH HOH A . 
C 3 HOH 142 1141 1141 HOH HOH A . 
C 3 HOH 143 1142 1142 HOH HOH A . 
C 3 HOH 144 1143 1143 HOH HOH A . 
C 3 HOH 145 1144 1144 HOH HOH A . 
C 3 HOH 146 1145 1145 HOH HOH A . 
C 3 HOH 147 1146 1146 HOH HOH A . 
C 3 HOH 148 1147 1147 HOH HOH A . 
C 3 HOH 149 1148 1148 HOH HOH A . 
C 3 HOH 150 1149 1149 HOH HOH A . 
C 3 HOH 151 1150 1150 HOH HOH A . 
C 3 HOH 152 1151 1151 HOH HOH A . 
C 3 HOH 153 1152 1152 HOH HOH A . 
C 3 HOH 154 1153 1153 HOH HOH A . 
C 3 HOH 155 1154 1154 HOH HOH A . 
C 3 HOH 156 1155 1155 HOH HOH A . 
C 3 HOH 157 1156 1156 HOH HOH A . 
C 3 HOH 158 1157 1157 HOH HOH A . 
C 3 HOH 159 1158 1158 HOH HOH A . 
C 3 HOH 160 1159 1159 HOH HOH A . 
C 3 HOH 161 1160 1160 HOH HOH A . 
C 3 HOH 162 1161 1161 HOH HOH A . 
C 3 HOH 163 1162 1162 HOH HOH A . 
C 3 HOH 164 1163 1163 HOH HOH A . 
C 3 HOH 165 1164 1164 HOH HOH A . 
C 3 HOH 166 1165 1165 HOH HOH A . 
# 
loop_
_software.contact_author_email 
_software.description 
_software.classification 
_software.contact_author 
_software.version 
_software.name 
_software.citation_id 
_software.pdbx_ordinal 
garib@ysbl.york.ac.uk '(un)restrained refinement or idealisation of macromolecularstructures' refinement       
'Garib N. Murshudov' 5.2.0005 REFMAC ? 1 
?                     ?                                                                       'data reduction' ? .        MOSFLM ? 
2 
?                     ?                                                                       phasing          ? .        EPMR   ? 
3 
# 
_cell.entry_id           1YZV 
_cell.length_a           121.142 
_cell.length_b           121.142 
_cell.length_c           121.142 
_cell.angle_alpha        90.0 
_cell.angle_beta         90.0 
_cell.angle_gamma        90.0 
_cell.pdbx_unique_axis   ? 
_cell.Z_PDB              24 
# 
_symmetry.entry_id                         1YZV 
_symmetry.space_group_name_H-M             'P 4 3 2' 
_symmetry.cell_setting                     ? 
_symmetry.Int_Tables_number                207 
_symmetry.pdbx_full_space_group_name_H-M   ? 
_symmetry.space_group_name_Hall            ? 
# 
_exptl.entry_id          1YZV 
_exptl.crystals_number   1 
_exptl.method            'X-RAY DIFFRACTION' 
# 
_exptl_crystal.id                    1 
_exptl_crystal.density_meas          ? 
_exptl_crystal.density_percent_sol   62.52 
_exptl_crystal.density_Matthews      3.28 
_exptl_crystal.description           ? 
_exptl_crystal.F_000                 ? 
_exptl_crystal.preparation           ? 
# 
_exptl_crystal_grow.method          'VAPOR DIFFUSION, SITTING DROP' 
_exptl_crystal_grow.pH              7.5 
_exptl_crystal_grow.temp            290 
_exptl_crystal_grow.pdbx_details    
;0.4 ul protein 19 mg/ml
0.4 ul crystallization buffer 20% PEG 4000, 100 mM CaCl2, 100 mM HEPES pH 7.5, VAPOR DIFFUSION, SITTING DROP, temperature 290K
;
_exptl_crystal_grow.crystal_id      1 
_exptl_crystal_grow.temp_details    ? 
_exptl_crystal_grow.pdbx_pH_range   . 
# 
_diffrn.id                     1 
_diffrn.ambient_temp           100 
_diffrn.ambient_temp_details   ? 
_diffrn.crystal_id             1 
# 
_diffrn_detector.diffrn_id              1 
_diffrn_detector.detector               CCD 
_diffrn_detector.type                   'ADSC QUANTUM 210' 
_diffrn_detector.pdbx_collection_date   2004-11-07 
_diffrn_detector.details                ? 
# 
_diffrn_radiation.diffrn_id                        1 
_diffrn_radiation.pdbx_diffrn_protocol             'SINGLE WAVELENGTH' 
_diffrn_radiation.monochromator                    ? 
_diffrn_radiation.wavelength_id                    1 
_diffrn_radiation.pdbx_monochromatic_or_laue_m_l   M 
_diffrn_radiation.pdbx_scattering_type             x-ray 
# 
_diffrn_radiation_wavelength.id           1 
_diffrn_radiation_wavelength.wavelength   1.00000 
_diffrn_radiation_wavelength.wt           1.0 
# 
_diffrn_source.diffrn_id                   1 
_diffrn_source.source                      SYNCHROTRON 
_diffrn_source.type                        'ALS BEAMLINE 5.0.1' 
_diffrn_source.pdbx_wavelength_list        1.00000 
_diffrn_source.pdbx_synchrotron_site       ALS 
_diffrn_source.pdbx_synchrotron_beamline   5.0.1 
_diffrn_source.pdbx_wavelength             ? 
# 
_reflns.entry_id                     1YZV 
_reflns.observed_criterion_sigma_F   ? 
_reflns.observed_criterion_sigma_I   ? 
_reflns.d_resolution_high            2.0 
_reflns.d_resolution_low             18.47 
_reflns.number_all                   ? 
_reflns.number_obs                   21028 
_reflns.percent_possible_obs         99 
_reflns.pdbx_Rmerge_I_obs            0.183 
_reflns.pdbx_Rsym_value              ? 
_reflns.pdbx_netI_over_sigmaI        12 
_reflns.B_iso_Wilson_estimate        18.02 
_reflns.pdbx_redundancy              9.9 
_reflns.R_free_details               ? 
_reflns.limit_h_max                  ? 
_reflns.limit_h_min                  ? 
_reflns.limit_k_max                  ? 
_reflns.limit_k_min                  ? 
_reflns.limit_l_max                  ? 
_reflns.limit_l_min                  ? 
_reflns.observed_criterion_F_max     ? 
_reflns.observed_criterion_F_min     ? 
_reflns.pdbx_chi_squared             ? 
_reflns.pdbx_scaling_rejects         ? 
_reflns.pdbx_ordinal                 1 
_reflns.pdbx_diffrn_id               1 
# 
_refine.entry_id                                 1YZV 
_refine.ls_d_res_high                            2.001 
_refine.ls_d_res_low                             18.47 
_refine.pdbx_ls_sigma_F                          ? 
_refine.pdbx_ls_sigma_I                          ? 
_refine.ls_number_reflns_all                     ? 
_refine.ls_number_reflns_obs                     20998 
_refine.ls_number_reflns_R_free                  1056 
_refine.ls_R_factor_all                          ? 
_refine.ls_R_factor_obs                          ? 
_refine.ls_R_factor_R_work                       0.1568 
_refine.ls_R_factor_R_free                       0.1868 
_refine.pdbx_method_to_determine_struct          'MOLECULAR REPLACEMENT' 
_refine.pdbx_starting_model                      ? 
_refine.pdbx_ls_cross_valid_method               ? 
_refine.pdbx_R_Free_selection_details            ? 
_refine.pdbx_stereochemistry_target_values       ? 
_refine.pdbx_isotropic_thermal_model             ? 
_refine.B_iso_mean                               25.918 
_refine.aniso_B[1][1]                            ? 
_refine.aniso_B[1][2]                            ? 
_refine.aniso_B[1][3]                            ? 
_refine.aniso_B[2][2]                            ? 
_refine.aniso_B[2][3]                            ? 
_refine.aniso_B[3][3]                            ? 
_refine.details                                  'HYDROGENS HAVE BEEN ADDED IN THE RIDING POSITIONS' 
_refine.ls_percent_reflns_R_free                 5.029 
_refine.ls_wR_factor_R_work                      0.147 
_refine.ls_wR_factor_R_free                      0.175 
_refine.correlation_coeff_Fo_to_Fc_free          0.952 
_refine.pdbx_overall_ESU_R_Free                  0.110 
_refine.correlation_coeff_Fo_to_Fc               0.959 
_refine.ls_percent_reflns_obs                    99.413 
_refine.pdbx_overall_ESU_R                       0.113 
_refine.solvent_model_details                    'BABINET MODEL PLUS MASK' 
_refine.ls_redundancy_reflns_obs                 ? 
_refine.pdbx_data_cutoff_high_absF               ? 
_refine.pdbx_data_cutoff_low_absF                ? 
_refine.ls_number_parameters                     ? 
_refine.ls_number_restraints                     ? 
_refine.ls_R_factor_R_free_error                 ? 
_refine.ls_R_factor_R_free_error_details         ? 
_refine.pdbx_stereochem_target_val_spec_case     ? 
_refine.solvent_model_param_bsol                 ? 
_refine.solvent_model_param_ksol                 ? 
_refine.occupancy_max                            ? 
_refine.occupancy_min                            ? 
_refine.B_iso_min                                ? 
_refine.B_iso_max                                ? 
_refine.pdbx_solvent_vdw_probe_radii             ? 
_refine.pdbx_solvent_ion_probe_radii             ? 
_refine.pdbx_solvent_shrinkage_radii             ? 
_refine.overall_SU_R_Cruickshank_DPI             ? 
_refine.overall_SU_R_free                        ? 
_refine.overall_SU_B                             ? 
_refine.overall_SU_ML                            ? 
_refine.pdbx_data_cutoff_high_rms_absF           ? 
_refine.overall_FOM_free_R_set                   ? 
_refine.overall_FOM_work_R_set                   ? 
_refine.pdbx_refine_id                           'X-RAY DIFFRACTION' 
_refine.pdbx_TLS_residual_ADP_flag               'LIKELY RESIDUAL' 
_refine.pdbx_diffrn_id                           1 
_refine.pdbx_overall_phase_error                 ? 
_refine.pdbx_overall_SU_R_free_Cruickshank_DPI   ? 
_refine.pdbx_overall_SU_R_Blow_DPI               ? 
_refine.pdbx_overall_SU_R_free_Blow_DPI          ? 
# 
_refine_hist.pdbx_refine_id                   'X-RAY DIFFRACTION' 
_refine_hist.cycle_id                         LAST 
_refine_hist.pdbx_number_atoms_protein        1495 
_refine_hist.pdbx_number_atoms_nucleic_acid   0 
_refine_hist.pdbx_number_atoms_ligand         5 
_refine_hist.number_atoms_solvent             166 
_refine_hist.number_atoms_total               1666 
_refine_hist.d_res_high                       2.001 
_refine_hist.d_res_low                        18.47 
# 
loop_
_refine_ls_restr.type 
_refine_ls_restr.dev_ideal 
_refine_ls_restr.number 
_refine_ls_restr.dev_ideal_target 
_refine_ls_restr.weight 
_refine_ls_restr.pdbx_refine_id 
_refine_ls_restr.pdbx_restraint_function 
r_bond_refined_d         0.019  1531 0.022  ? 'X-RAY DIFFRACTION' ? 
r_bond_other_d           0.001  1409 0.020  ? 'X-RAY DIFFRACTION' ? 
r_angle_refined_deg      1.617  2075 1.961  ? 'X-RAY DIFFRACTION' ? 
r_angle_other_deg        0.913  3286 3.000  ? 'X-RAY DIFFRACTION' ? 
r_dihedral_angle_1_deg   6.201  194  5.000  ? 'X-RAY DIFFRACTION' ? 
r_dihedral_angle_2_deg   35.132 58   24.138 ? 'X-RAY DIFFRACTION' ? 
r_dihedral_angle_3_deg   13.038 265  15.000 ? 'X-RAY DIFFRACTION' ? 
r_dihedral_angle_4_deg   11.867 6    15.000 ? 'X-RAY DIFFRACTION' ? 
r_chiral_restr           0.104  240  0.200  ? 'X-RAY DIFFRACTION' ? 
r_gen_planes_refined     0.016  1678 0.020  ? 'X-RAY DIFFRACTION' ? 
r_gen_planes_other       0.003  294  0.020  ? 'X-RAY DIFFRACTION' ? 
r_nbd_refined            0.217  311  0.200  ? 'X-RAY DIFFRACTION' ? 
r_nbd_other              0.175  1390 0.200  ? 'X-RAY DIFFRACTION' ? 
r_nbtor_refined          0.176  758  0.200  ? 'X-RAY DIFFRACTION' ? 
r_nbtor_other            0.085  869  0.200  ? 'X-RAY DIFFRACTION' ? 
r_xyhbond_nbd_refined    0.175  102  0.200  ? 'X-RAY DIFFRACTION' ? 
r_symmetry_vdw_refined   0.218  12   0.200  ? 'X-RAY DIFFRACTION' ? 
r_symmetry_vdw_other     0.240  50   0.200  ? 'X-RAY DIFFRACTION' ? 
r_symmetry_hbond_refined 0.158  17   0.200  ? 'X-RAY DIFFRACTION' ? 
r_mcbond_it              2.635  1249 1.500  ? 'X-RAY DIFFRACTION' ? 
r_mcbond_other           0.703  395  1.500  ? 'X-RAY DIFFRACTION' ? 
r_mcangle_it             2.976  1571 2.000  ? 'X-RAY DIFFRACTION' ? 
r_mcangle_other          1.330  1333 2.000  ? 'X-RAY DIFFRACTION' ? 
r_scbond_it              5.332  643  3.000  ? 'X-RAY DIFFRACTION' ? 
r_scbond_other           1.799  1210 3.000  ? 'X-RAY DIFFRACTION' ? 
r_scangle_it             6.799  504  4.500  ? 'X-RAY DIFFRACTION' ? 
r_scangle_other          3.340  1953 4.500  ? 'X-RAY DIFFRACTION' ? 
# 
loop_
_refine_ls_shell.d_res_high 
_refine_ls_shell.d_res_low 
_refine_ls_shell.number_reflns_obs 
_refine_ls_shell.number_reflns_R_free 
_refine_ls_shell.R_factor_R_work 
_refine_ls_shell.R_factor_R_free 
_refine_ls_shell.R_factor_R_free_error 
_refine_ls_shell.percent_reflns_obs 
_refine_ls_shell.pdbx_total_number_of_bins_used 
_refine_ls_shell.number_reflns_all 
_refine_ls_shell.number_reflns_R_work 
_refine_ls_shell.percent_reflns_R_free 
_refine_ls_shell.redundancy_reflns_obs 
_refine_ls_shell.pdbx_refine_id 
_refine_ls_shell.R_factor_all 
2.001 2.107  . 152 0.182 0.228 . 97.888 10 2983 2768 . . 'X-RAY DIFFRACTION' . 
2.107 2.233  . 138 0.161 0.211 . 99.503 10 2817 2665 . . 'X-RAY DIFFRACTION' . 
2.233 2.385  . 150 0.155 0.206 . 99.552 10 2679 2517 . . 'X-RAY DIFFRACTION' . 
2.385 2.573  . 141 0.152 0.196 . 99.759 10 2492 2345 . . 'X-RAY DIFFRACTION' . 
2.573 2.813  . 104 0.155 0.209 . 99.568 10 2313 2199 . . 'X-RAY DIFFRACTION' . 
2.813 3.136  . 92  0.155 0.183 . 99.670 10 2120 2021 . . 'X-RAY DIFFRACTION' . 
3.136 3.603  . 87  0.151 0.152 . 99.735 10 1884 1792 . . 'X-RAY DIFFRACTION' . 
3.603 4.372  . 86  0.139 0.173 . 99.939 10 1648 1561 . . 'X-RAY DIFFRACTION' . 
4.372 6.017  . 58  0.161 0.177 . 99.924 10 1314 1255 . . 'X-RAY DIFFRACTION' . 
6.017 18.474 . 48  0.188 0.166 . 99.427 10 872  819  . . 'X-RAY DIFFRACTION' . 
# 
_struct.entry_id                  1YZV 
_struct.title                     'HYPOTHETICAL PROTEIN FROM TRYPANOSOMA CRUZI' 
_struct.pdbx_model_details        ? 
_struct.pdbx_CASP_flag            ? 
_struct.pdbx_model_type_details   ? 
# 
_struct_keywords.entry_id        1YZV 
_struct_keywords.text            
;STRUCTURAL GENOMICS, PSI, Protein Structure Initiative, Structural Genomics of Pathogenic Protozoa Consortium, SGPP, UNKNOWN FUNCTION
;
_struct_keywords.pdbx_keywords   'STRUCTURAL GENOMICS, UNKNOWN FUNCTION' 
# 
loop_
_struct_asym.id 
_struct_asym.pdbx_blank_PDB_chainid_flag 
_struct_asym.pdbx_modified 
_struct_asym.entity_id 
_struct_asym.details 
A N N 1 ? 
B N N 2 ? 
C N N 3 ? 
# 
_struct_ref.id                         1 
_struct_ref.entity_id                  1 
_struct_ref.db_name                    UNP 
_struct_ref.db_code                    Q4D3U8_TRYCR 
_struct_ref.pdbx_db_accession          Q4D3U8 
_struct_ref.pdbx_db_isoform            ? 
_struct_ref.pdbx_seq_one_letter_code   ? 
_struct_ref.pdbx_align_begin           ? 
# 
_struct_ref_seq.align_id                      1 
_struct_ref_seq.ref_id                        1 
_struct_ref_seq.pdbx_PDB_id_code              1YZV 
_struct_ref_seq.pdbx_strand_id                A 
_struct_ref_seq.seq_align_beg                 9 
_struct_ref_seq.pdbx_seq_align_beg_ins_code   ? 
_struct_ref_seq.seq_align_end                 204 
_struct_ref_seq.pdbx_seq_align_end_ins_code   ? 
_struct_ref_seq.pdbx_db_accession             Q4D3U8 
_struct_ref_seq.db_align_beg                  1 
_struct_ref_seq.pdbx_db_align_beg_ins_code    ? 
_struct_ref_seq.db_align_end                  196 
_struct_ref_seq.pdbx_db_align_end_ins_code    ? 
_struct_ref_seq.pdbx_auth_seq_align_beg       1 
_struct_ref_seq.pdbx_auth_seq_align_end       196 
# 
loop_
_pdbx_struct_assembly.id 
_pdbx_struct_assembly.details 
_pdbx_struct_assembly.method_details 
_pdbx_struct_assembly.oligomeric_details 
_pdbx_struct_assembly.oligomeric_count 
1 author_and_software_defined_assembly PISA     tetrameric 4  
2 software_defined_assembly            PISA,PQS 24-meric   24 
# 
loop_
_pdbx_struct_assembly_prop.biol_id 
_pdbx_struct_assembly_prop.type 
_pdbx_struct_assembly_prop.value 
_pdbx_struct_assembly_prop.details 
1 'ABSA (A^2)' 8070   ? 
1 MORE         -103   ? 
1 'SSA (A^2)'  28550  ? 
2 'ABSA (A^2)' 67750  ? 
2 MORE         -724   ? 
2 'SSA (A^2)'  152000 ? 
# 
loop_
_pdbx_struct_assembly_gen.assembly_id 
_pdbx_struct_assembly_gen.oper_expression 
_pdbx_struct_assembly_gen.asym_id_list 
1 1,2,3,4                                                        A,B,C 
2 1,2,5,6,7,8,9,10,11,12,13,14,15,16,3,4,17,18,19,20,21,22,23,24 A,B,C 
# 
loop_
_pdbx_struct_oper_list.id 
_pdbx_struct_oper_list.type 
_pdbx_struct_oper_list.name 
_pdbx_struct_oper_list.symmetry_operation 
_pdbx_struct_oper_list.matrix[1][1] 
_pdbx_struct_oper_list.matrix[1][2] 
_pdbx_struct_oper_list.matrix[1][3] 
_pdbx_struct_oper_list.vector[1] 
_pdbx_struct_oper_list.matrix[2][1] 
_pdbx_struct_oper_list.matrix[2][2] 
_pdbx_struct_oper_list.matrix[2][3] 
_pdbx_struct_oper_list.vector[2] 
_pdbx_struct_oper_list.matrix[3][1] 
_pdbx_struct_oper_list.matrix[3][2] 
_pdbx_struct_oper_list.matrix[3][3] 
_pdbx_struct_oper_list.vector[3] 
1  'identity operation'         1_555  x,y,z          1.0000000000  0.0000000000  0.0000000000  0.0000000000   0.0000000000  1.0000000000  0.0000000000  0.0000000000  0.0000000000  0.0000000000  1.0000000000  0.0000000000   
2  'crystal symmetry operation' 2_665  -x+1,-y+1,z    -0.9571628501 0.2847144816  0.0526967007  32.2280254104  0.2847144816  0.8923372893  0.3502453797  0.9216228138  0.0526967007  0.3502453797  -0.9351744392 -31.1775897711 
3  'crystal symmetry operation' 15_565 y,-x+1,z       0.0214185749  -0.0376782568 0.9990603553  31.3603830448  0.3223927384  0.9461686447  0.0287718274  -4.7217164644 -0.9463636547 0.3214735523  0.0324127804  0.0180585747   
4  'crystal symmetry operation' 16_655 -y+1,x,z       0.0214185749  0.3223927384  -0.9463636547 0.8676423656   -0.0376782568 0.9461686447  0.3214735523  5.6433392782  0.9990603553  0.0287718274  0.0324127804  -31.1956483459 
5  'crystal symmetry operation' 3_656  -x+1,y,-z+1    -0.8695953021 0.0708238361  -0.4886593853 34.8452684740  0.0708238361  -0.9615350073 -0.2653948266 77.8341462514 -0.4886593853 -0.2653948266 0.8311303094  20.5797736139  
6  'crystal symmetry operation' 4_566  x,-y+1,-z+1    0.8267581522  -0.3555383177 0.4359626847  22.1204236989  -0.3555383177 -0.9308022821 -0.0848505530 87.5048570728 0.4359626847  -0.0848505530 -0.8959558701 -21.3259872318 
7  'crystal symmetry operation' 5_555  z,x,y          -0.1415393661 0.9568297780  0.2538570143  -12.2902241890 -0.4081408690 -0.2900330675 0.8656222333  69.6298152315 0.9018800579  0.0189101998  0.4315724336  -25.4331066767 
8  'crystal symmetry operation' 6_566  z,-x+1,-y+1    0.4212769444  0.9024288296  0.0902659602  -23.8845721778 0.3536960987  -0.0718307494 -0.9325982057 29.2209249557 -0.8351196357 0.4248088405  -0.3494461950 -9.8052534719  
9  'crystal symmetry operation' 7_665  -z+1,-x+1,y    0.0667987106  -0.9974220268 0.0262151255  62.4761473650  -0.0886183006 0.0202391831  0.9958600164  50.6478704818 -0.9938232886 -0.0688453049 -0.0870378937 16.3466683094  
10 'crystal symmetry operation' 8_656  -z+1,x,-y+1    -0.3465362889 -0.8618365809 -0.3703381000 62.8923665851  0.1430630710  0.3416246338  -0.9288840441 16.7620154690 0.9270628664  -0.3748737353 0.0049116551  -13.0321115498 
11 'crystal symmetry operation' 9_555  y,z,x          -0.1415393661 -0.4081408690 0.9018800579  49.6168344777  0.9568297780  -0.2900330675 0.0189101998  32.4355465103 0.2538570143  0.8656222333  0.4315724336  -46.1769288067 
12 'crystal symmetry operation' 10_656 -y+1,z,-x+1    0.0667987106  -0.0886183006 -0.9938232886 16.5607017847  -0.9974220268 0.0202391831  -0.0688453049 62.4154053672 0.0262151255  0.9958600164  -0.0870378937 -50.6532295907 
13 'crystal symmetry operation' 11_566 y,-z+1,-x+1    -0.3465362889 0.1430630710  0.9270628664  31.4780485977  -0.8618365809 0.3416246338  -0.3748737353 43.5912284477 -0.3703381000 -0.9288840441 0.0049116551  38.9254175007  
14 'crystal symmetry operation' 12_665 -y+1,-z+1,x    0.4212769444  0.3536960987  -0.8351196357 -8.4618672768  0.9024288296  -0.0718307494 0.4248088405  27.8184458128 0.0902659602  -0.9325982057 -0.3494461950 25.9809375076  
15 'crystal symmetry operation' 13_556 y,x,-z+1       -0.5094942300 -0.2273995413 0.8298825690  49.7345000305  -0.2273995413 -0.8945770783 -0.3847353630 80.7484914224 0.8298825690  -0.3847353630 0.4040713083  -7.2695698807  
16 'crystal symmetry operation' 14_666 -y+1,-x+1,-z+1 0.4666570801  -0.0573149404 -0.8825792696 7.2311921423   -0.0573149404 -0.9977602110 0.0344899833  84.5905119019 -0.8825792696 0.0344899833  -0.4688968691 6.5233562628   
17 'crystal symmetry operation' 17_556 x,z,-y+1       0.9133790761  -0.4058526193 0.0319736571  19.0560183927  0.0503143016  0.0345988590  -0.9981339539 31.0390616185 0.4039890276  0.9132834009  0.0520220649  -54.5348536309 
18 'crystal symmetry operation' 18_655 -x+1,z,y       -0.9881197316 -0.0909065503 -0.1239168878 47.1215178697  -0.0909065503 -0.3043927433 0.9481988488  63.8118902590 -0.1239168878 0.9481988488  0.2925124750  -42.2953047665 
19 'crystal symmetry operation' 19_666 -x+1,-z+1,-y+1 -0.8386384206 0.4464448680  -0.3120457969 19.9517760146  0.4464448680  0.2351950254  -0.8633482958 14.9438788062 -0.3120457969 -0.8633482958 -0.3965566048 31.6974886093  
20 'crystal symmetry operation' 20_565 x,-z+1,y       0.9133790761  0.0503143016  0.4039890276  3.0644053062   -0.4058526193 0.0345988590  0.9132834009  56.4657954543 0.0319736571  -0.9981339539 0.0520220649  33.2088663991  
21 'crystal symmetry operation' 21_556 z,y,-x+1       0.0652023490  0.9922636070  -0.1056484165 -21.2422475468 -0.9214397709 0.0192324964  -0.3880449196 58.2154470577 -0.3830109688 0.1226500930  0.9155651547  2.7687023822   
22 'crystal symmetry operation' 22_565 z,-y+1,x       0.2145352294  0.8669950006  0.4497713911  -14.9325488199 0.8669950006  -0.3810963133 0.3210689473  40.6352931295 0.4497713911  0.3210689473  -0.8334389161 -38.0070625308 
23 'crystal symmetry operation' 23_655 -z+1,y,x       0.0652023490  -0.9214397709 -0.3830109688 56.0875160208  0.9922636070  0.0192324964  0.1226500930  19.6186991937 -0.1056484165 -0.3880449196 0.9155651547  17.8110712317  
24 'crystal symmetry operation' 24_666 -z+1,-y+1,-x+1 -0.3449399273 -0.9378188367 0.0388879942  69.2809979293  -0.9378188367 0.3426313206  -0.0556741206 47.7911867572 0.0388879942  -0.0556741206 -0.9976913933 -14.4965144722 
# 
_struct_biol.id                    1 
_struct_biol.details               'The biological assembly is a tetramer generated by the crystallographic 4-fold' 
_struct_biol.pdbx_parent_biol_id   ? 
# 
loop_
_struct_conf.conf_type_id 
_struct_conf.id 
_struct_conf.pdbx_PDB_helix_id 
_struct_conf.beg_label_comp_id 
_struct_conf.beg_label_asym_id 
_struct_conf.beg_label_seq_id 
_struct_conf.pdbx_beg_PDB_ins_code 
_struct_conf.end_label_comp_id 
_struct_conf.end_label_asym_id 
_struct_conf.end_label_seq_id 
_struct_conf.pdbx_end_PDB_ins_code 
_struct_conf.beg_auth_comp_id 
_struct_conf.beg_auth_asym_id 
_struct_conf.beg_auth_seq_id 
_struct_conf.end_auth_comp_id 
_struct_conf.end_auth_asym_id 
_struct_conf.end_auth_seq_id 
_struct_conf.pdbx_PDB_helix_class 
_struct_conf.details 
_struct_conf.pdbx_PDB_helix_length 
HELX_P HELX_P1 1 GLN A 29  ? GLY A 34  ? GLN A 21  GLY A 26  1 ? 6  
HELX_P HELX_P2 2 ASN A 38  ? GLY A 57  ? ASN A 30  GLY A 49  1 ? 20 
HELX_P HELX_P3 3 TYR A 69  ? GLY A 74  ? TYR A 61  GLY A 66  1 ? 6  
HELX_P HELX_P4 4 VAL A 101 ? ASP A 106 ? VAL A 93  ASP A 98  1 ? 6  
HELX_P HELX_P5 5 VAL A 122 ? MET A 134 ? VAL A 114 MET A 126 1 ? 13 
HELX_P HELX_P6 6 SER A 149 ? SER A 162 ? SER A 141 SER A 154 1 ? 14 
HELX_P HELX_P7 7 TRP A 163 ? ASP A 166 ? TRP A 155 ASP A 158 5 ? 4  
HELX_P HELX_P8 8 THR A 172 ? LYS A 182 ? THR A 164 LYS A 174 1 ? 11 
HELX_P HELX_P9 9 VAL A 188 ? GLN A 198 ? VAL A 180 GLN A 190 1 ? 11 
# 
_struct_conf_type.id          HELX_P 
_struct_conf_type.criteria    ? 
_struct_conf_type.reference   ? 
# 
_struct_mon_prot_cis.pdbx_id                1 
_struct_mon_prot_cis.label_comp_id          PHE 
_struct_mon_prot_cis.label_seq_id           118 
_struct_mon_prot_cis.label_asym_id          A 
_struct_mon_prot_cis.label_alt_id           . 
_struct_mon_prot_cis.pdbx_PDB_ins_code      ? 
_struct_mon_prot_cis.auth_comp_id           PHE 
_struct_mon_prot_cis.auth_seq_id            110 
_struct_mon_prot_cis.auth_asym_id           A 
_struct_mon_prot_cis.pdbx_label_comp_id_2   GLU 
_struct_mon_prot_cis.pdbx_label_seq_id_2    119 
_struct_mon_prot_cis.pdbx_label_asym_id_2   A 
_struct_mon_prot_cis.pdbx_PDB_ins_code_2    ? 
_struct_mon_prot_cis.pdbx_auth_comp_id_2    GLU 
_struct_mon_prot_cis.pdbx_auth_seq_id_2     111 
_struct_mon_prot_cis.pdbx_auth_asym_id_2    A 
_struct_mon_prot_cis.pdbx_PDB_model_num     1 
_struct_mon_prot_cis.pdbx_omega_angle       -17.53 
# 
_struct_sheet.id               A 
_struct_sheet.type             ? 
_struct_sheet.number_strands   6 
_struct_sheet.details          ? 
# 
loop_
_struct_sheet_order.sheet_id 
_struct_sheet_order.range_id_1 
_struct_sheet_order.range_id_2 
_struct_sheet_order.offset 
_struct_sheet_order.sense 
A 1 2 ? parallel 
A 2 3 ? parallel 
A 3 4 ? parallel 
A 4 5 ? parallel 
A 5 6 ? parallel 
# 
loop_
_struct_sheet_range.sheet_id 
_struct_sheet_range.id 
_struct_sheet_range.beg_label_comp_id 
_struct_sheet_range.beg_label_asym_id 
_struct_sheet_range.beg_label_seq_id 
_struct_sheet_range.pdbx_beg_PDB_ins_code 
_struct_sheet_range.end_label_comp_id 
_struct_sheet_range.end_label_asym_id 
_struct_sheet_range.end_label_seq_id 
_struct_sheet_range.pdbx_end_PDB_ins_code 
_struct_sheet_range.beg_auth_comp_id 
_struct_sheet_range.beg_auth_asym_id 
_struct_sheet_range.beg_auth_seq_id 
_struct_sheet_range.end_auth_comp_id 
_struct_sheet_range.end_auth_asym_id 
_struct_sheet_range.end_auth_seq_id 
A 1 HIS A 87  ? LYS A 91  ? HIS A 79  LYS A 83  
A 2 SER A 61  ? GLN A 68  ? SER A 53  GLN A 60  
A 3 LYS A 20  ? CYS A 26  ? LYS A 12  CYS A 18  
A 4 VAL A 110 ? PHE A 118 ? VAL A 102 PHE A 110 
A 5 LYS A 137 ? GLY A 146 ? LYS A 129 GLY A 138 
A 6 CYS A 168 ? SER A 171 ? CYS A 160 SER A 163 
# 
loop_
_pdbx_struct_sheet_hbond.sheet_id 
_pdbx_struct_sheet_hbond.range_id_1 
_pdbx_struct_sheet_hbond.range_id_2 
_pdbx_struct_sheet_hbond.range_1_label_atom_id 
_pdbx_struct_sheet_hbond.range_1_label_comp_id 
_pdbx_struct_sheet_hbond.range_1_label_asym_id 
_pdbx_struct_sheet_hbond.range_1_label_seq_id 
_pdbx_struct_sheet_hbond.range_1_PDB_ins_code 
_pdbx_struct_sheet_hbond.range_1_auth_atom_id 
_pdbx_struct_sheet_hbond.range_1_auth_comp_id 
_pdbx_struct_sheet_hbond.range_1_auth_asym_id 
_pdbx_struct_sheet_hbond.range_1_auth_seq_id 
_pdbx_struct_sheet_hbond.range_2_label_atom_id 
_pdbx_struct_sheet_hbond.range_2_label_comp_id 
_pdbx_struct_sheet_hbond.range_2_label_asym_id 
_pdbx_struct_sheet_hbond.range_2_label_seq_id 
_pdbx_struct_sheet_hbond.range_2_PDB_ins_code 
_pdbx_struct_sheet_hbond.range_2_auth_atom_id 
_pdbx_struct_sheet_hbond.range_2_auth_comp_id 
_pdbx_struct_sheet_hbond.range_2_auth_asym_id 
_pdbx_struct_sheet_hbond.range_2_auth_seq_id 
A 1 2 O HIS A 87  ? O HIS A 79  N VAL A 65  ? N VAL A 57  
A 2 3 O ILE A 64  ? O ILE A 56  N CYS A 25  ? N CYS A 17  
A 3 4 N PHE A 24  ? N PHE A 16  O VAL A 114 ? O VAL A 106 
A 4 5 N LEU A 115 ? N LEU A 107 O VAL A 139 ? O VAL A 131 
A 5 6 N ILE A 140 ? N ILE A 132 O SER A 171 ? O SER A 163 
# 
_struct_site.id                   AC1 
_struct_site.pdbx_evidence_code   Software 
_struct_site.pdbx_auth_asym_id    A 
_struct_site.pdbx_auth_comp_id    SO4 
_struct_site.pdbx_auth_seq_id     400 
_struct_site.pdbx_auth_ins_code   ? 
_struct_site.pdbx_num_residues    8 
_struct_site.details              'BINDING SITE FOR RESIDUE SO4 A 400' 
# 
loop_
_struct_site_gen.id 
_struct_site_gen.site_id 
_struct_site_gen.pdbx_num_res 
_struct_site_gen.label_comp_id 
_struct_site_gen.label_asym_id 
_struct_site_gen.label_seq_id 
_struct_site_gen.pdbx_auth_ins_code 
_struct_site_gen.auth_comp_id 
_struct_site_gen.auth_asym_id 
_struct_site_gen.auth_seq_id 
_struct_site_gen.label_atom_id 
_struct_site_gen.label_alt_id 
_struct_site_gen.symmetry 
_struct_site_gen.details 
1 AC1 8 SER A 149 ? SER A 141  . ? 15_565 ? 
2 AC1 8 THR A 199 ? THR A 191  . ? 1_555  ? 
3 AC1 8 HIS A 200 ? HIS A 192  . ? 1_555  ? 
4 AC1 8 ILE A 204 ? ILE A 196  . ? 1_555  ? 
5 AC1 8 HOH C .   ? HOH A 1019 . ? 15_565 ? 
6 AC1 8 HOH C .   ? HOH A 1151 . ? 15_565 ? 
7 AC1 8 HOH C .   ? HOH A 1152 . ? 15_565 ? 
8 AC1 8 HOH C .   ? HOH A 1154 . ? 1_555  ? 
# 
loop_
_pdbx_validate_close_contact.id 
_pdbx_validate_close_contact.PDB_model_num 
_pdbx_validate_close_contact.auth_atom_id_1 
_pdbx_validate_close_contact.auth_asym_id_1 
_pdbx_validate_close_contact.auth_comp_id_1 
_pdbx_validate_close_contact.auth_seq_id_1 
_pdbx_validate_close_contact.PDB_ins_code_1 
_pdbx_validate_close_contact.label_alt_id_1 
_pdbx_validate_close_contact.auth_atom_id_2 
_pdbx_validate_close_contact.auth_asym_id_2 
_pdbx_validate_close_contact.auth_comp_id_2 
_pdbx_validate_close_contact.auth_seq_id_2 
_pdbx_validate_close_contact.PDB_ins_code_2 
_pdbx_validate_close_contact.label_alt_id_2 
_pdbx_validate_close_contact.dist 
1 1 O A HOH 1119 ? ? O A HOH 1138 ? ? 2.04 
2 1 O A HOH 1056 ? ? O A HOH 1095 ? ? 2.18 
# 
_pdbx_validate_rmsd_bond.id                        1 
_pdbx_validate_rmsd_bond.PDB_model_num             1 
_pdbx_validate_rmsd_bond.auth_atom_id_1            CB 
_pdbx_validate_rmsd_bond.auth_asym_id_1            A 
_pdbx_validate_rmsd_bond.auth_comp_id_1            CYS 
_pdbx_validate_rmsd_bond.auth_seq_id_1             115 
_pdbx_validate_rmsd_bond.PDB_ins_code_1            ? 
_pdbx_validate_rmsd_bond.label_alt_id_1            ? 
_pdbx_validate_rmsd_bond.auth_atom_id_2            SG 
_pdbx_validate_rmsd_bond.auth_asym_id_2            A 
_pdbx_validate_rmsd_bond.auth_comp_id_2            CYS 
_pdbx_validate_rmsd_bond.auth_seq_id_2             115 
_pdbx_validate_rmsd_bond.PDB_ins_code_2            ? 
_pdbx_validate_rmsd_bond.label_alt_id_2            ? 
_pdbx_validate_rmsd_bond.bond_value                1.941 
_pdbx_validate_rmsd_bond.bond_target_value         1.818 
_pdbx_validate_rmsd_bond.bond_deviation            0.123 
_pdbx_validate_rmsd_bond.bond_standard_deviation   0.017 
_pdbx_validate_rmsd_bond.linker_flag               N 
# 
loop_
_pdbx_validate_torsion.id 
_pdbx_validate_torsion.PDB_model_num 
_pdbx_validate_torsion.auth_comp_id 
_pdbx_validate_torsion.auth_asym_id 
_pdbx_validate_torsion.auth_seq_id 
_pdbx_validate_torsion.PDB_ins_code 
_pdbx_validate_torsion.label_alt_id 
_pdbx_validate_torsion.phi 
_pdbx_validate_torsion.psi 
1 1 TYR A 61  ? ? 38.04   62.97  
2 1 LEU A 89  ? ? -90.14  54.36  
3 1 VAL A 114 ? ? -121.15 -87.48 
4 1 LYS A 174 ? ? 71.41   -18.24 
5 1 ARG A 195 ? ? -18.20  120.39 
# 
_pdbx_SG_project.id                    1 
_pdbx_SG_project.project_name          'PSI, Protein Structure Initiative' 
_pdbx_SG_project.full_name_of_center   'Structural Genomics of Pathogenic Protozoa Consortium' 
_pdbx_SG_project.initial_of_center     SGPP 
# 
_pdbx_refine_tls.id               1 
_pdbx_refine_tls.details          ? 
_pdbx_refine_tls.method           refined 
_pdbx_refine_tls.origin_x         -0.0370 
_pdbx_refine_tls.origin_y         0.0986 
_pdbx_refine_tls.origin_z         0.0198 
_pdbx_refine_tls.T[1][1]          -0.0165 
_pdbx_refine_tls.T[2][2]          -0.0257 
_pdbx_refine_tls.T[3][3]          -0.0074 
_pdbx_refine_tls.T[1][2]          0.0013 
_pdbx_refine_tls.T[1][3]          0.0009 
_pdbx_refine_tls.T[2][3]          -0.0081 
_pdbx_refine_tls.L[1][1]          0.4659 
_pdbx_refine_tls.L[2][2]          0.2727 
_pdbx_refine_tls.L[3][3]          0.4311 
_pdbx_refine_tls.L[1][2]          -0.0494 
_pdbx_refine_tls.L[1][3]          0.2747 
_pdbx_refine_tls.L[2][3]          -0.1269 
_pdbx_refine_tls.S[1][1]          -0.0140 
_pdbx_refine_tls.S[2][2]          0.0047 
_pdbx_refine_tls.S[3][3]          0.0093 
_pdbx_refine_tls.S[1][2]          -0.0537 
_pdbx_refine_tls.S[1][3]          -0.0008 
_pdbx_refine_tls.S[2][3]          0.0095 
_pdbx_refine_tls.S[2][1]          -0.0011 
_pdbx_refine_tls.S[3][1]          -0.0201 
_pdbx_refine_tls.S[3][2]          -0.0533 
_pdbx_refine_tls.pdbx_refine_id   'X-RAY DIFFRACTION' 
# 
_pdbx_refine_tls_group.id                  1 
_pdbx_refine_tls_group.refine_tls_id       1 
_pdbx_refine_tls_group.beg_label_asym_id   A 
_pdbx_refine_tls_group.beg_label_seq_id    10 
_pdbx_refine_tls_group.end_label_asym_id   A 
_pdbx_refine_tls_group.end_label_seq_id    204 
_pdbx_refine_tls_group.selection           ALL 
_pdbx_refine_tls_group.beg_auth_asym_id    A 
_pdbx_refine_tls_group.beg_auth_seq_id     2 
_pdbx_refine_tls_group.end_auth_asym_id    A 
_pdbx_refine_tls_group.end_auth_seq_id     196 
_pdbx_refine_tls_group.pdbx_refine_id      'X-RAY DIFFRACTION' 
_pdbx_refine_tls_group.selection_details   ? 
# 
_pdbx_database_remark.id     999 
_pdbx_database_remark.text   
;SEQUENCE
The sequence of this protein can be found at GeneDB with sequence ID Tc00.1047053505945.20. 
;
# 
loop_
_pdbx_unobs_or_zero_occ_residues.id 
_pdbx_unobs_or_zero_occ_residues.PDB_model_num 
_pdbx_unobs_or_zero_occ_residues.polymer_flag 
_pdbx_unobs_or_zero_occ_residues.occupancy_flag 
_pdbx_unobs_or_zero_occ_residues.auth_asym_id 
_pdbx_unobs_or_zero_occ_residues.auth_comp_id 
_pdbx_unobs_or_zero_occ_residues.auth_seq_id 
_pdbx_unobs_or_zero_occ_residues.PDB_ins_code 
_pdbx_unobs_or_zero_occ_residues.label_asym_id 
_pdbx_unobs_or_zero_occ_residues.label_comp_id 
_pdbx_unobs_or_zero_occ_residues.label_seq_id 
1 1 Y 1 A MET -7 ? A MET 1 
2 1 Y 1 A ALA -6 ? A ALA 2 
3 1 Y 1 A HIS -5 ? A HIS 3 
4 1 Y 1 A HIS -4 ? A HIS 4 
5 1 Y 1 A HIS -3 ? A HIS 5 
6 1 Y 1 A HIS -2 ? A HIS 6 
7 1 Y 1 A HIS -1 ? A HIS 7 
8 1 Y 1 A HIS 0  ? A HIS 8 
9 1 Y 1 A MET 1  ? A MET 9 
# 
loop_
_chem_comp_atom.comp_id 
_chem_comp_atom.atom_id 
_chem_comp_atom.type_symbol 
_chem_comp_atom.pdbx_aromatic_flag 
_chem_comp_atom.pdbx_stereo_config 
_chem_comp_atom.pdbx_ordinal 
ALA N    N N N 1   
ALA CA   C N S 2   
ALA C    C N N 3   
ALA O    O N N 4   
ALA CB   C N N 5   
ALA OXT  O N N 6   
ALA H    H N N 7   
ALA H2   H N N 8   
ALA HA   H N N 9   
ALA HB1  H N N 10  
ALA HB2  H N N 11  
ALA HB3  H N N 12  
ALA HXT  H N N 13  
ARG N    N N N 14  
ARG CA   C N S 15  
ARG C    C N N 16  
ARG O    O N N 17  
ARG CB   C N N 18  
ARG CG   C N N 19  
ARG CD   C N N 20  
ARG NE   N N N 21  
ARG CZ   C N N 22  
ARG NH1  N N N 23  
ARG NH2  N N N 24  
ARG OXT  O N N 25  
ARG H    H N N 26  
ARG H2   H N N 27  
ARG HA   H N N 28  
ARG HB2  H N N 29  
ARG HB3  H N N 30  
ARG HG2  H N N 31  
ARG HG3  H N N 32  
ARG HD2  H N N 33  
ARG HD3  H N N 34  
ARG HE   H N N 35  
ARG HH11 H N N 36  
ARG HH12 H N N 37  
ARG HH21 H N N 38  
ARG HH22 H N N 39  
ARG HXT  H N N 40  
ASN N    N N N 41  
ASN CA   C N S 42  
ASN C    C N N 43  
ASN O    O N N 44  
ASN CB   C N N 45  
ASN CG   C N N 46  
ASN OD1  O N N 47  
ASN ND2  N N N 48  
ASN OXT  O N N 49  
ASN H    H N N 50  
ASN H2   H N N 51  
ASN HA   H N N 52  
ASN HB2  H N N 53  
ASN HB3  H N N 54  
ASN HD21 H N N 55  
ASN HD22 H N N 56  
ASN HXT  H N N 57  
ASP N    N N N 58  
ASP CA   C N S 59  
ASP C    C N N 60  
ASP O    O N N 61  
ASP CB   C N N 62  
ASP CG   C N N 63  
ASP OD1  O N N 64  
ASP OD2  O N N 65  
ASP OXT  O N N 66  
ASP H    H N N 67  
ASP H2   H N N 68  
ASP HA   H N N 69  
ASP HB2  H N N 70  
ASP HB3  H N N 71  
ASP HD2  H N N 72  
ASP HXT  H N N 73  
CYS N    N N N 74  
CYS CA   C N R 75  
CYS C    C N N 76  
CYS O    O N N 77  
CYS CB   C N N 78  
CYS SG   S N N 79  
CYS OXT  O N N 80  
CYS H    H N N 81  
CYS H2   H N N 82  
CYS HA   H N N 83  
CYS HB2  H N N 84  
CYS HB3  H N N 85  
CYS HG   H N N 86  
CYS HXT  H N N 87  
GLN N    N N N 88  
GLN CA   C N S 89  
GLN C    C N N 90  
GLN O    O N N 91  
GLN CB   C N N 92  
GLN CG   C N N 93  
GLN CD   C N N 94  
GLN OE1  O N N 95  
GLN NE2  N N N 96  
GLN OXT  O N N 97  
GLN H    H N N 98  
GLN H2   H N N 99  
GLN HA   H N N 100 
GLN HB2  H N N 101 
GLN HB3  H N N 102 
GLN HG2  H N N 103 
GLN HG3  H N N 104 
GLN HE21 H N N 105 
GLN HE22 H N N 106 
GLN HXT  H N N 107 
GLU N    N N N 108 
GLU CA   C N S 109 
GLU C    C N N 110 
GLU O    O N N 111 
GLU CB   C N N 112 
GLU CG   C N N 113 
GLU CD   C N N 114 
GLU OE1  O N N 115 
GLU OE2  O N N 116 
GLU OXT  O N N 117 
GLU H    H N N 118 
GLU H2   H N N 119 
GLU HA   H N N 120 
GLU HB2  H N N 121 
GLU HB3  H N N 122 
GLU HG2  H N N 123 
GLU HG3  H N N 124 
GLU HE2  H N N 125 
GLU HXT  H N N 126 
GLY N    N N N 127 
GLY CA   C N N 128 
GLY C    C N N 129 
GLY O    O N N 130 
GLY OXT  O N N 131 
GLY H    H N N 132 
GLY H2   H N N 133 
GLY HA2  H N N 134 
GLY HA3  H N N 135 
GLY HXT  H N N 136 
HIS N    N N N 137 
HIS CA   C N S 138 
HIS C    C N N 139 
HIS O    O N N 140 
HIS CB   C N N 141 
HIS CG   C Y N 142 
HIS ND1  N Y N 143 
HIS CD2  C Y N 144 
HIS CE1  C Y N 145 
HIS NE2  N Y N 146 
HIS OXT  O N N 147 
HIS H    H N N 148 
HIS H2   H N N 149 
HIS HA   H N N 150 
HIS HB2  H N N 151 
HIS HB3  H N N 152 
HIS HD1  H N N 153 
HIS HD2  H N N 154 
HIS HE1  H N N 155 
HIS HE2  H N N 156 
HIS HXT  H N N 157 
HOH O    O N N 158 
HOH H1   H N N 159 
HOH H2   H N N 160 
ILE N    N N N 161 
ILE CA   C N S 162 
ILE C    C N N 163 
ILE O    O N N 164 
ILE CB   C N S 165 
ILE CG1  C N N 166 
ILE CG2  C N N 167 
ILE CD1  C N N 168 
ILE OXT  O N N 169 
ILE H    H N N 170 
ILE H2   H N N 171 
ILE HA   H N N 172 
ILE HB   H N N 173 
ILE HG12 H N N 174 
ILE HG13 H N N 175 
ILE HG21 H N N 176 
ILE HG22 H N N 177 
ILE HG23 H N N 178 
ILE HD11 H N N 179 
ILE HD12 H N N 180 
ILE HD13 H N N 181 
ILE HXT  H N N 182 
LEU N    N N N 183 
LEU CA   C N S 184 
LEU C    C N N 185 
LEU O    O N N 186 
LEU CB   C N N 187 
LEU CG   C N N 188 
LEU CD1  C N N 189 
LEU CD2  C N N 190 
LEU OXT  O N N 191 
LEU H    H N N 192 
LEU H2   H N N 193 
LEU HA   H N N 194 
LEU HB2  H N N 195 
LEU HB3  H N N 196 
LEU HG   H N N 197 
LEU HD11 H N N 198 
LEU HD12 H N N 199 
LEU HD13 H N N 200 
LEU HD21 H N N 201 
LEU HD22 H N N 202 
LEU HD23 H N N 203 
LEU HXT  H N N 204 
LYS N    N N N 205 
LYS CA   C N S 206 
LYS C    C N N 207 
LYS O    O N N 208 
LYS CB   C N N 209 
LYS CG   C N N 210 
LYS CD   C N N 211 
LYS CE   C N N 212 
LYS NZ   N N N 213 
LYS OXT  O N N 214 
LYS H    H N N 215 
LYS H2   H N N 216 
LYS HA   H N N 217 
LYS HB2  H N N 218 
LYS HB3  H N N 219 
LYS HG2  H N N 220 
LYS HG3  H N N 221 
LYS HD2  H N N 222 
LYS HD3  H N N 223 
LYS HE2  H N N 224 
LYS HE3  H N N 225 
LYS HZ1  H N N 226 
LYS HZ2  H N N 227 
LYS HZ3  H N N 228 
LYS HXT  H N N 229 
MET N    N N N 230 
MET CA   C N S 231 
MET C    C N N 232 
MET O    O N N 233 
MET CB   C N N 234 
MET CG   C N N 235 
MET SD   S N N 236 
MET CE   C N N 237 
MET OXT  O N N 238 
MET H    H N N 239 
MET H2   H N N 240 
MET HA   H N N 241 
MET HB2  H N N 242 
MET HB3  H N N 243 
MET HG2  H N N 244 
MET HG3  H N N 245 
MET HE1  H N N 246 
MET HE2  H N N 247 
MET HE3  H N N 248 
MET HXT  H N N 249 
PHE N    N N N 250 
PHE CA   C N S 251 
PHE C    C N N 252 
PHE O    O N N 253 
PHE CB   C N N 254 
PHE CG   C Y N 255 
PHE CD1  C Y N 256 
PHE CD2  C Y N 257 
PHE CE1  C Y N 258 
PHE CE2  C Y N 259 
PHE CZ   C Y N 260 
PHE OXT  O N N 261 
PHE H    H N N 262 
PHE H2   H N N 263 
PHE HA   H N N 264 
PHE HB2  H N N 265 
PHE HB3  H N N 266 
PHE HD1  H N N 267 
PHE HD2  H N N 268 
PHE HE1  H N N 269 
PHE HE2  H N N 270 
PHE HZ   H N N 271 
PHE HXT  H N N 272 
PRO N    N N N 273 
PRO CA   C N S 274 
PRO C    C N N 275 
PRO O    O N N 276 
PRO CB   C N N 277 
PRO CG   C N N 278 
PRO CD   C N N 279 
PRO OXT  O N N 280 
PRO H    H N N 281 
PRO HA   H N N 282 
PRO HB2  H N N 283 
PRO HB3  H N N 284 
PRO HG2  H N N 285 
PRO HG3  H N N 286 
PRO HD2  H N N 287 
PRO HD3  H N N 288 
PRO HXT  H N N 289 
SER N    N N N 290 
SER CA   C N S 291 
SER C    C N N 292 
SER O    O N N 293 
SER CB   C N N 294 
SER OG   O N N 295 
SER OXT  O N N 296 
SER H    H N N 297 
SER H2   H N N 298 
SER HA   H N N 299 
SER HB2  H N N 300 
SER HB3  H N N 301 
SER HG   H N N 302 
SER HXT  H N N 303 
SO4 S    S N N 304 
SO4 O1   O N N 305 
SO4 O2   O N N 306 
SO4 O3   O N N 307 
SO4 O4   O N N 308 
THR N    N N N 309 
THR CA   C N S 310 
THR C    C N N 311 
THR O    O N N 312 
THR CB   C N R 313 
THR OG1  O N N 314 
THR CG2  C N N 315 
THR OXT  O N N 316 
THR H    H N N 317 
THR H2   H N N 318 
THR HA   H N N 319 
THR HB   H N N 320 
THR HG1  H N N 321 
THR HG21 H N N 322 
THR HG22 H N N 323 
THR HG23 H N N 324 
THR HXT  H N N 325 
TRP N    N N N 326 
TRP CA   C N S 327 
TRP C    C N N 328 
TRP O    O N N 329 
TRP CB   C N N 330 
TRP CG   C Y N 331 
TRP CD1  C Y N 332 
TRP CD2  C Y N 333 
TRP NE1  N Y N 334 
TRP CE2  C Y N 335 
TRP CE3  C Y N 336 
TRP CZ2  C Y N 337 
TRP CZ3  C Y N 338 
TRP CH2  C Y N 339 
TRP OXT  O N N 340 
TRP H    H N N 341 
TRP H2   H N N 342 
TRP HA   H N N 343 
TRP HB2  H N N 344 
TRP HB3  H N N 345 
TRP HD1  H N N 346 
TRP HE1  H N N 347 
TRP HE3  H N N 348 
TRP HZ2  H N N 349 
TRP HZ3  H N N 350 
TRP HH2  H N N 351 
TRP HXT  H N N 352 
TYR N    N N N 353 
TYR CA   C N S 354 
TYR C    C N N 355 
TYR O    O N N 356 
TYR CB   C N N 357 
TYR CG   C Y N 358 
TYR CD1  C Y N 359 
TYR CD2  C Y N 360 
TYR CE1  C Y N 361 
TYR CE2  C Y N 362 
TYR CZ   C Y N 363 
TYR OH   O N N 364 
TYR OXT  O N N 365 
TYR H    H N N 366 
TYR H2   H N N 367 
TYR HA   H N N 368 
TYR HB2  H N N 369 
TYR HB3  H N N 370 
TYR HD1  H N N 371 
TYR HD2  H N N 372 
TYR HE1  H N N 373 
TYR HE2  H N N 374 
TYR HH   H N N 375 
TYR HXT  H N N 376 
VAL N    N N N 377 
VAL CA   C N S 378 
VAL C    C N N 379 
VAL O    O N N 380 
VAL CB   C N N 381 
VAL CG1  C N N 382 
VAL CG2  C N N 383 
VAL OXT  O N N 384 
VAL H    H N N 385 
VAL H2   H N N 386 
VAL HA   H N N 387 
VAL HB   H N N 388 
VAL HG11 H N N 389 
VAL HG12 H N N 390 
VAL HG13 H N N 391 
VAL HG21 H N N 392 
VAL HG22 H N N 393 
VAL HG23 H N N 394 
VAL HXT  H N N 395 
# 
loop_
_chem_comp_bond.comp_id 
_chem_comp_bond.atom_id_1 
_chem_comp_bond.atom_id_2 
_chem_comp_bond.value_order 
_chem_comp_bond.pdbx_aromatic_flag 
_chem_comp_bond.pdbx_stereo_config 
_chem_comp_bond.pdbx_ordinal 
ALA N   CA   sing N N 1   
ALA N   H    sing N N 2   
ALA N   H2   sing N N 3   
ALA CA  C    sing N N 4   
ALA CA  CB   sing N N 5   
ALA CA  HA   sing N N 6   
ALA C   O    doub N N 7   
ALA C   OXT  sing N N 8   
ALA CB  HB1  sing N N 9   
ALA CB  HB2  sing N N 10  
ALA CB  HB3  sing N N 11  
ALA OXT HXT  sing N N 12  
ARG N   CA   sing N N 13  
ARG N   H    sing N N 14  
ARG N   H2   sing N N 15  
ARG CA  C    sing N N 16  
ARG CA  CB   sing N N 17  
ARG CA  HA   sing N N 18  
ARG C   O    doub N N 19  
ARG C   OXT  sing N N 20  
ARG CB  CG   sing N N 21  
ARG CB  HB2  sing N N 22  
ARG CB  HB3  sing N N 23  
ARG CG  CD   sing N N 24  
ARG CG  HG2  sing N N 25  
ARG CG  HG3  sing N N 26  
ARG CD  NE   sing N N 27  
ARG CD  HD2  sing N N 28  
ARG CD  HD3  sing N N 29  
ARG NE  CZ   sing N N 30  
ARG NE  HE   sing N N 31  
ARG CZ  NH1  sing N N 32  
ARG CZ  NH2  doub N N 33  
ARG NH1 HH11 sing N N 34  
ARG NH1 HH12 sing N N 35  
ARG NH2 HH21 sing N N 36  
ARG NH2 HH22 sing N N 37  
ARG OXT HXT  sing N N 38  
ASN N   CA   sing N N 39  
ASN N   H    sing N N 40  
ASN N   H2   sing N N 41  
ASN CA  C    sing N N 42  
ASN CA  CB   sing N N 43  
ASN CA  HA   sing N N 44  
ASN C   O    doub N N 45  
ASN C   OXT  sing N N 46  
ASN CB  CG   sing N N 47  
ASN CB  HB2  sing N N 48  
ASN CB  HB3  sing N N 49  
ASN CG  OD1  doub N N 50  
ASN CG  ND2  sing N N 51  
ASN ND2 HD21 sing N N 52  
ASN ND2 HD22 sing N N 53  
ASN OXT HXT  sing N N 54  
ASP N   CA   sing N N 55  
ASP N   H    sing N N 56  
ASP N   H2   sing N N 57  
ASP CA  C    sing N N 58  
ASP CA  CB   sing N N 59  
ASP CA  HA   sing N N 60  
ASP C   O    doub N N 61  
ASP C   OXT  sing N N 62  
ASP CB  CG   sing N N 63  
ASP CB  HB2  sing N N 64  
ASP CB  HB3  sing N N 65  
ASP CG  OD1  doub N N 66  
ASP CG  OD2  sing N N 67  
ASP OD2 HD2  sing N N 68  
ASP OXT HXT  sing N N 69  
CYS N   CA   sing N N 70  
CYS N   H    sing N N 71  
CYS N   H2   sing N N 72  
CYS CA  C    sing N N 73  
CYS CA  CB   sing N N 74  
CYS CA  HA   sing N N 75  
CYS C   O    doub N N 76  
CYS C   OXT  sing N N 77  
CYS CB  SG   sing N N 78  
CYS CB  HB2  sing N N 79  
CYS CB  HB3  sing N N 80  
CYS SG  HG   sing N N 81  
CYS OXT HXT  sing N N 82  
GLN N   CA   sing N N 83  
GLN N   H    sing N N 84  
GLN N   H2   sing N N 85  
GLN CA  C    sing N N 86  
GLN CA  CB   sing N N 87  
GLN CA  HA   sing N N 88  
GLN C   O    doub N N 89  
GLN C   OXT  sing N N 90  
GLN CB  CG   sing N N 91  
GLN CB  HB2  sing N N 92  
GLN CB  HB3  sing N N 93  
GLN CG  CD   sing N N 94  
GLN CG  HG2  sing N N 95  
GLN CG  HG3  sing N N 96  
GLN CD  OE1  doub N N 97  
GLN CD  NE2  sing N N 98  
GLN NE2 HE21 sing N N 99  
GLN NE2 HE22 sing N N 100 
GLN OXT HXT  sing N N 101 
GLU N   CA   sing N N 102 
GLU N   H    sing N N 103 
GLU N   H2   sing N N 104 
GLU CA  C    sing N N 105 
GLU CA  CB   sing N N 106 
GLU CA  HA   sing N N 107 
GLU C   O    doub N N 108 
GLU C   OXT  sing N N 109 
GLU CB  CG   sing N N 110 
GLU CB  HB2  sing N N 111 
GLU CB  HB3  sing N N 112 
GLU CG  CD   sing N N 113 
GLU CG  HG2  sing N N 114 
GLU CG  HG3  sing N N 115 
GLU CD  OE1  doub N N 116 
GLU CD  OE2  sing N N 117 
GLU OE2 HE2  sing N N 118 
GLU OXT HXT  sing N N 119 
GLY N   CA   sing N N 120 
GLY N   H    sing N N 121 
GLY N   H2   sing N N 122 
GLY CA  C    sing N N 123 
GLY CA  HA2  sing N N 124 
GLY CA  HA3  sing N N 125 
GLY C   O    doub N N 126 
GLY C   OXT  sing N N 127 
GLY OXT HXT  sing N N 128 
HIS N   CA   sing N N 129 
HIS N   H    sing N N 130 
HIS N   H2   sing N N 131 
HIS CA  C    sing N N 132 
HIS CA  CB   sing N N 133 
HIS CA  HA   sing N N 134 
HIS C   O    doub N N 135 
HIS C   OXT  sing N N 136 
HIS CB  CG   sing N N 137 
HIS CB  HB2  sing N N 138 
HIS CB  HB3  sing N N 139 
HIS CG  ND1  sing Y N 140 
HIS CG  CD2  doub Y N 141 
HIS ND1 CE1  doub Y N 142 
HIS ND1 HD1  sing N N 143 
HIS CD2 NE2  sing Y N 144 
HIS CD2 HD2  sing N N 145 
HIS CE1 NE2  sing Y N 146 
HIS CE1 HE1  sing N N 147 
HIS NE2 HE2  sing N N 148 
HIS OXT HXT  sing N N 149 
HOH O   H1   sing N N 150 
HOH O   H2   sing N N 151 
ILE N   CA   sing N N 152 
ILE N   H    sing N N 153 
ILE N   H2   sing N N 154 
ILE CA  C    sing N N 155 
ILE CA  CB   sing N N 156 
ILE CA  HA   sing N N 157 
ILE C   O    doub N N 158 
ILE C   OXT  sing N N 159 
ILE CB  CG1  sing N N 160 
ILE CB  CG2  sing N N 161 
ILE CB  HB   sing N N 162 
ILE CG1 CD1  sing N N 163 
ILE CG1 HG12 sing N N 164 
ILE CG1 HG13 sing N N 165 
ILE CG2 HG21 sing N N 166 
ILE CG2 HG22 sing N N 167 
ILE CG2 HG23 sing N N 168 
ILE CD1 HD11 sing N N 169 
ILE CD1 HD12 sing N N 170 
ILE CD1 HD13 sing N N 171 
ILE OXT HXT  sing N N 172 
LEU N   CA   sing N N 173 
LEU N   H    sing N N 174 
LEU N   H2   sing N N 175 
LEU CA  C    sing N N 176 
LEU CA  CB   sing N N 177 
LEU CA  HA   sing N N 178 
LEU C   O    doub N N 179 
LEU C   OXT  sing N N 180 
LEU CB  CG   sing N N 181 
LEU CB  HB2  sing N N 182 
LEU CB  HB3  sing N N 183 
LEU CG  CD1  sing N N 184 
LEU CG  CD2  sing N N 185 
LEU CG  HG   sing N N 186 
LEU CD1 HD11 sing N N 187 
LEU CD1 HD12 sing N N 188 
LEU CD1 HD13 sing N N 189 
LEU CD2 HD21 sing N N 190 
LEU CD2 HD22 sing N N 191 
LEU CD2 HD23 sing N N 192 
LEU OXT HXT  sing N N 193 
LYS N   CA   sing N N 194 
LYS N   H    sing N N 195 
LYS N   H2   sing N N 196 
LYS CA  C    sing N N 197 
LYS CA  CB   sing N N 198 
LYS CA  HA   sing N N 199 
LYS C   O    doub N N 200 
LYS C   OXT  sing N N 201 
LYS CB  CG   sing N N 202 
LYS CB  HB2  sing N N 203 
LYS CB  HB3  sing N N 204 
LYS CG  CD   sing N N 205 
LYS CG  HG2  sing N N 206 
LYS CG  HG3  sing N N 207 
LYS CD  CE   sing N N 208 
LYS CD  HD2  sing N N 209 
LYS CD  HD3  sing N N 210 
LYS CE  NZ   sing N N 211 
LYS CE  HE2  sing N N 212 
LYS CE  HE3  sing N N 213 
LYS NZ  HZ1  sing N N 214 
LYS NZ  HZ2  sing N N 215 
LYS NZ  HZ3  sing N N 216 
LYS OXT HXT  sing N N 217 
MET N   CA   sing N N 218 
MET N   H    sing N N 219 
MET N   H2   sing N N 220 
MET CA  C    sing N N 221 
MET CA  CB   sing N N 222 
MET CA  HA   sing N N 223 
MET C   O    doub N N 224 
MET C   OXT  sing N N 225 
MET CB  CG   sing N N 226 
MET CB  HB2  sing N N 227 
MET CB  HB3  sing N N 228 
MET CG  SD   sing N N 229 
MET CG  HG2  sing N N 230 
MET CG  HG3  sing N N 231 
MET SD  CE   sing N N 232 
MET CE  HE1  sing N N 233 
MET CE  HE2  sing N N 234 
MET CE  HE3  sing N N 235 
MET OXT HXT  sing N N 236 
PHE N   CA   sing N N 237 
PHE N   H    sing N N 238 
PHE N   H2   sing N N 239 
PHE CA  C    sing N N 240 
PHE CA  CB   sing N N 241 
PHE CA  HA   sing N N 242 
PHE C   O    doub N N 243 
PHE C   OXT  sing N N 244 
PHE CB  CG   sing N N 245 
PHE CB  HB2  sing N N 246 
PHE CB  HB3  sing N N 247 
PHE CG  CD1  doub Y N 248 
PHE CG  CD2  sing Y N 249 
PHE CD1 CE1  sing Y N 250 
PHE CD1 HD1  sing N N 251 
PHE CD2 CE2  doub Y N 252 
PHE CD2 HD2  sing N N 253 
PHE CE1 CZ   doub Y N 254 
PHE CE1 HE1  sing N N 255 
PHE CE2 CZ   sing Y N 256 
PHE CE2 HE2  sing N N 257 
PHE CZ  HZ   sing N N 258 
PHE OXT HXT  sing N N 259 
PRO N   CA   sing N N 260 
PRO N   CD   sing N N 261 
PRO N   H    sing N N 262 
PRO CA  C    sing N N 263 
PRO CA  CB   sing N N 264 
PRO CA  HA   sing N N 265 
PRO C   O    doub N N 266 
PRO C   OXT  sing N N 267 
PRO CB  CG   sing N N 268 
PRO CB  HB2  sing N N 269 
PRO CB  HB3  sing N N 270 
PRO CG  CD   sing N N 271 
PRO CG  HG2  sing N N 272 
PRO CG  HG3  sing N N 273 
PRO CD  HD2  sing N N 274 
PRO CD  HD3  sing N N 275 
PRO OXT HXT  sing N N 276 
SER N   CA   sing N N 277 
SER N   H    sing N N 278 
SER N   H2   sing N N 279 
SER CA  C    sing N N 280 
SER CA  CB   sing N N 281 
SER CA  HA   sing N N 282 
SER C   O    doub N N 283 
SER C   OXT  sing N N 284 
SER CB  OG   sing N N 285 
SER CB  HB2  sing N N 286 
SER CB  HB3  sing N N 287 
SER OG  HG   sing N N 288 
SER OXT HXT  sing N N 289 
SO4 S   O1   doub N N 290 
SO4 S   O2   doub N N 291 
SO4 S   O3   sing N N 292 
SO4 S   O4   sing N N 293 
THR N   CA   sing N N 294 
THR N   H    sing N N 295 
THR N   H2   sing N N 296 
THR CA  C    sing N N 297 
THR CA  CB   sing N N 298 
THR CA  HA   sing N N 299 
THR C   O    doub N N 300 
THR C   OXT  sing N N 301 
THR CB  OG1  sing N N 302 
THR CB  CG2  sing N N 303 
THR CB  HB   sing N N 304 
THR OG1 HG1  sing N N 305 
THR CG2 HG21 sing N N 306 
THR CG2 HG22 sing N N 307 
THR CG2 HG23 sing N N 308 
THR OXT HXT  sing N N 309 
TRP N   CA   sing N N 310 
TRP N   H    sing N N 311 
TRP N   H2   sing N N 312 
TRP CA  C    sing N N 313 
TRP CA  CB   sing N N 314 
TRP CA  HA   sing N N 315 
TRP C   O    doub N N 316 
TRP C   OXT  sing N N 317 
TRP CB  CG   sing N N 318 
TRP CB  HB2  sing N N 319 
TRP CB  HB3  sing N N 320 
TRP CG  CD1  doub Y N 321 
TRP CG  CD2  sing Y N 322 
TRP CD1 NE1  sing Y N 323 
TRP CD1 HD1  sing N N 324 
TRP CD2 CE2  doub Y N 325 
TRP CD2 CE3  sing Y N 326 
TRP NE1 CE2  sing Y N 327 
TRP NE1 HE1  sing N N 328 
TRP CE2 CZ2  sing Y N 329 
TRP CE3 CZ3  doub Y N 330 
TRP CE3 HE3  sing N N 331 
TRP CZ2 CH2  doub Y N 332 
TRP CZ2 HZ2  sing N N 333 
TRP CZ3 CH2  sing Y N 334 
TRP CZ3 HZ3  sing N N 335 
TRP CH2 HH2  sing N N 336 
TRP OXT HXT  sing N N 337 
TYR N   CA   sing N N 338 
TYR N   H    sing N N 339 
TYR N   H2   sing N N 340 
TYR CA  C    sing N N 341 
TYR CA  CB   sing N N 342 
TYR CA  HA   sing N N 343 
TYR C   O    doub N N 344 
TYR C   OXT  sing N N 345 
TYR CB  CG   sing N N 346 
TYR CB  HB2  sing N N 347 
TYR CB  HB3  sing N N 348 
TYR CG  CD1  doub Y N 349 
TYR CG  CD2  sing Y N 350 
TYR CD1 CE1  sing Y N 351 
TYR CD1 HD1  sing N N 352 
TYR CD2 CE2  doub Y N 353 
TYR CD2 HD2  sing N N 354 
TYR CE1 CZ   doub Y N 355 
TYR CE1 HE1  sing N N 356 
TYR CE2 CZ   sing Y N 357 
TYR CE2 HE2  sing N N 358 
TYR CZ  OH   sing N N 359 
TYR OH  HH   sing N N 360 
TYR OXT HXT  sing N N 361 
VAL N   CA   sing N N 362 
VAL N   H    sing N N 363 
VAL N   H2   sing N N 364 
VAL CA  C    sing N N 365 
VAL CA  CB   sing N N 366 
VAL CA  HA   sing N N 367 
VAL C   O    doub N N 368 
VAL C   OXT  sing N N 369 
VAL CB  CG1  sing N N 370 
VAL CB  CG2  sing N N 371 
VAL CB  HB   sing N N 372 
VAL CG1 HG11 sing N N 373 
VAL CG1 HG12 sing N N 374 
VAL CG1 HG13 sing N N 375 
VAL CG2 HG21 sing N N 376 
VAL CG2 HG22 sing N N 377 
VAL CG2 HG23 sing N N 378 
VAL OXT HXT  sing N N 379 
# 
_atom_sites.entry_id                    1YZV 
_atom_sites.fract_transf_matrix[1][1]   -0.00788938 
_atom_sites.fract_transf_matrix[1][2]   0.00153549 
_atom_sites.fract_transf_matrix[1][3]   -0.00188283 
_atom_sites.fract_transf_matrix[2][1]   0.00210789 
_atom_sites.fract_transf_matrix[2][2]   0.00114481 
_atom_sites.fract_transf_matrix[2][3]   -0.00789881 
_atom_sites.fract_transf_matrix[3][1]   -0.00120813 
_atom_sites.fract_transf_matrix[3][2]   -0.00802974 
_atom_sites.fract_transf_matrix[3][3]   -0.00148619 
_atom_sites.fract_transf_vector[1]      0.597084 
_atom_sites.fract_transf_vector[2]      0.342386 
_atom_sites.fract_transf_vector[3]      0.848849 
# 
loop_
_atom_type.symbol 
C 
N 
O 
S 
# 
loop_
_atom_site.group_PDB 
_atom_site.id 
_atom_site.type_symbol 
_atom_site.label_atom_id 
_atom_site.label_alt_id 
_atom_site.label_comp_id 
_atom_site.label_asym_id 
_atom_site.label_entity_id 
_atom_site.label_seq_id 
_atom_site.pdbx_PDB_ins_code 
_atom_site.Cartn_x 
_atom_site.Cartn_y 
_atom_site.Cartn_z 
_atom_site.occupancy 
_atom_site.B_iso_or_equiv 
_atom_site.pdbx_formal_charge 
_atom_site.auth_seq_id 
_atom_site.auth_comp_id 
_atom_site.auth_asym_id 
_atom_site.auth_atom_id 
_atom_site.pdbx_PDB_model_num 
ATOM   1    N N   . SER A 1 10  ? 14.859  12.569  2.335   1.00 51.56 ? 2    SER A N   1 
ATOM   2    C CA  . SER A 1 10  ? 15.289  11.192  2.715   1.00 48.22 ? 2    SER A CA  1 
ATOM   3    C C   . SER A 1 10  ? 15.030  10.344  1.497   1.00 44.20 ? 2    SER A C   1 
ATOM   4    O O   . SER A 1 10  ? 14.009  10.515  0.850   1.00 44.01 ? 2    SER A O   1 
ATOM   5    C CB  . SER A 1 10  ? 14.461  10.727  3.908   1.00 49.11 ? 2    SER A CB  1 
ATOM   6    O OG  . SER A 1 10  ? 14.779  9.397   4.281   1.00 54.63 ? 2    SER A OG  1 
ATOM   7    N N   . ARG A 1 11  ? 15.931  9.447   1.135   1.00 38.41 ? 3    ARG A N   1 
ATOM   8    C CA  . ARG A 1 11  ? 15.613  8.643   -0.012  1.00 38.03 ? 3    ARG A CA  1 
ATOM   9    C C   . ARG A 1 11  ? 14.716  7.436   0.270   1.00 34.48 ? 3    ARG A C   1 
ATOM   10   O O   . ARG A 1 11  ? 13.863  7.134   -0.526  1.00 40.53 ? 3    ARG A O   1 
ATOM   11   C CB  . ARG A 1 11  ? 16.850  8.265   -0.815  1.00 36.84 ? 3    ARG A CB  1 
ATOM   12   C CG  . ARG A 1 11  ? 17.770  7.412   -0.162  1.00 42.53 ? 3    ARG A CG  1 
ATOM   13   C CD  . ARG A 1 11  ? 18.968  7.273   -1.053  1.00 45.48 ? 3    ARG A CD  1 
ATOM   14   N NE  . ARG A 1 11  ? 19.719  8.525   -1.197  1.00 48.78 ? 3    ARG A NE  1 
ATOM   15   C CZ  . ARG A 1 11  ? 19.711  9.305   -2.277  1.00 46.44 ? 3    ARG A CZ  1 
ATOM   16   N NH1 . ARG A 1 11  ? 19.042  8.981   -3.380  1.00 51.01 ? 3    ARG A NH1 1 
ATOM   17   N NH2 . ARG A 1 11  ? 20.478  10.372  -2.281  1.00 40.85 ? 3    ARG A NH2 1 
ATOM   18   N N   . LEU A 1 12  ? 14.811  6.867   1.463   1.00 28.29 ? 4    LEU A N   1 
ATOM   19   C CA  . LEU A 1 12  ? 13.969  5.765   1.872   1.00 26.81 ? 4    LEU A CA  1 
ATOM   20   C C   . LEU A 1 12  ? 12.907  6.311   2.812   1.00 26.53 ? 4    LEU A C   1 
ATOM   21   O O   . LEU A 1 12  ? 12.985  7.478   3.221   1.00 22.04 ? 4    LEU A O   1 
ATOM   22   C CB  . LEU A 1 12  ? 14.814  4.725   2.587   1.00 26.03 ? 4    LEU A CB  1 
ATOM   23   C CG  . LEU A 1 12  ? 15.884  4.012   1.732   1.00 22.40 ? 4    LEU A CG  1 
ATOM   24   C CD1 . LEU A 1 12  ? 16.719  3.160   2.618   1.00 21.46 ? 4    LEU A CD1 1 
ATOM   25   C CD2 . LEU A 1 12  ? 15.257  3.233   0.603   1.00 25.45 ? 4    LEU A CD2 1 
ATOM   26   N N   . LEU A 1 13  ? 11.949  5.458   3.192   1.00 26.56 ? 5    LEU A N   1 
ATOM   27   C CA  . LEU A 1 13  ? 10.961  5.830   4.200   1.00 23.13 ? 5    LEU A CA  1 
ATOM   28   C C   . LEU A 1 13  ? 11.705  6.234   5.474   1.00 22.19 ? 5    LEU A C   1 
ATOM   29   O O   . LEU A 1 13  ? 12.754  5.685   5.786   1.00 21.84 ? 5    LEU A O   1 
ATOM   30   C CB  . LEU A 1 13  ? 10.049  4.649   4.513   1.00 23.24 ? 5    LEU A CB  1 
ATOM   31   C CG  . LEU A 1 13  ? 9.080   4.248   3.404   1.00 23.73 ? 5    LEU A CG  1 
ATOM   32   C CD1 . LEU A 1 13  ? 8.557   2.858   3.682   1.00 25.43 ? 5    LEU A CD1 1 
ATOM   33   C CD2 . LEU A 1 13  ? 7.939   5.253   3.288   1.00 29.07 ? 5    LEU A CD2 1 
ATOM   34   N N   . LYS A 1 14  ? 11.207  7.261   6.133   1.00 20.94 ? 6    LYS A N   1 
ATOM   35   C CA  . LYS A 1 14  ? 11.680  7.656   7.456   1.00 23.43 ? 6    LYS A CA  1 
ATOM   36   C C   . LYS A 1 14  ? 11.163  6.654   8.490   1.00 21.57 ? 6    LYS A C   1 
ATOM   37   O O   . LYS A 1 14  ? 10.172  5.893   8.255   1.00 20.64 ? 6    LYS A O   1 
ATOM   38   C CB  . LYS A 1 14  ? 11.169  9.051   7.817   1.00 23.42 ? 6    LYS A CB  1 
ATOM   39   C CG  . LYS A 1 14  ? 11.768  10.175  6.945   1.00 29.39 ? 6    LYS A CG  1 
ATOM   40   C CD  . LYS A 1 14  ? 11.311  11.565  7.375   1.00 29.84 ? 6    LYS A CD  1 
ATOM   41   C CE  . LYS A 1 14  ? 11.968  12.657  6.527   1.00 38.48 ? 6    LYS A CE  1 
ATOM   42   N NZ  . LYS A 1 14  ? 11.352  14.013  6.753   1.00 42.49 ? 6    LYS A NZ  1 
ATOM   43   N N   . HIS A 1 15  ? 11.839  6.652   9.630   1.00 21.41 ? 7    HIS A N   1 
ATOM   44   C CA  . HIS A 1 15  ? 11.443  5.863   10.763  1.00 21.24 ? 7    HIS A CA  1 
ATOM   45   C C   . HIS A 1 15  ? 10.029  6.260   11.165  1.00 23.07 ? 7    HIS A C   1 
ATOM   46   O O   . HIS A 1 15  ? 9.658   7.454   11.072  1.00 21.90 ? 7    HIS A O   1 
ATOM   47   C CB  . HIS A 1 15  ? 12.414  6.089   11.933  1.00 22.56 ? 7    HIS A CB  1 
ATOM   48   C CG  . HIS A 1 15  ? 12.192  5.155   13.064  1.00 19.57 ? 7    HIS A CG  1 
ATOM   49   N ND1 . HIS A 1 15  ? 11.185  5.341   13.993  1.00 21.24 ? 7    HIS A ND1 1 
ATOM   50   C CD2 . HIS A 1 15  ? 12.799  3.991   13.392  1.00 20.76 ? 7    HIS A CD2 1 
ATOM   51   C CE1 . HIS A 1 15  ? 11.185  4.327   14.841  1.00 26.50 ? 7    HIS A CE1 1 
ATOM   52   N NE2 . HIS A 1 15  ? 12.122  3.470   14.465  1.00 19.13 ? 7    HIS A NE2 1 
ATOM   53   N N   . TYR A 1 16  ? 9.246   5.261   11.581  1.00 22.13 ? 8    TYR A N   1 
ATOM   54   C CA  . TYR A 1 16  ? 7.852   5.467   11.853  1.00 24.76 ? 8    TYR A CA  1 
ATOM   55   C C   . TYR A 1 16  ? 7.553   6.579   12.843  1.00 27.41 ? 8    TYR A C   1 
ATOM   56   O O   . TYR A 1 16  ? 6.447   7.161   12.789  1.00 26.22 ? 8    TYR A O   1 
ATOM   57   C CB  . TYR A 1 16  ? 7.147   4.183   12.298  1.00 24.71 ? 8    TYR A CB  1 
ATOM   58   C CG  . TYR A 1 16  ? 7.596   3.606   13.622  1.00 24.83 ? 8    TYR A CG  1 
ATOM   59   C CD1 . TYR A 1 16  ? 7.105   4.103   14.829  1.00 24.97 ? 8    TYR A CD1 1 
ATOM   60   C CD2 . TYR A 1 16  ? 8.467   2.524   13.664  1.00 20.05 ? 8    TYR A CD2 1 
ATOM   61   C CE1 . TYR A 1 16  ? 7.530   3.590   16.067  1.00 27.88 ? 8    TYR A CE1 1 
ATOM   62   C CE2 . TYR A 1 16  ? 8.863   1.964   14.885  1.00 23.15 ? 8    TYR A CE2 1 
ATOM   63   C CZ  . TYR A 1 16  ? 8.345   2.477   16.097  1.00 23.19 ? 8    TYR A CZ  1 
ATOM   64   O OH  . TYR A 1 16  ? 8.791   1.951   17.305  1.00 24.18 ? 8    TYR A OH  1 
ATOM   65   N N   . GLY A 1 17  ? 8.473   6.867   13.764  1.00 28.66 ? 9    GLY A N   1 
ATOM   66   C CA  . GLY A 1 17  ? 8.237   7.983   14.684  1.00 30.00 ? 9    GLY A CA  1 
ATOM   67   C C   . GLY A 1 17  ? 8.516   9.375   14.135  1.00 32.18 ? 9    GLY A C   1 
ATOM   68   O O   . GLY A 1 17  ? 8.217   10.376  14.759  1.00 34.00 ? 9    GLY A O   1 
ATOM   69   N N   . SER A 1 18  ? 9.198   9.447   13.010  1.00 31.34 ? 10   SER A N   1 
ATOM   70   C CA  . SER A 1 18  ? 9.583   10.702  12.411  1.00 32.58 ? 10   SER A CA  1 
ATOM   71   C C   . SER A 1 18  ? 8.383   11.475  11.806  1.00 34.00 ? 10   SER A C   1 
ATOM   72   O O   . SER A 1 18  ? 8.387   12.682  11.659  1.00 35.13 ? 10   SER A O   1 
ATOM   73   C CB  . SER A 1 18  ? 10.623  10.370  11.324  1.00 34.38 ? 10   SER A CB  1 
ATOM   74   O OG  . SER A 1 18  ? 11.413  11.473  11.000  1.00 42.22 ? 10   SER A OG  1 
ATOM   75   N N   . CYS A 1 19  ? 7.433   10.734  11.285  1.00 34.54 ? 11   CYS A N   1 
ATOM   76   C CA  . CYS A 1 19  ? 6.295   11.289  10.593  1.00 33.46 ? 11   CYS A CA  1 
ATOM   77   C C   . CYS A 1 19  ? 5.255   10.199  10.609  1.00 34.05 ? 11   CYS A C   1 
ATOM   78   O O   . CYS A 1 19  ? 5.552   9.060   10.997  1.00 37.65 ? 11   CYS A O   1 
ATOM   79   C CB  . CYS A 1 19  ? 6.670   11.680  9.174   1.00 33.66 ? 11   CYS A CB  1 
ATOM   80   S SG  . CYS A 1 19  ? 7.249   10.302  8.088   1.00 32.39 ? 11   CYS A SG  1 
ATOM   81   N N   . LYS A 1 20  ? 4.035   10.533  10.245  1.00 33.20 ? 12   LYS A N   1 
ATOM   82   C CA  . LYS A 1 20  ? 3.008   9.535   10.085  1.00 32.34 ? 12   LYS A CA  1 
ATOM   83   C C   . LYS A 1 20  ? 3.015   8.916   8.665   1.00 29.29 ? 12   LYS A C   1 
ATOM   84   O O   . LYS A 1 20  ? 3.507   9.541   7.717   1.00 25.11 ? 12   LYS A O   1 
ATOM   85   C CB  . LYS A 1 20  ? 1.694   10.174  10.402  1.00 35.59 ? 12   LYS A CB  1 
ATOM   86   C CG  . LYS A 1 20  ? 0.560   9.238   10.558  1.00 41.43 ? 12   LYS A CG  1 
ATOM   87   C CD  . LYS A 1 20  ? -0.437  9.859   11.560  1.00 42.45 ? 12   LYS A CD  1 
ATOM   88   C CE  . LYS A 1 20  ? -1.769  9.135   11.491  1.00 42.38 ? 12   LYS A CE  1 
ATOM   89   N NZ  . LYS A 1 20  ? -2.754  9.687   12.487  1.00 41.58 ? 12   LYS A NZ  1 
ATOM   90   N N   . THR A 1 21  ? 2.701   7.608   8.618   1.00 25.53 ? 13   THR A N   1 
ATOM   91   C CA  . THR A 1 21  ? 2.698   6.826   7.379   1.00 26.35 ? 13   THR A CA  1 
ATOM   92   C C   . THR A 1 21  ? 1.284   6.349   7.069   1.00 24.70 ? 13   THR A C   1 
ATOM   93   O O   . THR A 1 21  ? 0.592   5.891   7.979   1.00 26.16 ? 13   THR A O   1 
ATOM   94   C CB  . THR A 1 21  ? 3.598   5.547   7.543   1.00 24.87 ? 13   THR A CB  1 
ATOM   95   O OG1 . THR A 1 21  ? 4.896   5.967   7.944   1.00 25.29 ? 13   THR A OG1 1 
ATOM   96   C CG2 . THR A 1 21  ? 3.726   4.767   6.259   1.00 26.93 ? 13   THR A CG2 1 
ATOM   97   N N   . ALA A 1 22  ? 0.835   6.519   5.820   1.00 23.28 ? 14   ALA A N   1 
ATOM   98   C CA  . ALA A 1 22  ? -0.488  6.004   5.383   1.00 23.26 ? 14   ALA A CA  1 
ATOM   99   C C   . ALA A 1 22  ? -0.254  4.767   4.540   1.00 23.87 ? 14   ALA A C   1 
ATOM   100  O O   . ALA A 1 22  ? 0.621   4.737   3.670   1.00 22.98 ? 14   ALA A O   1 
ATOM   101  C CB  . ALA A 1 22  ? -1.249  7.046   4.567   1.00 26.26 ? 14   ALA A CB  1 
ATOM   102  N N   . PHE A 1 23  ? -1.016  3.732   4.844   1.00 25.82 ? 15   PHE A N   1 
ATOM   103  C CA  . PHE A 1 23  ? -1.030  2.528   4.073   1.00 24.72 ? 15   PHE A CA  1 
ATOM   104  C C   . PHE A 1 23  ? -2.252  2.607   3.153   1.00 25.15 ? 15   PHE A C   1 
ATOM   105  O O   . PHE A 1 23  ? -3.402  2.589   3.608   1.00 26.46 ? 15   PHE A O   1 
ATOM   106  C CB  . PHE A 1 23  ? -1.066  1.308   5.006   1.00 23.94 ? 15   PHE A CB  1 
ATOM   107  C CG  . PHE A 1 23  ? 0.211   1.100   5.765   1.00 22.06 ? 15   PHE A CG  1 
ATOM   108  C CD1 . PHE A 1 23  ? 1.259   0.362   5.215   1.00 20.63 ? 15   PHE A CD1 1 
ATOM   109  C CD2 . PHE A 1 23  ? 0.369   1.637   7.027   1.00 23.62 ? 15   PHE A CD2 1 
ATOM   110  C CE1 . PHE A 1 23  ? 2.449   0.252   5.874   1.00 20.91 ? 15   PHE A CE1 1 
ATOM   111  C CE2 . PHE A 1 23  ? 1.612   1.614   7.644   1.00 24.31 ? 15   PHE A CE2 1 
ATOM   112  C CZ  . PHE A 1 23  ? 2.627   0.880   7.105   1.00 23.29 ? 15   PHE A CZ  1 
ATOM   113  N N   . PHE A 1 24  ? -1.979  2.726   1.858   1.00 25.00 ? 16   PHE A N   1 
ATOM   114  C CA  . PHE A 1 24  ? -3.022  2.792   0.820   1.00 23.67 ? 16   PHE A CA  1 
ATOM   115  C C   . PHE A 1 24  ? -3.209  1.448   0.131   1.00 27.43 ? 16   PHE A C   1 
ATOM   116  O O   . PHE A 1 24  ? -2.400  1.051   -0.707  1.00 22.97 ? 16   PHE A O   1 
ATOM   117  C CB  . PHE A 1 24  ? -2.672  3.811   -0.240  1.00 23.80 ? 16   PHE A CB  1 
ATOM   118  C CG  . PHE A 1 24  ? -3.033  5.242   0.105   1.00 21.57 ? 16   PHE A CG  1 
ATOM   119  C CD1 . PHE A 1 24  ? -3.114  5.684   1.409   1.00 24.13 ? 16   PHE A CD1 1 
ATOM   120  C CD2 . PHE A 1 24  ? -3.300  6.154   -0.909  1.00 30.19 ? 16   PHE A CD2 1 
ATOM   121  C CE1 . PHE A 1 24  ? -3.516  6.975   1.693   1.00 26.95 ? 16   PHE A CE1 1 
ATOM   122  C CE2 . PHE A 1 24  ? -3.676  7.449   -0.638  1.00 26.91 ? 16   PHE A CE2 1 
ATOM   123  C CZ  . PHE A 1 24  ? -3.759  7.873   0.671   1.00 30.68 ? 16   PHE A CZ  1 
ATOM   124  N N   . CYS A 1 25  ? -4.326  0.809   0.467   1.00 24.92 ? 17   CYS A N   1 
ATOM   125  C CA  . CYS A 1 25  ? -4.747  -0.480  -0.057  1.00 25.92 ? 17   CYS A CA  1 
ATOM   126  C C   . CYS A 1 25  ? -5.760  -0.251  -1.203  1.00 24.54 ? 17   CYS A C   1 
ATOM   127  O O   . CYS A 1 25  ? -6.921  0.065   -0.987  1.00 26.86 ? 17   CYS A O   1 
ATOM   128  C CB  . CYS A 1 25  ? -5.392  -1.263  1.079   1.00 28.56 ? 17   CYS A CB  1 
ATOM   129  S SG  . CYS A 1 25  ? -5.997  -2.908  0.663   1.00 34.20 ? 17   CYS A SG  1 
ATOM   130  N N   . CYS A 1 26  ? -5.260  -0.333  -2.412  1.00 26.21 ? 18   CYS A N   1 
ATOM   131  C CA  . CYS A 1 26  ? -5.981  0.041   -3.624  1.00 26.99 ? 18   CYS A CA  1 
ATOM   132  C C   . CYS A 1 26  ? -6.796  -1.112  -4.195  1.00 23.35 ? 18   CYS A C   1 
ATOM   133  O O   . CYS A 1 26  ? -6.242  -2.007  -4.823  1.00 23.76 ? 18   CYS A O   1 
ATOM   134  C CB  . CYS A 1 26  ? -4.975  0.492   -4.677  1.00 26.17 ? 18   CYS A CB  1 
ATOM   135  S SG  . CYS A 1 26  ? -5.576  1.554   -5.895  1.00 36.53 ? 18   CYS A SG  1 
ATOM   136  N N   . ASP A 1 27  ? -8.100  -1.099  -3.946  1.00 25.43 ? 19   ASP A N   1 
ATOM   137  C CA  . ASP A 1 27  ? -9.067  -1.869  -4.766  1.00 24.00 ? 19   ASP A CA  1 
ATOM   138  C C   . ASP A 1 27  ? -8.770  -3.391  -4.893  1.00 24.94 ? 19   ASP A C   1 
ATOM   139  O O   . ASP A 1 27  ? -8.910  -3.984  -5.971  1.00 23.09 ? 19   ASP A O   1 
ATOM   140  C CB  . ASP A 1 27  ? -9.135  -1.241  -6.174  1.00 23.84 ? 19   ASP A CB  1 
ATOM   141  C CG  . ASP A 1 27  ? -9.576  0.223   -6.175  1.00 27.49 ? 19   ASP A CG  1 
ATOM   142  O OD1 . ASP A 1 27  ? -9.842  0.825   -5.089  1.00 24.56 ? 19   ASP A OD1 1 
ATOM   143  O OD2 . ASP A 1 27  ? -9.430  0.845   -7.273  1.00 29.02 ? 19   ASP A OD2 1 
ATOM   144  N N   . ILE A 1 28  ? -8.442  -4.037  -3.776  1.00 24.34 ? 20   ILE A N   1 
ATOM   145  C CA  . ILE A 1 28  ? -8.194  -5.472  -3.780  1.00 26.26 ? 20   ILE A CA  1 
ATOM   146  C C   . ILE A 1 28  ? -9.527  -6.159  -3.524  1.00 26.51 ? 20   ILE A C   1 
ATOM   147  O O   . ILE A 1 28  ? -9.812  -6.586  -2.408  1.00 27.00 ? 20   ILE A O   1 
ATOM   148  C CB  . ILE A 1 28  ? -7.139  -5.895  -2.747  1.00 24.83 ? 20   ILE A CB  1 
ATOM   149  C CG1 . ILE A 1 28  ? -5.827  -5.118  -3.029  1.00 28.24 ? 20   ILE A CG1 1 
ATOM   150  C CG2 . ILE A 1 28  ? -6.890  -7.409  -2.820  1.00 24.40 ? 20   ILE A CG2 1 
ATOM   151  C CD1 . ILE A 1 28  ? -4.682  -5.466  -2.126  1.00 25.89 ? 20   ILE A CD1 1 
ATOM   152  N N   . GLN A 1 29  ? -10.328 -6.212  -4.578  1.00 25.27 ? 21   GLN A N   1 
ATOM   153  C CA  . GLN A 1 29  ? -11.736 -6.591  -4.486  1.00 28.20 ? 21   GLN A CA  1 
ATOM   154  C C   . GLN A 1 29  ? -12.032 -7.945  -5.122  1.00 27.34 ? 21   GLN A C   1 
ATOM   155  O O   . GLN A 1 29  ? -11.280 -8.433  -5.978  1.00 25.17 ? 21   GLN A O   1 
ATOM   156  C CB  . GLN A 1 29  ? -12.602 -5.507  -5.160  1.00 27.23 ? 21   GLN A CB  1 
ATOM   157  C CG  . GLN A 1 29  ? -12.514 -4.168  -4.465  1.00 25.54 ? 21   GLN A CG  1 
ATOM   158  C CD  . GLN A 1 29  ? -12.942 -3.023  -5.386  1.00 28.56 ? 21   GLN A CD  1 
ATOM   159  O OE1 . GLN A 1 29  ? -12.122 -2.180  -5.762  1.00 24.89 ? 21   GLN A OE1 1 
ATOM   160  N NE2 . GLN A 1 29  ? -14.238 -2.976  -5.723  1.00 25.61 ? 21   GLN A NE2 1 
ATOM   161  N N   . GLU A 1 30  ? -13.188 -8.501  -4.745  1.00 31.73 ? 22   GLU A N   1 
ATOM   162  C CA  . GLU A 1 30  ? -13.570 -9.858  -5.105  1.00 32.17 ? 22   GLU A CA  1 
ATOM   163  C C   . GLU A 1 30  ? -13.500 -10.128 -6.595  1.00 32.16 ? 22   GLU A C   1 
ATOM   164  O O   . GLU A 1 30  ? -12.959 -11.147 -7.002  1.00 34.09 ? 22   GLU A O   1 
ATOM   165  C CB  . GLU A 1 30  ? -14.975 -10.242 -4.531  1.00 33.51 ? 22   GLU A CB  1 
ATOM   166  C CG  . GLU A 1 30  ? -15.048 -10.366 -2.969  1.00 37.84 ? 22   GLU A CG  1 
ATOM   167  C CD  . GLU A 1 30  ? -14.233 -11.544 -2.341  1.00 44.69 ? 22   GLU A CD  1 
ATOM   168  O OE1 . GLU A 1 30  ? -13.523 -12.283 -3.067  1.00 51.57 ? 22   GLU A OE1 1 
ATOM   169  O OE2 . GLU A 1 30  ? -14.240 -11.692 -1.091  1.00 40.33 ? 22   GLU A OE2 1 
ATOM   170  N N   . LYS A 1 31  ? -13.969 -9.220  -7.437  1.00 32.51 ? 23   LYS A N   1 
ATOM   171  C CA  . LYS A 1 31  ? -14.035 -9.576  -8.861  1.00 36.01 ? 23   LYS A CA  1 
ATOM   172  C C   . LYS A 1 31  ? -12.676 -9.596  -9.573  1.00 34.63 ? 23   LYS A C   1 
ATOM   173  O O   . LYS A 1 31  ? -12.532 -10.235 -10.600 1.00 35.11 ? 23   LYS A O   1 
ATOM   174  C CB  . LYS A 1 31  ? -15.047 -8.715  -9.622  1.00 39.89 ? 23   LYS A CB  1 
ATOM   175  C CG  . LYS A 1 31  ? -16.532 -9.085  -9.270  1.00 50.82 ? 23   LYS A CG  1 
ATOM   176  C CD  . LYS A 1 31  ? -16.796 -10.616 -9.311  1.00 56.67 ? 23   LYS A CD  1 
ATOM   177  C CE  . LYS A 1 31  ? -18.272 -10.968 -9.539  1.00 61.31 ? 23   LYS A CE  1 
ATOM   178  N NZ  . LYS A 1 31  ? -18.430 -12.073 -10.578 1.00 63.68 ? 23   LYS A NZ  1 
ATOM   179  N N   . PHE A 1 32  ? -11.675 -8.974  -8.969  1.00 32.48 ? 24   PHE A N   1 
ATOM   180  C CA  . PHE A 1 32  ? -10.310 -8.999  -9.485  1.00 34.17 ? 24   PHE A CA  1 
ATOM   181  C C   . PHE A 1 32  ? -9.537  -10.274 -9.081  1.00 30.33 ? 24   PHE A C   1 
ATOM   182  O O   . PHE A 1 32  ? -8.444  -10.529 -9.619  1.00 31.33 ? 24   PHE A O   1 
ATOM   183  C CB  . PHE A 1 32  ? -9.511  -7.820  -8.905  1.00 37.07 ? 24   PHE A CB  1 
ATOM   184  C CG  . PHE A 1 32  ? -9.989  -6.468  -9.329  1.00 40.22 ? 24   PHE A CG  1 
ATOM   185  C CD1 . PHE A 1 32  ? -9.607  -5.935  -10.566 1.00 47.02 ? 24   PHE A CD1 1 
ATOM   186  C CD2 . PHE A 1 32  ? -10.648 -5.644  -8.416  1.00 46.26 ? 24   PHE A CD2 1 
ATOM   187  C CE1 . PHE A 1 32  ? -9.938  -4.615  -10.911 1.00 46.45 ? 24   PHE A CE1 1 
ATOM   188  C CE2 . PHE A 1 32  ? -11.002 -4.322  -8.746  1.00 43.86 ? 24   PHE A CE2 1 
ATOM   189  C CZ  . PHE A 1 32  ? -10.653 -3.812  -9.994  1.00 48.27 ? 24   PHE A CZ  1 
ATOM   190  N N   . MET A 1 33  ? -10.000 -10.955 -8.035  1.00 28.44 ? 25   MET A N   1 
ATOM   191  C CA  . MET A 1 33  ? -9.212  -12.037 -7.427  1.00 28.93 ? 25   MET A CA  1 
ATOM   192  C C   . MET A 1 33  ? -8.905  -13.140 -8.425  1.00 30.67 ? 25   MET A C   1 
ATOM   193  O O   . MET A 1 33  ? -7.792  -13.664 -8.430  1.00 29.18 ? 25   MET A O   1 
ATOM   194  C CB  . MET A 1 33  ? -9.915  -12.615 -6.204  1.00 27.34 ? 25   MET A CB  1 
ATOM   195  C CG  . MET A 1 33  ? -10.043 -11.648 -5.017  1.00 27.66 ? 25   MET A CG  1 
ATOM   196  S SD  . MET A 1 33  ? -8.418  -11.024 -4.422  1.00 29.51 ? 25   MET A SD  1 
ATOM   197  C CE  . MET A 1 33  ? -7.756  -12.542 -3.767  1.00 30.41 ? 25   MET A CE  1 
ATOM   198  N N   . GLY A 1 34  ? -9.853  -13.421 -9.321  1.00 28.54 ? 26   GLY A N   1 
ATOM   199  C CA  . GLY A 1 34  ? -9.695  -14.471 -10.298 1.00 30.19 ? 26   GLY A CA  1 
ATOM   200  C C   . GLY A 1 34  ? -9.149  -14.028 -11.634 1.00 31.56 ? 26   GLY A C   1 
ATOM   201  O O   . GLY A 1 34  ? -9.273  -14.769 -12.596 1.00 40.09 ? 26   GLY A O   1 
ATOM   202  N N   . ARG A 1 35  ? -8.764  -12.766 -11.745 1.00 30.48 ? 27   ARG A N   1 
ATOM   203  C CA  . ARG A 1 35  ? -8.336  -12.126 -12.986 1.00 30.41 ? 27   ARG A CA  1 
ATOM   204  C C   . ARG A 1 35  ? -6.893  -11.566 -12.864 1.00 28.05 ? 27   ARG A C   1 
ATOM   205  O O   . ARG A 1 35  ? -6.211  -11.377 -13.842 1.00 27.41 ? 27   ARG A O   1 
ATOM   206  C CB  . ARG A 1 35  ? -9.324  -10.973 -13.283 1.00 33.53 ? 27   ARG A CB  1 
ATOM   207  C CG  . ARG A 1 35  ? -10.809 -11.410 -13.167 1.00 40.87 ? 27   ARG A CG  1 
ATOM   208  C CD  . ARG A 1 35  ? -11.754 -10.232 -13.330 1.00 46.16 ? 27   ARG A CD  1 
ATOM   209  N NE  . ARG A 1 35  ? -11.674 -9.636  -14.646 1.00 57.08 ? 27   ARG A NE  1 
ATOM   210  C CZ  . ARG A 1 35  ? -12.513 -9.893  -15.649 1.00 66.87 ? 27   ARG A CZ  1 
ATOM   211  N NH1 . ARG A 1 35  ? -13.573 -10.690 -15.482 1.00 67.57 ? 27   ARG A NH1 1 
ATOM   212  N NH2 . ARG A 1 35  ? -12.314 -9.288  -16.822 1.00 66.04 ? 27   ARG A NH2 1 
ATOM   213  N N   . ILE A 1 36  ? -6.377  -11.458 -11.648 1.00 24.17 ? 28   ILE A N   1 
ATOM   214  C CA  . ILE A 1 36  ? -5.014  -10.944 -11.425 1.00 24.04 ? 28   ILE A CA  1 
ATOM   215  C C   . ILE A 1 36  ? -4.200  -12.141 -10.928 1.00 23.55 ? 28   ILE A C   1 
ATOM   216  O O   . ILE A 1 36  ? -4.512  -12.698 -9.886  1.00 23.30 ? 28   ILE A O   1 
ATOM   217  C CB  . ILE A 1 36  ? -5.046  -9.857  -10.367 1.00 23.00 ? 28   ILE A CB  1 
ATOM   218  C CG1 . ILE A 1 36  ? -5.993  -8.748  -10.788 1.00 26.47 ? 28   ILE A CG1 1 
ATOM   219  C CG2 . ILE A 1 36  ? -3.594  -9.336  -9.992  1.00 22.20 ? 28   ILE A CG2 1 
ATOM   220  C CD1 . ILE A 1 36  ? -5.385  -7.568  -11.233 1.00 39.63 ? 28   ILE A CD1 1 
ATOM   221  N N   . ALA A 1 37  ? -3.231  -12.601 -11.723 1.00 25.35 ? 29   ALA A N   1 
ATOM   222  C CA  . ALA A 1 37  ? -2.505  -13.823 -11.421 1.00 23.97 ? 29   ALA A CA  1 
ATOM   223  C C   . ALA A 1 37  ? -1.955  -13.918 -9.986  1.00 23.71 ? 29   ALA A C   1 
ATOM   224  O O   . ALA A 1 37  ? -1.939  -15.003 -9.371  1.00 25.25 ? 29   ALA A O   1 
ATOM   225  C CB  . ALA A 1 37  ? -1.362  -14.014 -12.437 1.00 25.71 ? 29   ALA A CB  1 
ATOM   226  N N   . ASN A 1 38  ? -1.354  -12.850 -9.490  1.00 23.24 ? 30   ASN A N   1 
ATOM   227  C CA  . ASN A 1 38  ? -0.746  -12.897 -8.143  1.00 23.57 ? 30   ASN A CA  1 
ATOM   228  C C   . ASN A 1 38  ? -1.670  -12.303 -7.048  1.00 22.12 ? 30   ASN A C   1 
ATOM   229  O O   . ASN A 1 38  ? -1.184  -11.797 -6.026  1.00 21.23 ? 30   ASN A O   1 
ATOM   230  C CB  . ASN A 1 38  ? 0.582   -12.159 -8.143  1.00 22.93 ? 30   ASN A CB  1 
ATOM   231  C CG  . ASN A 1 38  ? 0.393   -10.678 -8.415  1.00 27.50 ? 30   ASN A CG  1 
ATOM   232  O OD1 . ASN A 1 38  ? -0.443  -10.344 -9.239  1.00 27.22 ? 30   ASN A OD1 1 
ATOM   233  N ND2 . ASN A 1 38  ? 1.251   -9.802  -7.828  1.00 27.34 ? 30   ASN A ND2 1 
ATOM   234  N N   . SER A 1 39  ? -2.984  -12.305 -7.289  1.00 22.79 ? 31   SER A N   1 
ATOM   235  C CA  . SER A 1 39  ? -3.941  -11.748 -6.312  1.00 22.63 ? 31   SER A CA  1 
ATOM   236  C C   . SER A 1 39  ? -3.686  -12.229 -4.892  1.00 22.79 ? 31   SER A C   1 
ATOM   237  O O   . SER A 1 39  ? -3.886  -11.457 -3.911  1.00 23.46 ? 31   SER A O   1 
ATOM   238  C CB  . SER A 1 39  ? -5.392  -12.004 -6.730  1.00 24.29 ? 31   SER A CB  1 
ATOM   239  O OG  . SER A 1 39  ? -5.721  -13.360 -6.759  1.00 23.40 ? 31   SER A OG  1 
ATOM   240  N N   . ALA A 1 40  ? -3.310  -13.510 -4.744  1.00 22.21 ? 32   ALA A N   1 
ATOM   241  C CA  . ALA A 1 40  ? -3.089  -14.071 -3.421  1.00 21.66 ? 32   ALA A CA  1 
ATOM   242  C C   . ALA A 1 40  ? -1.932  -13.346 -2.653  1.00 24.45 ? 32   ALA A C   1 
ATOM   243  O O   . ALA A 1 40  ? -2.054  -13.105 -1.450  1.00 23.14 ? 32   ALA A O   1 
ATOM   244  C CB  . ALA A 1 40  ? -2.836  -15.587 -3.504  1.00 21.95 ? 32   ALA A CB  1 
ATOM   245  N N   . ASN A 1 41  ? -0.878  -12.919 -3.363  1.00 22.24 ? 33   ASN A N   1 
ATOM   246  C CA  . ASN A 1 41  ? 0.186   -12.133 -2.744  1.00 21.78 ? 33   ASN A CA  1 
ATOM   247  C C   . ASN A 1 41  ? -0.262  -10.730 -2.349  1.00 22.14 ? 33   ASN A C   1 
ATOM   248  O O   . ASN A 1 41  ? 0.231   -10.178 -1.387  1.00 21.52 ? 33   ASN A O   1 
ATOM   249  C CB  . ASN A 1 41  ? 1.417   -12.037 -3.677  1.00 22.37 ? 33   ASN A CB  1 
ATOM   250  C CG  . ASN A 1 41  ? 2.304   -13.272 -3.614  1.00 22.89 ? 33   ASN A CG  1 
ATOM   251  O OD1 . ASN A 1 41  ? 2.050   -14.200 -2.824  1.00 24.67 ? 33   ASN A OD1 1 
ATOM   252  N ND2 . ASN A 1 41  ? 3.401   -13.274 -4.420  1.00 21.51 ? 33   ASN A ND2 1 
ATOM   253  N N   . CYS A 1 42  ? -1.206  -10.159 -3.098  1.00 21.17 ? 34   CYS A N   1 
ATOM   254  C CA  . CYS A 1 42  ? -1.676  -8.815  -2.858  1.00 22.27 ? 34   CYS A CA  1 
ATOM   255  C C   . CYS A 1 42  ? -2.533  -8.795  -1.583  1.00 21.76 ? 34   CYS A C   1 
ATOM   256  O O   . CYS A 1 42  ? -2.362  -7.929  -0.731  1.00 22.02 ? 34   CYS A O   1 
ATOM   257  C CB  . CYS A 1 42  ? -2.447  -8.298  -4.092  1.00 24.17 ? 34   CYS A CB  1 
ATOM   258  S SG  . CYS A 1 42  ? -1.398  -8.209  -5.547  1.00 23.02 ? 34   CYS A SG  1 
ATOM   259  N N   . VAL A 1 43  ? -3.309  -9.859  -1.390  1.00 21.24 ? 35   VAL A N   1 
ATOM   260  C CA  . VAL A 1 43  ? -3.984  -10.099 -0.128  1.00 22.46 ? 35   VAL A CA  1 
ATOM   261  C C   . VAL A 1 43  ? -2.991  -10.286 1.030   1.00 21.45 ? 35   VAL A C   1 
ATOM   262  O O   . VAL A 1 43  ? -3.177  -9.671  2.092   1.00 20.44 ? 35   VAL A O   1 
ATOM   263  C CB  . VAL A 1 43  ? -4.942  -11.294 -0.237  1.00 22.49 ? 35   VAL A CB  1 
ATOM   264  C CG1 . VAL A 1 43  ? -5.363  -11.789 1.147   1.00 25.93 ? 35   VAL A CG1 1 
ATOM   265  C CG2 . VAL A 1 43  ? -6.133  -10.884 -1.068  1.00 24.42 ? 35   VAL A CG2 1 
ATOM   266  N N   . PHE A 1 44  ? -1.983  -11.154 0.836   1.00 22.27 ? 36   PHE A N   1 
ATOM   267  C CA  . PHE A 1 44  ? -0.904  -11.378 1.815   1.00 22.26 ? 36   PHE A CA  1 
ATOM   268  C C   . PHE A 1 44  ? -0.213  -10.089 2.262   1.00 20.97 ? 36   PHE A C   1 
ATOM   269  O O   . PHE A 1 44  ? 0.010   -9.894  3.479   1.00 20.34 ? 36   PHE A O   1 
ATOM   270  C CB  . PHE A 1 44  ? 0.137   -12.406 1.260   1.00 21.89 ? 36   PHE A CB  1 
ATOM   271  C CG  . PHE A 1 44  ? 1.364   -12.602 2.135   1.00 21.97 ? 36   PHE A CG  1 
ATOM   272  C CD1 . PHE A 1 44  ? 1.393   -13.537 3.138   1.00 29.08 ? 36   PHE A CD1 1 
ATOM   273  C CD2 . PHE A 1 44  ? 2.514   -11.876 1.909   1.00 23.06 ? 36   PHE A CD2 1 
ATOM   274  C CE1 . PHE A 1 44  ? 2.548   -13.721 3.885   1.00 21.79 ? 36   PHE A CE1 1 
ATOM   275  C CE2 . PHE A 1 44  ? 3.659   -12.096 2.611   1.00 22.32 ? 36   PHE A CE2 1 
ATOM   276  C CZ  . PHE A 1 44  ? 3.685   -12.969 3.609   1.00 20.90 ? 36   PHE A CZ  1 
ATOM   277  N N   . VAL A 1 45  ? 0.100   -9.217  1.289   1.00 22.15 ? 37   VAL A N   1 
ATOM   278  C CA  . VAL A 1 45  ? 0.725   -7.935  1.560   1.00 21.23 ? 37   VAL A CA  1 
ATOM   279  C C   . VAL A 1 45  ? -0.244  -7.003  2.321   1.00 21.22 ? 37   VAL A C   1 
ATOM   280  O O   . VAL A 1 45  ? 0.164   -6.290  3.258   1.00 20.20 ? 37   VAL A O   1 
ATOM   281  C CB  . VAL A 1 45  ? 1.297   -7.253  0.274   1.00 18.58 ? 37   VAL A CB  1 
ATOM   282  C CG1 . VAL A 1 45  ? 1.677   -5.819  0.523   1.00 21.58 ? 37   VAL A CG1 1 
ATOM   283  C CG2 . VAL A 1 45  ? 2.490   -8.007  -0.232  1.00 23.57 ? 37   VAL A CG2 1 
ATOM   284  N N   . ALA A 1 46  ? -1.522  -7.034  1.960   1.00 21.54 ? 38   ALA A N   1 
ATOM   285  C CA  . ALA A 1 46  ? -2.539  -6.255  2.681   1.00 22.54 ? 38   ALA A CA  1 
ATOM   286  C C   . ALA A 1 46  ? -2.605  -6.638  4.176   1.00 22.81 ? 38   ALA A C   1 
ATOM   287  O O   . ALA A 1 46  ? -2.636  -5.762  5.062   1.00 24.59 ? 38   ALA A O   1 
ATOM   288  C CB  . ALA A 1 46  ? -3.911  -6.396  2.020   1.00 23.69 ? 38   ALA A CB  1 
ATOM   289  N N   . ASN A 1 47  ? -2.546  -7.940  4.430   1.00 22.69 ? 39   ASN A N   1 
ATOM   290  C CA  . ASN A 1 47  ? -2.498  -8.495  5.777   1.00 21.84 ? 39   ASN A CA  1 
ATOM   291  C C   . ASN A 1 47  ? -1.220  -8.218  6.564   1.00 23.53 ? 39   ASN A C   1 
ATOM   292  O O   . ASN A 1 47  ? -1.253  -7.894  7.754   1.00 22.70 ? 39   ASN A O   1 
ATOM   293  C CB  . ASN A 1 47  ? -2.782  -9.990  5.730   1.00 25.84 ? 39   ASN A CB  1 
ATOM   294  C CG  . ASN A 1 47  ? -4.251  -10.294 5.517   1.00 23.73 ? 39   ASN A CG  1 
ATOM   295  O OD1 . ASN A 1 47  ? -5.110  -9.493  5.897   1.00 26.88 ? 39   ASN A OD1 1 
ATOM   296  N ND2 . ASN A 1 47  ? -4.548  -11.403 4.810   1.00 23.06 ? 39   ASN A ND2 1 
ATOM   297  N N   . ARG A 1 48  ? -0.095  -8.231  5.864   1.00 21.98 ? 40   ARG A N   1 
ATOM   298  C CA  . ARG A 1 48  ? 1.168   -7.888  6.471   1.00 23.13 ? 40   ARG A CA  1 
ATOM   299  C C   . ARG A 1 48  ? 1.175   -6.435  6.942   1.00 23.72 ? 40   ARG A C   1 
ATOM   300  O O   . ARG A 1 48  ? 1.614   -6.110  8.066   1.00 23.51 ? 40   ARG A O   1 
ATOM   301  C CB  . ARG A 1 48  ? 2.286   -8.132  5.443   1.00 20.72 ? 40   ARG A CB  1 
ATOM   302  C CG  . ARG A 1 48  ? 3.613   -7.590  5.852   1.00 22.71 ? 40   ARG A CG  1 
ATOM   303  C CD  . ARG A 1 48  ? 4.706   -8.103  4.939   1.00 22.08 ? 40   ARG A CD  1 
ATOM   304  N NE  . ARG A 1 48  ? 5.061   -9.483  5.232   1.00 17.62 ? 40   ARG A NE  1 
ATOM   305  C CZ  . ARG A 1 48  ? 6.031   -10.147 4.606   1.00 21.29 ? 40   ARG A CZ  1 
ATOM   306  N NH1 . ARG A 1 48  ? 6.735   -9.554  3.621   1.00 22.94 ? 40   ARG A NH1 1 
ATOM   307  N NH2 . ARG A 1 48  ? 6.374   -11.358 5.034   1.00 25.32 ? 40   ARG A NH2 1 
ATOM   308  N N   . PHE A 1 49  ? 0.756   -5.538  6.058   1.00 20.92 ? 41   PHE A N   1 
ATOM   309  C CA  . PHE A 1 49  ? 0.678   -4.107  6.425   1.00 24.07 ? 41   PHE A CA  1 
ATOM   310  C C   . PHE A 1 49  ? -0.415  -3.795  7.444   1.00 25.47 ? 41   PHE A C   1 
ATOM   311  O O   . PHE A 1 49  ? -0.259  -2.887  8.272   1.00 24.57 ? 41   PHE A O   1 
ATOM   312  C CB  . PHE A 1 49  ? 0.502   -3.239  5.184   1.00 22.84 ? 41   PHE A CB  1 
ATOM   313  C CG  . PHE A 1 49  ? 1.707   -3.255  4.236   1.00 23.80 ? 41   PHE A CG  1 
ATOM   314  C CD1 . PHE A 1 49  ? 2.991   -3.201  4.717   1.00 27.22 ? 41   PHE A CD1 1 
ATOM   315  C CD2 . PHE A 1 49  ? 1.514   -3.103  2.867   1.00 22.89 ? 41   PHE A CD2 1 
ATOM   316  C CE1 . PHE A 1 49  ? 4.093   -3.135  3.838   1.00 25.26 ? 41   PHE A CE1 1 
ATOM   317  C CE2 . PHE A 1 49  ? 2.585   -3.048  1.984   1.00 22.12 ? 41   PHE A CE2 1 
ATOM   318  C CZ  . PHE A 1 49  ? 3.877   -3.059  2.471   1.00 22.27 ? 41   PHE A CZ  1 
ATOM   319  N N   . ALA A 1 50  ? -1.482  -4.598  7.436   1.00 25.85 ? 42   ALA A N   1 
ATOM   320  C CA  . ALA A 1 50  ? -2.506  -4.492  8.493   1.00 25.79 ? 42   ALA A CA  1 
ATOM   321  C C   . ALA A 1 50  ? -1.890  -4.805  9.843   1.00 25.49 ? 42   ALA A C   1 
ATOM   322  O O   . ALA A 1 50  ? -2.089  -4.044  10.783  1.00 24.55 ? 42   ALA A O   1 
ATOM   323  C CB  . ALA A 1 50  ? -3.718  -5.395  8.210   1.00 26.18 ? 42   ALA A CB  1 
ATOM   324  N N   . GLY A 1 51  ? -1.100  -5.880  9.923   1.00 24.73 ? 43   GLY A N   1 
ATOM   325  C CA  . GLY A 1 51  ? -0.404  -6.233  11.144  1.00 25.09 ? 43   GLY A CA  1 
ATOM   326  C C   . GLY A 1 51  ? 0.616   -5.182  11.563  1.00 25.75 ? 43   GLY A C   1 
ATOM   327  O O   . GLY A 1 51  ? 0.731   -4.822  12.741  1.00 22.81 ? 43   GLY A O   1 
ATOM   328  N N   . LEU A 1 52  ? 1.381   -4.671  10.607  1.00 22.63 ? 44   LEU A N   1 
ATOM   329  C CA  . LEU A 1 52  ? 2.295   -3.580  10.904  1.00 24.04 ? 44   LEU A CA  1 
ATOM   330  C C   . LEU A 1 52  ? 1.590   -2.311  11.454  1.00 21.79 ? 44   LEU A C   1 
ATOM   331  O O   . LEU A 1 52  ? 1.991   -1.749  12.488  1.00 24.52 ? 44   LEU A O   1 
ATOM   332  C CB  . LEU A 1 52  ? 3.110   -3.251  9.648   1.00 22.76 ? 44   LEU A CB  1 
ATOM   333  C CG  . LEU A 1 52  ? 4.164   -2.147  9.845   1.00 25.08 ? 44   LEU A CG  1 
ATOM   334  C CD1 . LEU A 1 52  ? 5.157   -2.528  10.928  1.00 24.55 ? 44   LEU A CD1 1 
ATOM   335  C CD2 . LEU A 1 52  ? 4.827   -1.824  8.518   1.00 28.85 ? 44   LEU A CD2 1 
ATOM   336  N N   . HIS A 1 53  ? 0.584   -1.847  10.733  1.00 24.33 ? 45   HIS A N   1 
ATOM   337  C CA  . HIS A 1 53  ? -0.237  -0.712  11.107  1.00 24.56 ? 45   HIS A CA  1 
ATOM   338  C C   . HIS A 1 53  ? -0.747  -0.846  12.559  1.00 27.22 ? 45   HIS A C   1 
ATOM   339  O O   . HIS A 1 53  ? -0.672  0.101   13.361  1.00 22.31 ? 45   HIS A O   1 
ATOM   340  C CB  . HIS A 1 53  ? -1.433  -0.608  10.144  1.00 24.59 ? 45   HIS A CB  1 
ATOM   341  C CG  . HIS A 1 53  ? -2.579  0.211   10.667  1.00 27.83 ? 45   HIS A CG  1 
ATOM   342  N ND1 . HIS A 1 53  ? -2.634  1.588   10.542  1.00 21.35 ? 45   HIS A ND1 1 
ATOM   343  C CD2 . HIS A 1 53  ? -3.721  -0.158  11.298  1.00 24.11 ? 45   HIS A CD2 1 
ATOM   344  C CE1 . HIS A 1 53  ? -3.793  2.012   11.003  1.00 27.79 ? 45   HIS A CE1 1 
ATOM   345  N NE2 . HIS A 1 53  ? -4.451  0.981   11.510  1.00 25.49 ? 45   HIS A NE2 1 
ATOM   346  N N   . THR A 1 54  ? -1.260  -2.028  12.889  1.00 24.89 ? 46   THR A N   1 
ATOM   347  C CA  . THR A 1 54  ? -1.777  -2.295  14.259  1.00 28.32 ? 46   THR A CA  1 
ATOM   348  C C   . THR A 1 54  ? -0.683  -2.266  15.323  1.00 26.04 ? 46   THR A C   1 
ATOM   349  O O   . THR A 1 54  ? -0.874  -1.642  16.375  1.00 26.72 ? 46   THR A O   1 
ATOM   350  C CB  . THR A 1 54  ? -2.593  -3.607  14.276  1.00 23.80 ? 46   THR A CB  1 
ATOM   351  O OG1 . THR A 1 54  ? -3.738  -3.393  13.439  1.00 28.28 ? 46   THR A OG1 1 
ATOM   352  C CG2 . THR A 1 54  ? -3.034  -3.990  15.691  1.00 28.76 ? 46   THR A CG2 1 
ATOM   353  N N   . ALA A 1 55  ? 0.512   -2.745  14.972  1.00 26.38 ? 47   ALA A N   1 
ATOM   354  C CA  . ALA A 1 55  ? 1.677   -2.654  15.879  1.00 26.41 ? 47   ALA A CA  1 
ATOM   355  C C   . ALA A 1 55  ? 2.183   -1.215  16.090  1.00 29.03 ? 47   ALA A C   1 
ATOM   356  O O   . ALA A 1 55  ? 2.620   -0.842  17.218  1.00 26.39 ? 47   ALA A O   1 
ATOM   357  C CB  . ALA A 1 55  ? 2.808   -3.509  15.372  1.00 27.61 ? 47   ALA A CB  1 
ATOM   358  N N   . LEU A 1 56  ? 2.182   -0.411  15.018  1.00 26.77 ? 48   LEU A N   1 
ATOM   359  C CA  . LEU A 1 56  ? 2.682   0.956   15.117  1.00 28.21 ? 48   LEU A CA  1 
ATOM   360  C C   . LEU A 1 56  ? 1.721   1.872   15.907  1.00 27.96 ? 48   LEU A C   1 
ATOM   361  O O   . LEU A 1 56  ? 2.139   2.823   16.588  1.00 27.52 ? 48   LEU A O   1 
ATOM   362  C CB  . LEU A 1 56  ? 2.989   1.517   13.729  1.00 28.45 ? 48   LEU A CB  1 
ATOM   363  C CG  . LEU A 1 56  ? 3.964   0.763   12.811  1.00 29.24 ? 48   LEU A CG  1 
ATOM   364  C CD1 . LEU A 1 56  ? 4.122   1.507   11.456  1.00 31.66 ? 48   LEU A CD1 1 
ATOM   365  C CD2 . LEU A 1 56  ? 5.283   0.569   13.489  1.00 33.65 ? 48   LEU A CD2 1 
ATOM   366  N N   . GLY A 1 57  ? 0.435   1.618   15.757  1.00 28.36 ? 49   GLY A N   1 
ATOM   367  C CA  . GLY A 1 57  ? -0.570  2.396   16.417  1.00 28.13 ? 49   GLY A CA  1 
ATOM   368  C C   . GLY A 1 57  ? -0.981  3.657   15.697  1.00 26.78 ? 49   GLY A C   1 
ATOM   369  O O   . GLY A 1 57  ? -0.334  4.095   14.752  1.00 24.89 ? 49   GLY A O   1 
ATOM   370  N N   . THR A 1 58  ? -2.069  4.258   16.161  1.00 28.40 ? 50   THR A N   1 
ATOM   371  C CA  . THR A 1 58  ? -2.662  5.414   15.450  1.00 29.97 ? 50   THR A CA  1 
ATOM   372  C C   . THR A 1 58  ? -1.838  6.646   15.558  1.00 28.20 ? 50   THR A C   1 
ATOM   373  O O   . THR A 1 58  ? -1.965  7.540   14.743  1.00 31.33 ? 50   THR A O   1 
ATOM   374  C CB  . THR A 1 58  ? -4.094  5.748   15.944  1.00 34.48 ? 50   THR A CB  1 
ATOM   375  O OG1 . THR A 1 58  ? -4.110  5.867   17.370  1.00 42.58 ? 50   THR A OG1 1 
ATOM   376  C CG2 . THR A 1 58  ? -5.035  4.639   15.521  1.00 38.94 ? 50   THR A CG2 1 
ATOM   377  N N   . ALA A 1 59  ? -0.904  6.668   16.494  1.00 26.18 ? 51   ALA A N   1 
ATOM   378  C CA  . ALA A 1 59  ? 0.082   7.753   16.515  1.00 26.59 ? 51   ALA A CA  1 
ATOM   379  C C   . ALA A 1 59  ? 0.916   7.809   15.252  1.00 27.44 ? 51   ALA A C   1 
ATOM   380  O O   . ALA A 1 59  ? 1.322   8.875   14.839  1.00 29.82 ? 51   ALA A O   1 
ATOM   381  C CB  . ALA A 1 59  ? 0.990   7.623   17.733  1.00 27.59 ? 51   ALA A CB  1 
ATOM   382  N N   . HIS A 1 60  ? 1.134   6.671   14.602  1.00 26.00 ? 52   HIS A N   1 
ATOM   383  C CA  . HIS A 1 60  ? 2.138   6.607   13.550  1.00 24.24 ? 52   HIS A CA  1 
ATOM   384  C C   . HIS A 1 60  ? 1.633   6.080   12.211  1.00 24.73 ? 52   HIS A C   1 
ATOM   385  O O   . HIS A 1 60  ? 2.362   6.142   11.212  1.00 27.32 ? 52   HIS A O   1 
ATOM   386  C CB  . HIS A 1 60  ? 3.274   5.736   14.024  1.00 23.61 ? 52   HIS A CB  1 
ATOM   387  C CG  . HIS A 1 60  ? 3.881   6.193   15.317  1.00 23.29 ? 52   HIS A CG  1 
ATOM   388  N ND1 . HIS A 1 60  ? 4.453   7.441   15.472  1.00 21.92 ? 52   HIS A ND1 1 
ATOM   389  C CD2 . HIS A 1 60  ? 4.103   5.530   16.476  1.00 24.10 ? 52   HIS A CD2 1 
ATOM   390  C CE1 . HIS A 1 60  ? 4.914   7.554   16.707  1.00 26.42 ? 52   HIS A CE1 1 
ATOM   391  N NE2 . HIS A 1 60  ? 4.756   6.396   17.324  1.00 23.28 ? 52   HIS A NE2 1 
ATOM   392  N N   . SER A 1 61  ? 0.402   5.574   12.186  1.00 24.77 ? 53   SER A N   1 
ATOM   393  C CA  . SER A 1 61  ? -0.089  4.848   11.018  1.00 25.00 ? 53   SER A CA  1 
ATOM   394  C C   . SER A 1 61  ? -1.569  5.074   10.821  1.00 25.37 ? 53   SER A C   1 
ATOM   395  O O   . SER A 1 61  ? -2.326  5.025   11.806  1.00 24.48 ? 53   SER A O   1 
ATOM   396  C CB  . SER A 1 61  ? 0.224   3.338   11.169  1.00 26.01 ? 53   SER A CB  1 
ATOM   397  O OG  . SER A 1 61  ? -0.198  2.612   10.031  1.00 28.83 ? 53   SER A OG  1 
ATOM   398  N N   . VAL A 1 62  ? -1.969  5.203   9.540   1.00 23.70 ? 54   VAL A N   1 
ATOM   399  C CA  . VAL A 1 62  ? -3.350  5.224   9.103   1.00 23.84 ? 54   VAL A CA  1 
ATOM   400  C C   . VAL A 1 62  ? -3.505  4.253   7.935   1.00 24.69 ? 54   VAL A C   1 
ATOM   401  O O   . VAL A 1 62  ? -2.587  4.084   7.140   1.00 23.14 ? 54   VAL A O   1 
ATOM   402  C CB  . VAL A 1 62  ? -3.831  6.662   8.743   1.00 25.80 ? 54   VAL A CB  1 
ATOM   403  C CG1 . VAL A 1 62  ? -3.026  7.252   7.639   1.00 31.54 ? 54   VAL A CG1 1 
ATOM   404  C CG2 . VAL A 1 62  ? -5.343  6.685   8.419   1.00 29.27 ? 54   VAL A CG2 1 
ATOM   405  N N   . TYR A 1 63  ? -4.597  3.488   7.945   1.00 23.26 ? 55   TYR A N   1 
ATOM   406  C CA  . TYR A 1 63  ? -4.844  2.437   6.939   1.00 23.63 ? 55   TYR A CA  1 
ATOM   407  C C   . TYR A 1 63  ? -6.102  2.815   6.151   1.00 25.42 ? 55   TYR A C   1 
ATOM   408  O O   . TYR A 1 63  ? -7.224  2.794   6.698   1.00 26.15 ? 55   TYR A O   1 
ATOM   409  C CB  . TYR A 1 63  ? -5.018  1.082   7.658   1.00 20.75 ? 55   TYR A CB  1 
ATOM   410  C CG  . TYR A 1 63  ? -4.811  -0.157  6.824   1.00 21.35 ? 55   TYR A CG  1 
ATOM   411  C CD1 . TYR A 1 63  ? -5.812  -0.619  5.950   1.00 22.00 ? 55   TYR A CD1 1 
ATOM   412  C CD2 . TYR A 1 63  ? -3.617  -0.867  6.878   1.00 20.85 ? 55   TYR A CD2 1 
ATOM   413  C CE1 . TYR A 1 63  ? -5.620  -1.725  5.151   1.00 22.84 ? 55   TYR A CE1 1 
ATOM   414  C CE2 . TYR A 1 63  ? -3.436  -2.015  6.087   1.00 19.44 ? 55   TYR A CE2 1 
ATOM   415  C CZ  . TYR A 1 63  ? -4.466  -2.448  5.252   1.00 23.20 ? 55   TYR A CZ  1 
ATOM   416  O OH  . TYR A 1 63  ? -4.296  -3.573  4.477   1.00 22.75 ? 55   TYR A OH  1 
ATOM   417  N N   . ILE A 1 64  ? -5.892  3.098   4.866   1.00 24.27 ? 56   ILE A N   1 
ATOM   418  C CA  . ILE A 1 64  ? -6.887  3.587   3.941   1.00 25.32 ? 56   ILE A CA  1 
ATOM   419  C C   . ILE A 1 64  ? -7.140  2.591   2.824   1.00 25.36 ? 56   ILE A C   1 
ATOM   420  O O   . ILE A 1 64  ? -6.205  2.118   2.159   1.00 24.04 ? 56   ILE A O   1 
ATOM   421  C CB  . ILE A 1 64  ? -6.425  4.961   3.338   1.00 21.04 ? 56   ILE A CB  1 
ATOM   422  C CG1 . ILE A 1 64  ? -6.110  5.881   4.509   1.00 25.73 ? 56   ILE A CG1 1 
ATOM   423  C CG2 . ILE A 1 64  ? -7.455  5.487   2.329   1.00 25.67 ? 56   ILE A CG2 1 
ATOM   424  C CD1 . ILE A 1 64  ? -5.936  7.262   4.191   1.00 37.67 ? 56   ILE A CD1 1 
ATOM   425  N N   . VAL A 1 65  ? -8.407  2.200   2.696   1.00 25.14 ? 57   VAL A N   1 
ATOM   426  C CA  . VAL A 1 65  ? -8.859  1.241   1.691   1.00 26.56 ? 57   VAL A CA  1 
ATOM   427  C C   . VAL A 1 65  ? -9.838  1.937   0.742   1.00 25.80 ? 57   VAL A C   1 
ATOM   428  O O   . VAL A 1 65  ? -10.764 2.660   1.176   1.00 23.91 ? 57   VAL A O   1 
ATOM   429  C CB  . VAL A 1 65  ? -9.576  0.050   2.346   1.00 29.95 ? 57   VAL A CB  1 
ATOM   430  C CG1 . VAL A 1 65  ? -9.899  -1.007  1.319   1.00 31.32 ? 57   VAL A CG1 1 
ATOM   431  C CG2 . VAL A 1 65  ? -8.722  -0.526  3.503   1.00 31.36 ? 57   VAL A CG2 1 
ATOM   432  N N   . THR A 1 66  ? -9.633  1.737   -0.554  1.00 24.97 ? 58   THR A N   1 
ATOM   433  C CA  . THR A 1 66  ? -10.644 2.134   -1.527  1.00 24.84 ? 58   THR A CA  1 
ATOM   434  C C   . THR A 1 66  ? -11.209 0.911   -2.239  1.00 23.45 ? 58   THR A C   1 
ATOM   435  O O   . THR A 1 66  ? -10.603 -0.161  -2.275  1.00 25.02 ? 58   THR A O   1 
ATOM   436  C CB  . THR A 1 66  ? -10.100 3.118   -2.566  1.00 25.74 ? 58   THR A CB  1 
ATOM   437  O OG1 . THR A 1 66  ? -8.949  2.544   -3.226  1.00 25.57 ? 58   THR A OG1 1 
ATOM   438  C CG2 . THR A 1 66  ? -9.757  4.427   -1.891  1.00 26.62 ? 58   THR A CG2 1 
ATOM   439  N N   . GLU A 1 67  ? -12.441 1.063   -2.698  1.00 20.80 ? 59   GLU A N   1 
ATOM   440  C CA  . GLU A 1 67  ? -13.096 0.072   -3.516  1.00 24.61 ? 59   GLU A CA  1 
ATOM   441  C C   . GLU A 1 67  ? -13.633 0.781   -4.719  1.00 23.21 ? 59   GLU A C   1 
ATOM   442  O O   . GLU A 1 67  ? -14.393 1.762   -4.594  1.00 23.50 ? 59   GLU A O   1 
ATOM   443  C CB  . GLU A 1 67  ? -14.197 -0.591  -2.712  1.00 23.10 ? 59   GLU A CB  1 
ATOM   444  C CG  . GLU A 1 67  ? -13.677 -1.303  -1.452  1.00 26.34 ? 59   GLU A CG  1 
ATOM   445  C CD  . GLU A 1 67  ? -14.753 -1.927  -0.562  1.00 27.96 ? 59   GLU A CD  1 
ATOM   446  O OE1 . GLU A 1 67  ? -15.905 -1.474  -0.621  1.00 28.61 ? 59   GLU A OE1 1 
ATOM   447  O OE2 . GLU A 1 67  ? -14.404 -2.801  0.297   1.00 28.36 ? 59   GLU A OE2 1 
ATOM   448  N N   . GLN A 1 68  ? -13.231 0.307   -5.883  1.00 23.35 ? 60   GLN A N   1 
ATOM   449  C CA  . GLN A 1 68  ? -13.715 0.833   -7.159  1.00 26.32 ? 60   GLN A CA  1 
ATOM   450  C C   . GLN A 1 68  ? -15.087 0.248   -7.461  1.00 27.61 ? 60   GLN A C   1 
ATOM   451  O O   . GLN A 1 68  ? -15.263 -0.969  -7.426  1.00 27.95 ? 60   GLN A O   1 
ATOM   452  C CB  . GLN A 1 68  ? -12.777 0.466   -8.295  1.00 25.17 ? 60   GLN A CB  1 
ATOM   453  C CG  . GLN A 1 68  ? -13.198 0.946   -9.657  1.00 27.09 ? 60   GLN A CG  1 
ATOM   454  C CD  . GLN A 1 68  ? -12.948 2.429   -9.882  1.00 29.36 ? 60   GLN A CD  1 
ATOM   455  O OE1 . GLN A 1 68  ? -12.240 3.078   -9.097  1.00 29.52 ? 60   GLN A OE1 1 
ATOM   456  N NE2 . GLN A 1 68  ? -13.452 2.951   -11.008 1.00 28.12 ? 60   GLN A NE2 1 
ATOM   457  N N   . TYR A 1 69  ? -16.093 1.112   -7.527  1.00 31.29 ? 61   TYR A N   1 
ATOM   458  C CA  . TYR A 1 69  ? -17.432 0.689   -7.905  1.00 28.93 ? 61   TYR A CA  1 
ATOM   459  C C   . TYR A 1 69  ? -17.811 -0.708  -7.325  1.00 31.27 ? 61   TYR A C   1 
ATOM   460  O O   . TYR A 1 69  ? -18.070 -1.680  -8.094  1.00 30.53 ? 61   TYR A O   1 
ATOM   461  C CB  . TYR A 1 69  ? -17.538 0.679   -9.437  1.00 34.20 ? 61   TYR A CB  1 
ATOM   462  C CG  . TYR A 1 69  ? -18.925 0.365   -9.923  1.00 33.20 ? 61   TYR A CG  1 
ATOM   463  C CD1 . TYR A 1 69  ? -20.014 1.099   -9.455  1.00 38.91 ? 61   TYR A CD1 1 
ATOM   464  C CD2 . TYR A 1 69  ? -19.142 -0.580  -10.898 1.00 39.42 ? 61   TYR A CD2 1 
ATOM   465  C CE1 . TYR A 1 69  ? -21.306 0.771   -9.810  1.00 46.46 ? 61   TYR A CE1 1 
ATOM   466  C CE2 . TYR A 1 69  ? -20.432 -0.882  -11.320 1.00 41.62 ? 61   TYR A CE2 1 
ATOM   467  C CZ  . TYR A 1 69  ? -21.510 -0.197  -10.771 1.00 47.62 ? 61   TYR A CZ  1 
ATOM   468  O OH  . TYR A 1 69  ? -22.793 -0.481  -11.170 1.00 49.54 ? 61   TYR A OH  1 
ATOM   469  N N   . PRO A 1 70  ? -17.865 -0.817  -5.988  1.00 31.20 ? 62   PRO A N   1 
ATOM   470  C CA  . PRO A 1 70  ? -18.058 -2.146  -5.372  1.00 32.23 ? 62   PRO A CA  1 
ATOM   471  C C   . PRO A 1 70  ? -19.415 -2.785  -5.697  1.00 35.51 ? 62   PRO A C   1 
ATOM   472  O O   . PRO A 1 70  ? -19.536 -4.006  -5.623  1.00 34.28 ? 62   PRO A O   1 
ATOM   473  C CB  . PRO A 1 70  ? -17.948 -1.874  -3.872  1.00 32.54 ? 62   PRO A CB  1 
ATOM   474  C CG  . PRO A 1 70  ? -18.250 -0.396  -3.710  1.00 33.66 ? 62   PRO A CG  1 
ATOM   475  C CD  . PRO A 1 70  ? -17.659 0.238   -4.971  1.00 32.88 ? 62   PRO A CD  1 
ATOM   476  N N   . LYS A 1 71  ? -20.379 -1.987  -6.145  1.00 38.84 ? 63   LYS A N   1 
ATOM   477  C CA  . LYS A 1 71  ? -21.652 -2.535  -6.589  1.00 40.53 ? 63   LYS A CA  1 
ATOM   478  C C   . LYS A 1 71  ? -21.403 -3.504  -7.739  1.00 40.10 ? 63   LYS A C   1 
ATOM   479  O O   . LYS A 1 71  ? -22.055 -4.542  -7.820  1.00 39.62 ? 63   LYS A O   1 
ATOM   480  C CB  . LYS A 1 71  ? -22.606 -1.424  -7.021  1.00 43.28 ? 63   LYS A CB  1 
ATOM   481  C CG  . LYS A 1 71  ? -24.090 -1.759  -6.838  1.00 46.66 ? 63   LYS A CG  1 
ATOM   482  C CD  . LYS A 1 71  ? -24.994 -0.487  -6.950  1.00 50.96 ? 63   LYS A CD  1 
ATOM   483  C CE  . LYS A 1 71  ? -24.762 0.551   -5.779  1.00 59.66 ? 63   LYS A CE  1 
ATOM   484  N NZ  . LYS A 1 71  ? -23.737 1.642   -6.092  1.00 57.61 ? 63   LYS A NZ  1 
ATOM   485  N N   . GLY A 1 72  ? -20.437 -3.174  -8.592  1.00 38.09 ? 64   GLY A N   1 
ATOM   486  C CA  . GLY A 1 72  ? -20.083 -4.011  -9.728  1.00 38.13 ? 64   GLY A CA  1 
ATOM   487  C C   . GLY A 1 72  ? -18.889 -4.936  -9.503  1.00 38.01 ? 64   GLY A C   1 
ATOM   488  O O   . GLY A 1 72  ? -18.830 -6.022  -10.084 1.00 37.19 ? 64   GLY A O   1 
ATOM   489  N N   . LEU A 1 73  ? -17.913 -4.502  -8.707  1.00 33.82 ? 65   LEU A N   1 
ATOM   490  C CA  . LEU A 1 73  ? -16.643 -5.213  -8.630  1.00 33.27 ? 65   LEU A CA  1 
ATOM   491  C C   . LEU A 1 73  ? -16.452 -5.963  -7.323  1.00 33.13 ? 65   LEU A C   1 
ATOM   492  O O   . LEU A 1 73  ? -15.396 -6.565  -7.112  1.00 34.19 ? 65   LEU A O   1 
ATOM   493  C CB  . LEU A 1 73  ? -15.494 -4.227  -8.831  1.00 32.76 ? 65   LEU A CB  1 
ATOM   494  C CG  . LEU A 1 73  ? -15.472 -3.476  -10.158 1.00 37.53 ? 65   LEU A CG  1 
ATOM   495  C CD1 . LEU A 1 73  ? -14.178 -2.653  -10.273 1.00 40.31 ? 65   LEU A CD1 1 
ATOM   496  C CD2 . LEU A 1 73  ? -15.561 -4.449  -11.286 1.00 46.26 ? 65   LEU A CD2 1 
ATOM   497  N N   . GLY A 1 74  ? -17.426 -5.835  -6.408  1.00 30.77 ? 66   GLY A N   1 
ATOM   498  C CA  . GLY A 1 74  ? -17.400 -6.491  -5.124  1.00 30.31 ? 66   GLY A CA  1 
ATOM   499  C C   . GLY A 1 74  ? -16.672 -5.706  -4.035  1.00 30.57 ? 66   GLY A C   1 
ATOM   500  O O   . GLY A 1 74  ? -15.979 -4.686  -4.281  1.00 28.82 ? 66   GLY A O   1 
ATOM   501  N N   . ALA A 1 75  ? -16.821 -6.178  -2.812  1.00 27.82 ? 67   ALA A N   1 
ATOM   502  C CA  . ALA A 1 75  ? -16.083 -5.569  -1.694  1.00 29.65 ? 67   ALA A CA  1 
ATOM   503  C C   . ALA A 1 75  ? -14.630 -5.960  -1.760  1.00 26.60 ? 67   ALA A C   1 
ATOM   504  O O   . ALA A 1 75  ? -14.257 -6.902  -2.473  1.00 28.78 ? 67   ALA A O   1 
ATOM   505  C CB  . ALA A 1 75  ? -16.682 -6.017  -0.354  1.00 30.63 ? 67   ALA A CB  1 
ATOM   506  N N   . THR A 1 76  ? -13.845 -5.335  -0.899  1.00 29.05 ? 68   THR A N   1 
ATOM   507  C CA  . THR A 1 76  ? -12.495 -5.780  -0.583  1.00 27.22 ? 68   THR A CA  1 
ATOM   508  C C   . THR A 1 76  ? -12.525 -7.278  -0.229  1.00 28.99 ? 68   THR A C   1 
ATOM   509  O O   . THR A 1 76  ? -13.466 -7.759  0.430   1.00 23.17 ? 68   THR A O   1 
ATOM   510  C CB  . THR A 1 76  ? -11.919 -4.911  0.572   1.00 29.62 ? 68   THR A CB  1 
ATOM   511  O OG1 . THR A 1 76  ? -11.807 -3.555  0.117   1.00 31.15 ? 68   THR A OG1 1 
ATOM   512  C CG2 . THR A 1 76  ? -10.528 -5.398  1.053   1.00 27.80 ? 68   THR A CG2 1 
ATOM   513  N N   . SER A 1 77  ? -11.530 -8.022  -0.709  1.00 27.11 ? 69   SER A N   1 
ATOM   514  C CA  . SER A 1 77  ? -11.491 -9.450  -0.510  1.00 26.98 ? 69   SER A CA  1 
ATOM   515  C C   . SER A 1 77  ? -11.671 -9.848  0.940   1.00 28.25 ? 69   SER A C   1 
ATOM   516  O O   . SER A 1 77  ? -10.998 -9.326  1.814   1.00 28.89 ? 69   SER A O   1 
ATOM   517  C CB  . SER A 1 77  ? -10.171 -10.064 -1.051  1.00 28.19 ? 69   SER A CB  1 
ATOM   518  O OG  . SER A 1 77  ? -9.909  -11.303 -0.401  1.00 26.80 ? 69   SER A OG  1 
ATOM   519  N N   . ALA A 1 78  ? -12.521 -10.844 1.180   1.00 28.95 ? 70   ALA A N   1 
ATOM   520  C CA  . ALA A 1 78  ? -12.750 -11.354 2.540   1.00 29.32 ? 70   ALA A CA  1 
ATOM   521  C C   . ALA A 1 78  ? -11.530 -12.024 3.150   1.00 29.53 ? 70   ALA A C   1 
ATOM   522  O O   . ALA A 1 78  ? -11.498 -12.238 4.359   1.00 31.13 ? 70   ALA A O   1 
ATOM   523  C CB  . ALA A 1 78  ? -13.913 -12.339 2.537   1.00 31.86 ? 70   ALA A CB  1 
ATOM   524  N N   . ASP A 1 79  ? -10.516 -12.344 2.342   1.00 29.21 ? 71   ASP A N   1 
ATOM   525  C CA  . ASP A 1 79  ? -9.286  -12.921 2.867   1.00 27.82 ? 71   ASP A CA  1 
ATOM   526  C C   . ASP A 1 79  ? -8.415  -11.843 3.530   1.00 27.06 ? 71   ASP A C   1 
ATOM   527  O O   . ASP A 1 79  ? -7.456  -12.170 4.192   1.00 26.61 ? 71   ASP A O   1 
ATOM   528  C CB  . ASP A 1 79  ? -8.474  -13.576 1.750   1.00 29.07 ? 71   ASP A CB  1 
ATOM   529  C CG  . ASP A 1 79  ? -9.137  -14.788 1.178   1.00 37.62 ? 71   ASP A CG  1 
ATOM   530  O OD1 . ASP A 1 79  ? -9.908  -15.429 1.909   1.00 37.20 ? 71   ASP A OD1 1 
ATOM   531  O OD2 . ASP A 1 79  ? -8.901  -15.052 -0.024  1.00 46.67 ? 71   ASP A OD2 1 
ATOM   532  N N   . ILE A 1 80  ? -8.727  -10.569 3.328   1.00 26.97 ? 72   ILE A N   1 
ATOM   533  C CA  . ILE A 1 80  ? -8.018  -9.504  4.014   1.00 27.36 ? 72   ILE A CA  1 
ATOM   534  C C   . ILE A 1 80  ? -8.672  -9.249  5.356   1.00 28.02 ? 72   ILE A C   1 
ATOM   535  O O   . ILE A 1 80  ? -9.869  -9.023  5.416   1.00 27.03 ? 72   ILE A O   1 
ATOM   536  C CB  . ILE A 1 80  ? -7.984  -8.191  3.161   1.00 27.46 ? 72   ILE A CB  1 
ATOM   537  C CG1 . ILE A 1 80  ? -7.207  -8.436  1.876   1.00 24.48 ? 72   ILE A CG1 1 
ATOM   538  C CG2 . ILE A 1 80  ? -7.362  -7.029  3.958   1.00 28.85 ? 72   ILE A CG2 1 
ATOM   539  C CD1 . ILE A 1 80  ? -7.210  -7.239  0.871   1.00 28.41 ? 72   ILE A CD1 1 
ATOM   540  N N   . ARG A 1 81  ? -7.874  -9.218  6.416   1.00 28.99 ? 73   ARG A N   1 
ATOM   541  C CA  . ARG A 1 81  ? -8.365  -8.900  7.746   1.00 32.14 ? 73   ARG A CA  1 
ATOM   542  C C   . ARG A 1 81  ? -8.079  -7.451  8.029   1.00 29.88 ? 73   ARG A C   1 
ATOM   543  O O   . ARG A 1 81  ? -6.951  -7.104  8.380   1.00 27.80 ? 73   ARG A O   1 
ATOM   544  C CB  . ARG A 1 81  ? -7.679  -9.786  8.803   1.00 34.96 ? 73   ARG A CB  1 
ATOM   545  C CG  . ARG A 1 81  ? -7.980  -11.279 8.620   1.00 40.66 ? 73   ARG A CG  1 
ATOM   546  C CD  . ARG A 1 81  ? -7.173  -12.135 9.617   1.00 48.04 ? 73   ARG A CD  1 
ATOM   547  N NE  . ARG A 1 81  ? -7.342  -13.573 9.365   1.00 59.15 ? 73   ARG A NE  1 
ATOM   548  C CZ  . ARG A 1 81  ? -8.361  -14.325 9.825   1.00 69.34 ? 73   ARG A CZ  1 
ATOM   549  N NH1 . ARG A 1 81  ? -9.331  -13.791 10.582  1.00 69.24 ? 73   ARG A NH1 1 
ATOM   550  N NH2 . ARG A 1 81  ? -8.419  -15.628 9.521   1.00 66.38 ? 73   ARG A NH2 1 
ATOM   551  N N   . LEU A 1 82  ? -9.021  -6.577  7.682   1.00 29.06 ? 74   LEU A N   1 
ATOM   552  C CA  . LEU A 1 82  ? -8.771  -5.162  7.798   1.00 28.47 ? 74   LEU A CA  1 
ATOM   553  C C   . LEU A 1 82  ? -8.595  -4.818  9.260   1.00 30.43 ? 74   LEU A C   1 
ATOM   554  O O   . LEU A 1 82  ? -9.303  -5.368  10.117  1.00 27.74 ? 74   LEU A O   1 
ATOM   555  C CB  . LEU A 1 82  ? -9.962  -4.374  7.250   1.00 31.74 ? 74   LEU A CB  1 
ATOM   556  C CG  . LEU A 1 82  ? -10.124 -4.474  5.733   1.00 30.01 ? 74   LEU A CG  1 
ATOM   557  C CD1 . LEU A 1 82  ? -11.420 -3.796  5.332   1.00 34.79 ? 74   LEU A CD1 1 
ATOM   558  C CD2 . LEU A 1 82  ? -8.906  -3.874  5.050   1.00 29.44 ? 74   LEU A CD2 1 
ATOM   559  N N   . PRO A 1 83  ? -7.722  -3.861  9.562   1.00 27.97 ? 75   PRO A N   1 
ATOM   560  C CA  . PRO A 1 83  ? -7.723  -3.381  10.950  1.00 30.88 ? 75   PRO A CA  1 
ATOM   561  C C   . PRO A 1 83  ? -9.071  -2.772  11.327  1.00 28.17 ? 75   PRO A C   1 
ATOM   562  O O   . PRO A 1 83  ? -9.759  -2.233  10.437  1.00 28.55 ? 75   PRO A O   1 
ATOM   563  C CB  . PRO A 1 83  ? -6.641  -2.290  10.956  1.00 30.34 ? 75   PRO A CB  1 
ATOM   564  C CG  . PRO A 1 83  ? -5.995  -2.328  9.662   1.00 29.38 ? 75   PRO A CG  1 
ATOM   565  C CD  . PRO A 1 83  ? -6.793  -3.116  8.711   1.00 29.61 ? 75   PRO A CD  1 
ATOM   566  N N   . PRO A 1 84  ? -9.406  -2.755  12.638  1.00 32.63 ? 76   PRO A N   1 
ATOM   567  C CA  . PRO A 1 84  ? -10.730 -2.251  13.032  1.00 33.05 ? 76   PRO A CA  1 
ATOM   568  C C   . PRO A 1 84  ? -10.895 -0.760  12.764  1.00 33.29 ? 76   PRO A C   1 
ATOM   569  O O   . PRO A 1 84  ? -11.987 -0.328  12.502  1.00 32.18 ? 76   PRO A O   1 
ATOM   570  C CB  . PRO A 1 84  ? -10.825 -2.568  14.528  1.00 35.74 ? 76   PRO A CB  1 
ATOM   571  C CG  . PRO A 1 84  ? -9.461  -3.008  14.961  1.00 37.80 ? 76   PRO A CG  1 
ATOM   572  C CD  . PRO A 1 84  ? -8.676  -3.387  13.765  1.00 32.89 ? 76   PRO A CD  1 
ATOM   573  N N   . ASP A 1 85  ? -9.786  -0.026  12.677  1.00 30.10 ? 77   ASP A N   1 
ATOM   574  C CA  . ASP A 1 85  ? -9.817  1.390   12.361  1.00 31.62 ? 77   ASP A CA  1 
ATOM   575  C C   . ASP A 1 85  ? -9.468  1.746   10.903  1.00 30.20 ? 77   ASP A C   1 
ATOM   576  O O   . ASP A 1 85  ? -9.162  2.888   10.594  1.00 29.82 ? 77   ASP A O   1 
ATOM   577  C CB  . ASP A 1 85  ? -8.931  2.169   13.360  1.00 31.68 ? 77   ASP A CB  1 
ATOM   578  C CG  . ASP A 1 85  ? -7.447  1.773   13.295  1.00 33.71 ? 77   ASP A CG  1 
ATOM   579  O OD1 . ASP A 1 85  ? -7.062  0.852   12.543  1.00 36.74 ? 77   ASP A OD1 1 
ATOM   580  O OD2 . ASP A 1 85  ? -6.651  2.381   14.035  1.00 39.18 ? 77   ASP A OD2 1 
ATOM   581  N N   . ALA A 1 86  ? -9.534  0.772   9.999   1.00 30.97 ? 78   ALA A N   1 
ATOM   582  C CA  . ALA A 1 86  ? -9.370  1.039   8.573   1.00 27.96 ? 78   ALA A CA  1 
ATOM   583  C C   . ALA A 1 86  ? -10.420 2.034   8.111   1.00 28.84 ? 78   ALA A C   1 
ATOM   584  O O   . ALA A 1 86  ? -11.539 2.004   8.597   1.00 24.93 ? 78   ALA A O   1 
ATOM   585  C CB  . ALA A 1 86  ? -9.527  -0.255  7.763   1.00 27.51 ? 78   ALA A CB  1 
ATOM   586  N N   . HIS A 1 87  ? -10.032 2.978   7.259   1.00 25.49 ? 79   HIS A N   1 
ATOM   587  C CA  . HIS A 1 87  ? -10.987 3.899   6.616   1.00 26.79 ? 79   HIS A CA  1 
ATOM   588  C C   . HIS A 1 87  ? -11.247 3.385   5.186   1.00 26.67 ? 79   HIS A C   1 
ATOM   589  O O   . HIS A 1 87  ? -10.291 3.247   4.389   1.00 27.26 ? 79   HIS A O   1 
ATOM   590  C CB  . HIS A 1 87  ? -10.371 5.288   6.562   1.00 26.31 ? 79   HIS A CB  1 
ATOM   591  C CG  . HIS A 1 87  ? -9.963  5.831   7.898   1.00 30.36 ? 79   HIS A CG  1 
ATOM   592  N ND1 . HIS A 1 87  ? -10.766 6.695   8.619   1.00 32.45 ? 79   HIS A ND1 1 
ATOM   593  C CD2 . HIS A 1 87  ? -8.785  5.758   8.577   1.00 31.69 ? 79   HIS A CD2 1 
ATOM   594  C CE1 . HIS A 1 87  ? -10.119 7.097   9.701   1.00 32.81 ? 79   HIS A CE1 1 
ATOM   595  N NE2 . HIS A 1 87  ? -8.923  6.528   9.713   1.00 30.20 ? 79   HIS A NE2 1 
ATOM   596  N N   . VAL A 1 88  ? -12.485 2.964   4.908   1.00 26.07 ? 80   VAL A N   1 
ATOM   597  C CA  . VAL A 1 88  ? -12.835 2.318   3.658   1.00 26.71 ? 80   VAL A CA  1 
ATOM   598  C C   . VAL A 1 88  ? -13.769 3.225   2.840   1.00 28.52 ? 80   VAL A C   1 
ATOM   599  O O   . VAL A 1 88  ? -14.736 3.753   3.374   1.00 27.44 ? 80   VAL A O   1 
ATOM   600  C CB  . VAL A 1 88  ? -13.499 0.979   3.900   1.00 26.46 ? 80   VAL A CB  1 
ATOM   601  C CG1 . VAL A 1 88  ? -13.791 0.249   2.587   1.00 27.19 ? 80   VAL A CG1 1 
ATOM   602  C CG2 . VAL A 1 88  ? -12.646 0.106   4.817   1.00 30.45 ? 80   VAL A CG2 1 
ATOM   603  N N   . PHE A 1 89  ? -13.433 3.474   1.581   1.00 25.95 ? 81   PHE A N   1 
ATOM   604  C CA  . PHE A 1 89  ? -14.223 4.391   0.761   1.00 27.85 ? 81   PHE A CA  1 
ATOM   605  C C   . PHE A 1 89  ? -14.490 3.799   -0.611  1.00 28.65 ? 81   PHE A C   1 
ATOM   606  O O   . PHE A 1 89  ? -13.664 3.095   -1.198  1.00 27.18 ? 81   PHE A O   1 
ATOM   607  C CB  . PHE A 1 89  ? -13.500 5.714   0.561   1.00 29.55 ? 81   PHE A CB  1 
ATOM   608  C CG  . PHE A 1 89  ? -13.056 6.379   1.836   1.00 31.11 ? 81   PHE A CG  1 
ATOM   609  C CD1 . PHE A 1 89  ? -13.916 7.181   2.546   1.00 33.51 ? 81   PHE A CD1 1 
ATOM   610  C CD2 . PHE A 1 89  ? -11.773 6.209   2.317   1.00 28.50 ? 81   PHE A CD2 1 
ATOM   611  C CE1 . PHE A 1 89  ? -13.500 7.770   3.743   1.00 37.55 ? 81   PHE A CE1 1 
ATOM   612  C CE2 . PHE A 1 89  ? -11.344 6.841   3.461   1.00 30.21 ? 81   PHE A CE2 1 
ATOM   613  C CZ  . PHE A 1 89  ? -12.215 7.601   4.188   1.00 33.16 ? 81   PHE A CZ  1 
ATOM   614  N N   . SER A 1 90  ? -15.623 4.188   -1.167  1.00 28.97 ? 82   SER A N   1 
ATOM   615  C CA  . SER A 1 90  ? -16.004 3.835   -2.529  1.00 28.16 ? 82   SER A CA  1 
ATOM   616  C C   . SER A 1 90  ? -15.540 4.913   -3.463  1.00 25.56 ? 82   SER A C   1 
ATOM   617  O O   . SER A 1 90  ? -15.541 6.055   -3.081  1.00 26.96 ? 82   SER A O   1 
ATOM   618  C CB  . SER A 1 90  ? -17.520 3.735   -2.606  1.00 30.21 ? 82   SER A CB  1 
ATOM   619  O OG  . SER A 1 90  ? -17.806 2.442   -2.144  1.00 37.17 ? 82   SER A OG  1 
ATOM   620  N N   . LYS A 1 91  ? -15.143 4.547   -4.680  1.00 23.26 ? 83   LYS A N   1 
ATOM   621  C CA  . LYS A 1 91  ? -14.789 5.531   -5.719  1.00 24.22 ? 83   LYS A CA  1 
ATOM   622  C C   . LYS A 1 91  ? -15.094 5.041   -7.148  1.00 22.44 ? 83   LYS A C   1 
ATOM   623  O O   . LYS A 1 91  ? -15.054 3.852   -7.449  1.00 24.41 ? 83   LYS A O   1 
ATOM   624  C CB  . LYS A 1 91  ? -13.293 5.914   -5.650  1.00 23.20 ? 83   LYS A CB  1 
ATOM   625  C CG  . LYS A 1 91  ? -12.339 4.702   -5.966  1.00 22.10 ? 83   LYS A CG  1 
ATOM   626  C CD  . LYS A 1 91  ? -10.878 5.024   -5.708  1.00 22.57 ? 83   LYS A CD  1 
ATOM   627  C CE  . LYS A 1 91  ? -9.878  3.967   -6.258  1.00 23.73 ? 83   LYS A CE  1 
ATOM   628  N NZ  . LYS A 1 91  ? -10.034 3.632   -7.717  1.00 23.56 ? 83   LYS A NZ  1 
ATOM   629  N N   . LYS A 1 92  ? -15.168 6.017   -8.045  1.00 24.69 ? 84   LYS A N   1 
ATOM   630  C CA  . LYS A 1 92  ? -15.113 5.821   -9.471  1.00 24.49 ? 84   LYS A CA  1 
ATOM   631  C C   . LYS A 1 92  ? -13.853 6.452   -10.080 1.00 24.18 ? 84   LYS A C   1 
ATOM   632  O O   . LYS A 1 92  ? -13.438 6.030   -11.140 1.00 21.27 ? 84   LYS A O   1 
ATOM   633  C CB  . LYS A 1 92  ? -16.368 6.392   -10.120 1.00 28.34 ? 84   LYS A CB  1 
ATOM   634  C CG  . LYS A 1 92  ? -17.614 5.592   -9.691  1.00 32.89 ? 84   LYS A CG  1 
ATOM   635  C CD  . LYS A 1 92  ? -18.734 5.741   -10.679 1.00 37.24 ? 84   LYS A CD  1 
ATOM   636  C CE  . LYS A 1 92  ? -19.995 4.998   -10.206 1.00 46.37 ? 84   LYS A CE  1 
ATOM   637  N NZ  . LYS A 1 92  ? -20.623 5.700   -9.020  1.00 53.65 ? 84   LYS A NZ  1 
ATOM   638  N N   . ARG A 1 93  ? -13.234 7.422   -9.398  1.00 23.52 ? 85   ARG A N   1 
ATOM   639  C CA  . ARG A 1 93  ? -11.930 7.956   -9.818  1.00 23.06 ? 85   ARG A CA  1 
ATOM   640  C C   . ARG A 1 93  ? -10.863 6.842   -9.738  1.00 23.84 ? 85   ARG A C   1 
ATOM   641  O O   . ARG A 1 93  ? -10.938 5.969   -8.861  1.00 23.13 ? 85   ARG A O   1 
ATOM   642  C CB  . ARG A 1 93  ? -11.529 9.128   -8.928  1.00 24.01 ? 85   ARG A CB  1 
ATOM   643  C CG  . ARG A 1 93  ? -10.255 9.865   -9.403  1.00 22.19 ? 85   ARG A CG  1 
ATOM   644  C CD  . ARG A 1 93  ? -9.701  10.803  -8.376  1.00 28.13 ? 85   ARG A CD  1 
ATOM   645  N NE  . ARG A 1 93  ? -10.671 11.796  -7.954  1.00 36.75 ? 85   ARG A NE  1 
ATOM   646  C CZ  . ARG A 1 93  ? -10.373 12.970  -7.400  1.00 42.91 ? 85   ARG A CZ  1 
ATOM   647  N NH1 . ARG A 1 93  ? -9.101  13.328  -7.173  1.00 45.91 ? 85   ARG A NH1 1 
ATOM   648  N NH2 . ARG A 1 93  ? -11.362 13.750  -6.993  1.00 37.32 ? 85   ARG A NH2 1 
ATOM   649  N N   . PHE A 1 94  ? -9.903  6.809   -10.672 1.00 21.98 ? 86   PHE A N   1 
ATOM   650  C CA  . PHE A 1 94  ? -8.942  5.694   -10.652 1.00 23.15 ? 86   PHE A CA  1 
ATOM   651  C C   . PHE A 1 94  ? -7.939  5.936   -9.509  1.00 23.48 ? 86   PHE A C   1 
ATOM   652  O O   . PHE A 1 94  ? -7.767  5.081   -8.632  1.00 26.52 ? 86   PHE A O   1 
ATOM   653  C CB  . PHE A 1 94  ? -8.269  5.505   -12.004 1.00 23.80 ? 86   PHE A CB  1 
ATOM   654  C CG  . PHE A 1 94  ? -9.229  5.189   -13.107 1.00 22.14 ? 86   PHE A CG  1 
ATOM   655  C CD1 . PHE A 1 94  ? -10.279 4.309   -12.901 1.00 25.93 ? 86   PHE A CD1 1 
ATOM   656  C CD2 . PHE A 1 94  ? -9.111  5.806   -14.327 1.00 19.13 ? 86   PHE A CD2 1 
ATOM   657  C CE1 . PHE A 1 94  ? -11.206 4.057   -13.904 1.00 27.27 ? 86   PHE A CE1 1 
ATOM   658  C CE2 . PHE A 1 94  ? -9.945  5.490   -15.375 1.00 19.86 ? 86   PHE A CE2 1 
ATOM   659  C CZ  . PHE A 1 94  ? -11.055 4.651   -15.140 1.00 27.29 ? 86   PHE A CZ  1 
ATOM   660  N N   . ALA A 1 95  ? -7.418  7.151   -9.429  1.00 21.86 ? 87   ALA A N   1 
ATOM   661  C CA  . ALA A 1 95  ? -6.604  7.560   -8.241  1.00 22.92 ? 87   ALA A CA  1 
ATOM   662  C C   . ALA A 1 95  ? -7.411  7.541   -6.927  1.00 24.02 ? 87   ALA A C   1 
ATOM   663  O O   . ALA A 1 95  ? -8.589  7.902   -6.894  1.00 27.29 ? 87   ALA A O   1 
ATOM   664  C CB  . ALA A 1 95  ? -5.978  8.903   -8.465  1.00 22.25 ? 87   ALA A CB  1 
ATOM   665  N N   . MET A 1 96  ? -6.738  7.189   -5.822  1.00 25.41 ? 88   MET A N   1 
ATOM   666  C CA  . MET A 1 96  ? -7.385  7.011   -4.535  1.00 25.55 ? 88   MET A CA  1 
ATOM   667  C C   . MET A 1 96  ? -7.653  8.341   -3.835  1.00 25.86 ? 88   MET A C   1 
ATOM   668  O O   . MET A 1 96  ? -8.390  8.346   -2.844  1.00 27.11 ? 88   MET A O   1 
ATOM   669  C CB  . MET A 1 96  ? -6.548  6.129   -3.605  1.00 23.53 ? 88   MET A CB  1 
ATOM   670  C CG  . MET A 1 96  ? -6.391  4.706   -4.083  1.00 24.42 ? 88   MET A CG  1 
ATOM   671  S SD  . MET A 1 96  ? -5.282  3.798   -2.984  1.00 25.58 ? 88   MET A SD  1 
ATOM   672  C CE  . MET A 1 96  ? -6.175  3.808   -1.440  1.00 26.24 ? 88   MET A CE  1 
ATOM   673  N N   . LEU A 1 97  ? -7.224  9.464   -4.420  1.00 26.02 ? 89   LEU A N   1 
ATOM   674  C CA  . LEU A 1 97  ? -7.191  10.741  -3.690  1.00 28.62 ? 89   LEU A CA  1 
ATOM   675  C C   . LEU A 1 97  ? -8.479  11.509  -3.837  1.00 30.41 ? 89   LEU A C   1 
ATOM   676  O O   . LEU A 1 97  ? -8.512  12.672  -4.287  1.00 30.95 ? 89   LEU A O   1 
ATOM   677  C CB  . LEU A 1 97  ? -5.977  11.594  -4.100  1.00 30.60 ? 89   LEU A CB  1 
ATOM   678  C CG  . LEU A 1 97  ? -4.649  11.051  -3.586  1.00 35.26 ? 89   LEU A CG  1 
ATOM   679  C CD1 . LEU A 1 97  ? -3.564  11.944  -4.137  1.00 47.82 ? 89   LEU A CD1 1 
ATOM   680  C CD2 . LEU A 1 97  ? -4.609  11.093  -2.065  1.00 31.53 ? 89   LEU A CD2 1 
ATOM   681  N N   . VAL A 1 98  ? -9.550  10.822  -3.497  1.00 29.55 ? 90   VAL A N   1 
ATOM   682  C CA  . VAL A 1 98  ? -10.879 11.372  -3.611  1.00 30.96 ? 90   VAL A CA  1 
ATOM   683  C C   . VAL A 1 98  ? -11.134 12.269  -2.397  1.00 32.12 ? 90   VAL A C   1 
ATOM   684  O O   . VAL A 1 98  ? -10.416 12.186  -1.398  1.00 29.37 ? 90   VAL A O   1 
ATOM   685  C CB  . VAL A 1 98  ? -11.917 10.247  -3.769  1.00 29.00 ? 90   VAL A CB  1 
ATOM   686  C CG1 . VAL A 1 98  ? -11.668 9.484   -5.095  1.00 31.39 ? 90   VAL A CG1 1 
ATOM   687  C CG2 . VAL A 1 98  ? -11.869 9.259   -2.609  1.00 28.15 ? 90   VAL A CG2 1 
ATOM   688  N N   . PRO A 1 99  ? -12.118 13.172  -2.500  1.00 34.96 ? 91   PRO A N   1 
ATOM   689  C CA  . PRO A 1 99  ? -12.358 14.139  -1.402  1.00 34.49 ? 91   PRO A CA  1 
ATOM   690  C C   . PRO A 1 99  ? -12.484 13.554  0.018   1.00 34.74 ? 91   PRO A C   1 
ATOM   691  O O   . PRO A 1 99  ? -12.009 14.160  0.946   1.00 36.35 ? 91   PRO A O   1 
ATOM   692  C CB  . PRO A 1 99  ? -13.647 14.847  -1.827  1.00 35.72 ? 91   PRO A CB  1 
ATOM   693  C CG  . PRO A 1 99  ? -13.692 14.721  -3.337  1.00 35.99 ? 91   PRO A CG  1 
ATOM   694  C CD  . PRO A 1 99  ? -12.991 13.420  -3.678  1.00 34.45 ? 91   PRO A CD  1 
ATOM   695  N N   . GLN A 1 100 ? -13.023 12.361  0.181   1.00 35.12 ? 92   GLN A N   1 
ATOM   696  C CA  . GLN A 1 100 ? -13.084 11.737  1.508   1.00 37.66 ? 92   GLN A CA  1 
ATOM   697  C C   . GLN A 1 100 ? -11.732 11.247  2.071   1.00 37.21 ? 92   GLN A C   1 
ATOM   698  O O   . GLN A 1 100 ? -11.594 10.974  3.286   1.00 33.12 ? 92   GLN A O   1 
ATOM   699  C CB  . GLN A 1 100 ? -14.037 10.550  1.468   1.00 38.60 ? 92   GLN A CB  1 
ATOM   700  C CG  . GLN A 1 100 ? -15.519 10.929  1.601   1.00 45.80 ? 92   GLN A CG  1 
ATOM   701  C CD  . GLN A 1 100 ? -16.406 9.698   1.772   1.00 47.78 ? 92   GLN A CD  1 
ATOM   702  O OE1 . GLN A 1 100 ? -16.552 8.882   0.843   1.00 60.75 ? 92   GLN A OE1 1 
ATOM   703  N NE2 . GLN A 1 100 ? -16.934 9.511   2.990   1.00 60.98 ? 92   GLN A NE2 1 
ATOM   704  N N   . VAL A 1 101 ? -10.810 10.952  1.161   1.00 33.47 ? 93   VAL A N   1 
ATOM   705  C CA  . VAL A 1 101 ? -9.459  10.521  1.533   1.00 32.39 ? 93   VAL A CA  1 
ATOM   706  C C   . VAL A 1 101 ? -8.522  11.676  1.888   1.00 31.74 ? 93   VAL A C   1 
ATOM   707  O O   . VAL A 1 101 ? -7.706  11.565  2.802   1.00 28.93 ? 93   VAL A O   1 
ATOM   708  C CB  . VAL A 1 101 ? -8.853  9.677   0.382   1.00 31.15 ? 93   VAL A CB  1 
ATOM   709  C CG1 . VAL A 1 101 ? -7.345  9.414   0.587   1.00 27.06 ? 93   VAL A CG1 1 
ATOM   710  C CG2 . VAL A 1 101 ? -9.641  8.389   0.263   1.00 32.31 ? 93   VAL A CG2 1 
ATOM   711  N N   . MET A 1 102 ? -8.752  12.834  1.274   1.00 32.13 ? 94   MET A N   1 
ATOM   712  C CA  . MET A 1 102 ? -7.863  13.973  1.413   1.00 31.55 ? 94   MET A CA  1 
ATOM   713  C C   . MET A 1 102 ? -7.635  14.464  2.848   1.00 31.55 ? 94   MET A C   1 
ATOM   714  O O   . MET A 1 102 ? -6.496  14.744  3.192   1.00 35.49 ? 94   MET A O   1 
ATOM   715  C CB  . MET A 1 102 ? -8.330  15.121  0.494   1.00 31.12 ? 94   MET A CB  1 
ATOM   716  C CG  . MET A 1 102 ? -8.098  14.832  -0.971  1.00 39.41 ? 94   MET A CG  1 
ATOM   717  S SD  . MET A 1 102 ? -6.348  14.911  -1.433  1.00 38.50 ? 94   MET A SD  1 
ATOM   718  C CE  . MET A 1 102 ? -6.036  16.675  -1.553  1.00 43.78 ? 94   MET A CE  1 
ATOM   719  N N   . PRO A 1 103 ? -8.681  14.526  3.704   1.00 30.32 ? 95   PRO A N   1 
ATOM   720  C CA  . PRO A 1 103 ? -8.464  14.915  5.109   1.00 32.47 ? 95   PRO A CA  1 
ATOM   721  C C   . PRO A 1 103 ? -7.641  13.910  5.949   1.00 34.78 ? 95   PRO A C   1 
ATOM   722  O O   . PRO A 1 103 ? -7.328  14.170  7.134   1.00 33.64 ? 95   PRO A O   1 
ATOM   723  C CB  . PRO A 1 103 ? -9.882  15.005  5.684   1.00 34.79 ? 95   PRO A CB  1 
ATOM   724  C CG  . PRO A 1 103 ? -10.827 14.903  4.501   1.00 32.18 ? 95   PRO A CG  1 
ATOM   725  C CD  . PRO A 1 103 ? -10.089 14.187  3.432   1.00 32.74 ? 95   PRO A CD  1 
ATOM   726  N N   . LEU A 1 104 ? -7.362  12.746  5.374   1.00 33.57 ? 96   LEU A N   1 
ATOM   727  C CA  . LEU A 1 104 ? -6.556  11.722  6.042   1.00 33.90 ? 96   LEU A CA  1 
ATOM   728  C C   . LEU A 1 104 ? -5.082  11.800  5.698   1.00 32.58 ? 96   LEU A C   1 
ATOM   729  O O   . LEU A 1 104 ? -4.253  11.347  6.482   1.00 34.23 ? 96   LEU A O   1 
ATOM   730  C CB  . LEU A 1 104 ? -7.082  10.325  5.696   1.00 34.73 ? 96   LEU A CB  1 
ATOM   731  C CG  . LEU A 1 104 ? -8.088  9.631   6.625   1.00 37.73 ? 96   LEU A CG  1 
ATOM   732  C CD1 . LEU A 1 104 ? -8.840  10.533  7.482   1.00 43.54 ? 96   LEU A CD1 1 
ATOM   733  C CD2 . LEU A 1 104 ? -9.029  8.738   5.821   1.00 38.86 ? 96   LEU A CD2 1 
ATOM   734  N N   . VAL A 1 105 ? -4.753  12.362  4.542   1.00 32.03 ? 97   VAL A N   1 
ATOM   735  C CA  . VAL A 1 105 ? -3.385  12.391  4.049   1.00 32.30 ? 97   VAL A CA  1 
ATOM   736  C C   . VAL A 1 105 ? -2.890  13.796  3.747   1.00 30.36 ? 97   VAL A C   1 
ATOM   737  O O   . VAL A 1 105 ? -1.689  14.035  3.734   1.00 29.79 ? 97   VAL A O   1 
ATOM   738  C CB  . VAL A 1 105 ? -3.267  11.490  2.752   1.00 32.85 ? 97   VAL A CB  1 
ATOM   739  C CG1 . VAL A 1 105 ? -4.096  12.037  1.592   1.00 34.60 ? 97   VAL A CG1 1 
ATOM   740  C CG2 . VAL A 1 105 ? -1.837  11.341  2.309   1.00 38.54 ? 97   VAL A CG2 1 
ATOM   741  N N   . ASP A 1 106 ? -3.801  14.726  3.440   1.00 31.23 ? 98   ASP A N   1 
ATOM   742  C CA  . ASP A 1 106 ? -3.401  16.121  3.156   1.00 33.39 ? 98   ASP A CA  1 
ATOM   743  C C   . ASP A 1 106 ? -3.118  16.854  4.476   1.00 34.59 ? 98   ASP A C   1 
ATOM   744  O O   . ASP A 1 106 ? -3.717  17.883  4.765   1.00 34.00 ? 98   ASP A O   1 
ATOM   745  C CB  . ASP A 1 106 ? -4.506  16.830  2.372   1.00 30.72 ? 98   ASP A CB  1 
ATOM   746  C CG  . ASP A 1 106 ? -4.074  18.148  1.763   1.00 36.85 ? 98   ASP A CG  1 
ATOM   747  O OD1 . ASP A 1 106 ? -2.866  18.363  1.475   1.00 38.48 ? 98   ASP A OD1 1 
ATOM   748  O OD2 . ASP A 1 106 ? -5.002  18.919  1.436   1.00 43.55 ? 98   ASP A OD2 1 
ATOM   749  N N   . LEU A 1 107 ? -2.248  16.279  5.292   1.00 34.66 ? 99   LEU A N   1 
ATOM   750  C CA  . LEU A 1 107 ? -1.791  16.874  6.574   1.00 35.53 ? 99   LEU A CA  1 
ATOM   751  C C   . LEU A 1 107 ? -0.268  16.838  6.538   1.00 36.57 ? 99   LEU A C   1 
ATOM   752  O O   . LEU A 1 107 ? 0.302   15.869  6.071   1.00 34.48 ? 99   LEU A O   1 
ATOM   753  C CB  . LEU A 1 107 ? -2.290  16.038  7.761   1.00 35.93 ? 99   LEU A CB  1 
ATOM   754  C CG  . LEU A 1 107 ? -3.811  15.833  7.898   1.00 38.95 ? 99   LEU A CG  1 
ATOM   755  C CD1 . LEU A 1 107 ? -4.187  14.667  8.819   1.00 41.45 ? 99   LEU A CD1 1 
ATOM   756  C CD2 . LEU A 1 107 ? -4.446  17.125  8.403   1.00 43.06 ? 99   LEU A CD2 1 
ATOM   757  N N   . PRO A 1 108 ? 0.409   17.897  7.011   1.00 40.33 ? 100  PRO A N   1 
ATOM   758  C CA  . PRO A 1 108 ? 1.874   17.931  6.945   1.00 38.72 ? 100  PRO A CA  1 
ATOM   759  C C   . PRO A 1 108 ? 2.590   16.760  7.673   1.00 36.07 ? 100  PRO A C   1 
ATOM   760  O O   . PRO A 1 108 ? 3.612   16.309  7.202   1.00 34.96 ? 100  PRO A O   1 
ATOM   761  C CB  . PRO A 1 108 ? 2.214   19.292  7.585   1.00 41.35 ? 100  PRO A CB  1 
ATOM   762  C CG  . PRO A 1 108 ? 1.136   19.558  8.483   1.00 44.50 ? 100  PRO A CG  1 
ATOM   763  C CD  . PRO A 1 108 ? -0.103  19.086  7.714   1.00 42.84 ? 100  PRO A CD  1 
ATOM   764  N N   . GLU A 1 109 ? 1.980   16.202  8.706   1.00 32.14 ? 101  GLU A N   1 
ATOM   765  C CA  . GLU A 1 109 ? 2.538   15.030  9.408   1.00 33.34 ? 101  GLU A CA  1 
ATOM   766  C C   . GLU A 1 109 ? 2.518   13.713  8.586   1.00 27.84 ? 101  GLU A C   1 
ATOM   767  O O   . GLU A 1 109 ? 3.285   12.806  8.883   1.00 27.66 ? 101  GLU A O   1 
ATOM   768  C CB  . GLU A 1 109 ? 1.785   14.800  10.709  1.00 29.12 ? 101  GLU A CB  1 
ATOM   769  C CG  . GLU A 1 109 ? 0.280   14.712  10.510  1.00 41.33 ? 101  GLU A CG  1 
ATOM   770  C CD  . GLU A 1 109 ? -0.516  14.487  11.787  1.00 45.13 ? 101  GLU A CD  1 
ATOM   771  O OE1 . GLU A 1 109 ? 0.090   14.496  12.899  1.00 63.43 ? 101  GLU A OE1 1 
ATOM   772  O OE2 . GLU A 1 109 ? -1.745  14.231  11.668  1.00 45.91 ? 101  GLU A OE2 1 
ATOM   773  N N   . VAL A 1 110 ? 1.549   13.564  7.679   1.00 27.53 ? 102  VAL A N   1 
ATOM   774  C CA  . VAL A 1 110 ? 1.466   12.371  6.831   1.00 28.15 ? 102  VAL A CA  1 
ATOM   775  C C   . VAL A 1 110 ? 2.369   12.571  5.620   1.00 27.06 ? 102  VAL A C   1 
ATOM   776  O O   . VAL A 1 110 ? 1.965   13.116  4.598   1.00 30.05 ? 102  VAL A O   1 
ATOM   777  C CB  . VAL A 1 110 ? 0.032   12.052  6.368   1.00 26.84 ? 102  VAL A CB  1 
ATOM   778  C CG1 . VAL A 1 110 ? 0.024   10.717  5.622   1.00 28.52 ? 102  VAL A CG1 1 
ATOM   779  C CG2 . VAL A 1 110 ? -0.915  12.000  7.549   1.00 28.01 ? 102  VAL A CG2 1 
ATOM   780  N N   . GLU A 1 111 ? 3.631   12.237  5.800   1.00 25.55 ? 103  GLU A N   1 
ATOM   781  C CA  . GLU A 1 111 ? 4.656   12.555  4.826   1.00 27.03 ? 103  GLU A CA  1 
ATOM   782  C C   . GLU A 1 111 ? 4.879   11.470  3.792   1.00 25.79 ? 103  GLU A C   1 
ATOM   783  O O   . GLU A 1 111 ? 5.433   11.755  2.733   1.00 27.34 ? 103  GLU A O   1 
ATOM   784  C CB  . GLU A 1 111 ? 5.996   12.803  5.514   1.00 26.94 ? 103  GLU A CB  1 
ATOM   785  C CG  . GLU A 1 111 ? 6.090   14.114  6.262   1.00 33.44 ? 103  GLU A CG  1 
ATOM   786  C CD  . GLU A 1 111 ? 7.457   14.302  6.962   1.00 36.60 ? 103  GLU A CD  1 
ATOM   787  O OE1 . GLU A 1 111 ? 8.473   13.718  6.494   1.00 44.20 ? 103  GLU A OE1 1 
ATOM   788  O OE2 . GLU A 1 111 ? 7.492   15.045  7.969   1.00 46.26 ? 103  GLU A OE2 1 
ATOM   789  N N   . GLN A 1 112 ? 4.496   10.236  4.116   1.00 25.00 ? 104  GLN A N   1 
ATOM   790  C CA  . GLN A 1 112 ? 4.831   9.073   3.304   1.00 23.56 ? 104  GLN A CA  1 
ATOM   791  C C   . GLN A 1 112 ? 3.710   8.050   3.261   1.00 22.19 ? 104  GLN A C   1 
ATOM   792  O O   . GLN A 1 112 ? 2.964   7.887   4.211   1.00 22.02 ? 104  GLN A O   1 
ATOM   793  C CB  . GLN A 1 112 ? 6.148   8.462   3.758   1.00 24.55 ? 104  GLN A CB  1 
ATOM   794  C CG  . GLN A 1 112 ? 6.106   7.879   5.177   1.00 24.72 ? 104  GLN A CG  1 
ATOM   795  C CD  . GLN A 1 112 ? 7.476   7.685   5.791   1.00 23.44 ? 104  GLN A CD  1 
ATOM   796  O OE1 . GLN A 1 112 ? 8.491   8.270   5.345   1.00 25.33 ? 104  GLN A OE1 1 
ATOM   797  N NE2 . GLN A 1 112 ? 7.527   6.817   6.827   1.00 19.52 ? 104  GLN A NE2 1 
ATOM   798  N N   . VAL A 1 113 ? 3.530   7.476   2.071   1.00 20.63 ? 105  VAL A N   1 
ATOM   799  C CA  . VAL A 1 113 ? 2.441   6.545   1.778   1.00 20.63 ? 105  VAL A CA  1 
ATOM   800  C C   . VAL A 1 113 ? 3.076   5.298   1.225   1.00 21.56 ? 105  VAL A C   1 
ATOM   801  O O   . VAL A 1 113 ? 3.996   5.382   0.376   1.00 20.96 ? 105  VAL A O   1 
ATOM   802  C CB  . VAL A 1 113 ? 1.475   7.180   0.748   1.00 19.93 ? 105  VAL A CB  1 
ATOM   803  C CG1 . VAL A 1 113 ? 0.509   6.128   0.169   1.00 23.03 ? 105  VAL A CG1 1 
ATOM   804  C CG2 . VAL A 1 113 ? 0.706   8.454   1.400   1.00 24.92 ? 105  VAL A CG2 1 
ATOM   805  N N   . VAL A 1 114 ? 2.678   4.174   1.795   1.00 23.87 ? 106  VAL A N   1 
ATOM   806  C CA  . VAL A 1 114 ? 2.987   2.864   1.292   1.00 20.72 ? 106  VAL A CA  1 
ATOM   807  C C   . VAL A 1 114 ? 1.769   2.419   0.491   1.00 22.21 ? 106  VAL A C   1 
ATOM   808  O O   . VAL A 1 114 ? 0.655   2.295   1.031   1.00 22.55 ? 106  VAL A O   1 
ATOM   809  C CB  . VAL A 1 114 ? 3.281   1.883   2.442   1.00 22.99 ? 106  VAL A CB  1 
ATOM   810  C CG1 . VAL A 1 114 ? 3.396   0.455   1.944   1.00 22.61 ? 106  VAL A CG1 1 
ATOM   811  C CG2 . VAL A 1 114 ? 4.552   2.316   3.175   1.00 24.70 ? 106  VAL A CG2 1 
ATOM   812  N N   . LEU A 1 115 ? 1.987   2.148   -0.793  1.00 20.75 ? 107  LEU A N   1 
ATOM   813  C CA  . LEU A 1 115 ? 0.898   1.945   -1.769  1.00 20.67 ? 107  LEU A CA  1 
ATOM   814  C C   . LEU A 1 115 ? 1.006   0.582   -2.452  1.00 19.98 ? 107  LEU A C   1 
ATOM   815  O O   . LEU A 1 115 ? 2.077   0.199   -2.941  1.00 20.58 ? 107  LEU A O   1 
ATOM   816  C CB  . LEU A 1 115 ? 0.932   3.046   -2.826  1.00 19.89 ? 107  LEU A CB  1 
ATOM   817  C CG  . LEU A 1 115 ? 0.021   2.990   -4.083  1.00 20.21 ? 107  LEU A CG  1 
ATOM   818  C CD1 . LEU A 1 115 ? -1.486  2.990   -3.683  1.00 22.52 ? 107  LEU A CD1 1 
ATOM   819  C CD2 . LEU A 1 115 ? 0.344   4.208   -5.010  1.00 21.19 ? 107  LEU A CD2 1 
ATOM   820  N N   . TRP A 1 116 ? -0.118  -0.121  -2.534  1.00 21.52 ? 108  TRP A N   1 
ATOM   821  C CA  . TRP A 1 116 ? -0.171  -1.405  -3.246  1.00 23.11 ? 108  TRP A CA  1 
ATOM   822  C C   . TRP A 1 116 ? -1.610  -1.757  -3.630  1.00 21.44 ? 108  TRP A C   1 
ATOM   823  O O   . TRP A 1 116 ? -2.534  -1.097  -3.196  1.00 24.39 ? 108  TRP A O   1 
ATOM   824  C CB  . TRP A 1 116 ? 0.455   -2.545  -2.396  1.00 21.17 ? 108  TRP A CB  1 
ATOM   825  C CG  . TRP A 1 116 ? -0.379  -3.005  -1.279  1.00 22.15 ? 108  TRP A CG  1 
ATOM   826  C CD1 . TRP A 1 116 ? -1.205  -4.108  -1.302  1.00 22.93 ? 108  TRP A CD1 1 
ATOM   827  C CD2 . TRP A 1 116 ? -0.760  -2.260  -0.102  1.00 23.53 ? 108  TRP A CD2 1 
ATOM   828  N NE1 . TRP A 1 116 ? -2.003  -4.134  -0.192  1.00 20.59 ? 108  TRP A NE1 1 
ATOM   829  C CE2 . TRP A 1 116 ? -1.712  -3.058  0.600   1.00 24.01 ? 108  TRP A CE2 1 
ATOM   830  C CE3 . TRP A 1 116 ? -0.257  -1.113  0.531   1.00 23.17 ? 108  TRP A CE3 1 
ATOM   831  C CZ2 . TRP A 1 116 ? -2.289  -2.655  1.827   1.00 21.71 ? 108  TRP A CZ2 1 
ATOM   832  C CZ3 . TRP A 1 116 ? -0.823  -0.726  1.757   1.00 20.29 ? 108  TRP A CZ3 1 
ATOM   833  C CH2 . TRP A 1 116 ? -1.830  -1.501  2.390   1.00 21.00 ? 108  TRP A CH2 1 
ATOM   834  N N   . GLY A 1 117 ? -1.757  -2.707  -4.544  1.00 21.55 ? 109  GLY A N   1 
ATOM   835  C CA  . GLY A 1 117 ? -3.063  -3.248  -4.889  1.00 21.41 ? 109  GLY A CA  1 
ATOM   836  C C   . GLY A 1 117 ? -3.283  -3.385  -6.379  1.00 20.94 ? 109  GLY A C   1 
ATOM   837  O O   . GLY A 1 117 ? -2.343  -3.768  -7.133  1.00 22.88 ? 109  GLY A O   1 
ATOM   838  N N   . PHE A 1 118 ? -4.552  -3.248  -6.762  1.00 20.51 ? 110  PHE A N   1 
ATOM   839  C CA  . PHE A 1 118 ? -4.990  -3.444  -8.135  1.00 20.92 ? 110  PHE A CA  1 
ATOM   840  C C   . PHE A 1 118 ? -5.511  -2.119  -8.738  1.00 20.67 ? 110  PHE A C   1 
ATOM   841  O O   . PHE A 1 118 ? -6.075  -1.297  -8.032  1.00 22.73 ? 110  PHE A O   1 
ATOM   842  C CB  . PHE A 1 118 ? -6.146  -4.409  -8.233  1.00 22.07 ? 110  PHE A CB  1 
ATOM   843  C CG  . PHE A 1 118 ? -5.938  -5.759  -7.558  1.00 21.02 ? 110  PHE A CG  1 
ATOM   844  C CD1 . PHE A 1 118 ? -4.726  -6.383  -7.537  1.00 19.82 ? 110  PHE A CD1 1 
ATOM   845  C CD2 . PHE A 1 118 ? -7.078  -6.494  -7.202  1.00 23.51 ? 110  PHE A CD2 1 
ATOM   846  C CE1 . PHE A 1 118 ? -4.612  -7.666  -6.972  1.00 22.68 ? 110  PHE A CE1 1 
ATOM   847  C CE2 . PHE A 1 118 ? -6.970  -7.761  -6.634  1.00 25.38 ? 110  PHE A CE2 1 
ATOM   848  C CZ  . PHE A 1 118 ? -5.732  -8.321  -6.480  1.00 25.41 ? 110  PHE A CZ  1 
ATOM   849  N N   . GLU A 1 119 ? -5.336  -1.911  -10.044 1.00 20.13 ? 111  GLU A N   1 
ATOM   850  C CA  . GLU A 1 119 ? -4.403  -2.625  -10.891 1.00 20.95 ? 111  GLU A CA  1 
ATOM   851  C C   . GLU A 1 119 ? -3.174  -1.713  -10.990 1.00 21.64 ? 111  GLU A C   1 
ATOM   852  O O   . GLU A 1 119 ? -3.305  -0.484  -10.923 1.00 22.36 ? 111  GLU A O   1 
ATOM   853  C CB  . GLU A 1 119 ? -4.993  -2.863  -12.293 1.00 23.21 ? 111  GLU A CB  1 
ATOM   854  C CG  . GLU A 1 119 ? -6.093  -3.900  -12.321 1.00 25.50 ? 111  GLU A CG  1 
ATOM   855  C CD  . GLU A 1 119 ? -6.464  -4.369  -13.737 1.00 30.58 ? 111  GLU A CD  1 
ATOM   856  O OE1 . GLU A 1 119 ? -5.638  -4.956  -14.461 1.00 27.28 ? 111  GLU A OE1 1 
ATOM   857  O OE2 . GLU A 1 119 ? -7.617  -4.175  -14.103 1.00 39.71 ? 111  GLU A OE2 1 
ATOM   858  N N   . THR A 1 120 ? -2.006  -2.322  -11.146 1.00 22.13 ? 112  THR A N   1 
ATOM   859  C CA  . THR A 1 120 ? -0.707  -1.609  -11.148 1.00 21.11 ? 112  THR A CA  1 
ATOM   860  C C   . THR A 1 120 ? -0.667  -0.427  -12.129 1.00 21.83 ? 112  THR A C   1 
ATOM   861  O O   . THR A 1 120 ? -0.231  0.652   -11.775 1.00 19.97 ? 112  THR A O   1 
ATOM   862  C CB  . THR A 1 120 ? 0.446   -2.585  -11.437 1.00 19.19 ? 112  THR A CB  1 
ATOM   863  O OG1 . THR A 1 120 ? 0.299   -3.758  -10.617 1.00 19.14 ? 112  THR A OG1 1 
ATOM   864  C CG2 . THR A 1 120 ? 1.816   -1.944  -11.137 1.00 22.70 ? 112  THR A CG2 1 
ATOM   865  N N   . HIS A 1 121 ? -1.200  -0.629  -13.339 1.00 18.94 ? 113  HIS A N   1 
ATOM   866  C CA  . HIS A 1 121 ? -1.112  0.329   -14.421 1.00 19.17 ? 113  HIS A CA  1 
ATOM   867  C C   . HIS A 1 121 ? -2.267  1.296   -14.474 1.00 19.49 ? 113  HIS A C   1 
ATOM   868  O O   . HIS A 1 121 ? -2.337  2.157   -15.367 1.00 20.19 ? 113  HIS A O   1 
ATOM   869  C CB  . HIS A 1 121 ? -0.975  -0.397  -15.764 1.00 21.90 ? 113  HIS A CB  1 
ATOM   870  C CG  . HIS A 1 121 ? -2.160  -1.231  -16.130 1.00 17.71 ? 113  HIS A CG  1 
ATOM   871  N ND1 . HIS A 1 121 ? -2.595  -2.276  -15.348 1.00 22.52 ? 113  HIS A ND1 1 
ATOM   872  C CD2 . HIS A 1 121 ? -3.025  -1.152  -17.180 1.00 18.91 ? 113  HIS A CD2 1 
ATOM   873  C CE1 . HIS A 1 121 ? -3.716  -2.758  -15.859 1.00 21.00 ? 113  HIS A CE1 1 
ATOM   874  N NE2 . HIS A 1 121 ? -3.952  -2.150  -17.011 1.00 23.03 ? 113  HIS A NE2 1 
ATOM   875  N N   . VAL A 1 122 ? -3.212  1.142   -13.556 1.00 21.75 ? 114  VAL A N   1 
ATOM   876  C CA  . VAL A 1 122 ? -4.380  2.044   -13.513 1.00 21.51 ? 114  VAL A CA  1 
ATOM   877  C C   . VAL A 1 122 ? -4.512  2.779   -12.185 1.00 22.69 ? 114  VAL A C   1 
ATOM   878  O O   . VAL A 1 122 ? -3.873  3.808   -11.958 1.00 19.18 ? 114  VAL A O   1 
ATOM   879  C CB  . VAL A 1 122 ? -5.687  1.318   -13.924 1.00 21.62 ? 114  VAL A CB  1 
ATOM   880  C CG1 . VAL A 1 122 ? -6.897  2.289   -13.949 1.00 22.44 ? 114  VAL A CG1 1 
ATOM   881  C CG2 . VAL A 1 122 ? -5.510  0.716   -15.326 1.00 23.94 ? 114  VAL A CG2 1 
ATOM   882  N N   . CYS A 1 123 ? -5.180  2.172   -11.227 1.00 23.40 ? 115  CYS A N   1 
ATOM   883  C CA  . CYS A 1 123 ? -5.371  2.836   -9.936  1.00 23.94 ? 115  CYS A CA  1 
ATOM   884  C C   . CYS A 1 123 ? -4.083  3.073   -9.133  1.00 23.27 ? 115  CYS A C   1 
ATOM   885  O O   . CYS A 1 123 ? -3.877  4.152   -8.569  1.00 19.52 ? 115  CYS A O   1 
ATOM   886  C CB  . CYS A 1 123 ? -6.494  2.098   -9.150  1.00 27.64 ? 115  CYS A CB  1 
ATOM   887  S SG  . CYS A 1 123 ? -8.199  2.229   -10.070 1.00 37.95 ? 115  CYS A SG  1 
ATOM   888  N N   . ILE A 1 124 ? -3.159  2.113   -9.126  1.00 21.04 ? 116  ILE A N   1 
ATOM   889  C CA  . ILE A 1 124 ? -1.930  2.301   -8.421  1.00 22.23 ? 116  ILE A CA  1 
ATOM   890  C C   . ILE A 1 124 ? -1.065  3.393   -9.068  1.00 21.11 ? 116  ILE A C   1 
ATOM   891  O O   . ILE A 1 124 ? -0.559  4.279   -8.385  1.00 20.63 ? 116  ILE A O   1 
ATOM   892  C CB  . ILE A 1 124 ? -1.091  1.006   -8.357  1.00 21.12 ? 116  ILE A CB  1 
ATOM   893  C CG1 . ILE A 1 124 ? -1.898  -0.110  -7.731  1.00 28.60 ? 116  ILE A CG1 1 
ATOM   894  C CG2 . ILE A 1 124 ? 0.288   1.261   -7.702  1.00 23.04 ? 116  ILE A CG2 1 
ATOM   895  C CD1 . ILE A 1 124 ? -1.910  -0.060  -6.335  1.00 46.72 ? 116  ILE A CD1 1 
ATOM   896  N N   . LEU A 1 125 ? -0.798  3.249   -10.354 1.00 22.31 ? 117  LEU A N   1 
ATOM   897  C CA  . LEU A 1 125 ? -0.077  4.240   -11.103 1.00 21.61 ? 117  LEU A CA  1 
ATOM   898  C C   . LEU A 1 125 ? -0.615  5.662   -10.900 1.00 22.98 ? 117  LEU A C   1 
ATOM   899  O O   . LEU A 1 125 ? 0.170   6.598   -10.696 1.00 20.29 ? 117  LEU A O   1 
ATOM   900  C CB  . LEU A 1 125 ? -0.129  3.907   -12.593 1.00 21.48 ? 117  LEU A CB  1 
ATOM   901  C CG  . LEU A 1 125 ? 0.650   4.844   -13.521 1.00 22.09 ? 117  LEU A CG  1 
ATOM   902  C CD1 . LEU A 1 125 ? 2.114   4.830   -13.182 1.00 22.66 ? 117  LEU A CD1 1 
ATOM   903  C CD2 . LEU A 1 125 ? 0.422   4.517   -15.009 1.00 20.21 ? 117  LEU A CD2 1 
ATOM   904  N N   . GLN A 1 126 ? -1.907  5.852   -11.159 1.00 22.29 ? 118  GLN A N   1 
ATOM   905  C CA  . GLN A 1 126 ? -2.513  7.162   -11.034 1.00 21.31 ? 118  GLN A CA  1 
ATOM   906  C C   . GLN A 1 126 ? -2.518  7.737   -9.597  1.00 20.35 ? 118  GLN A C   1 
ATOM   907  O O   . GLN A 1 126 ? -2.405  8.937   -9.410  1.00 22.23 ? 118  GLN A O   1 
ATOM   908  C CB  . GLN A 1 126 ? -3.931  7.205   -11.657 1.00 19.29 ? 118  GLN A CB  1 
ATOM   909  C CG  . GLN A 1 126 ? -3.885  6.820   -13.133 1.00 19.39 ? 118  GLN A CG  1 
ATOM   910  C CD  . GLN A 1 126 ? -5.122  7.101   -13.894 1.00 23.73 ? 118  GLN A CD  1 
ATOM   911  O OE1 . GLN A 1 126 ? -5.887  8.030   -13.566 1.00 21.53 ? 118  GLN A OE1 1 
ATOM   912  N NE2 . GLN A 1 126 ? -5.345  6.308   -14.946 1.00 19.99 ? 118  GLN A NE2 1 
ATOM   913  N N   . THR A 1 127 ? -2.634  6.876   -8.602  1.00 22.86 ? 119  THR A N   1 
ATOM   914  C CA  . THR A 1 127 ? -2.519  7.287   -7.196  1.00 22.24 ? 119  THR A CA  1 
ATOM   915  C C   . THR A 1 127 ? -1.108  7.784   -6.885  1.00 22.35 ? 119  THR A C   1 
ATOM   916  O O   . THR A 1 127 ? -0.937  8.800   -6.226  1.00 20.77 ? 119  THR A O   1 
ATOM   917  C CB  . THR A 1 127 ? -2.944  6.129   -6.243  1.00 20.73 ? 119  THR A CB  1 
ATOM   918  O OG1 . THR A 1 127 ? -4.294  5.714   -6.528  1.00 22.04 ? 119  THR A OG1 1 
ATOM   919  C CG2 . THR A 1 127 ? -2.837  6.530   -4.779  1.00 26.37 ? 119  THR A CG2 1 
ATOM   920  N N   . ALA A 1 128 ? -0.089  7.058   -7.344  1.00 22.64 ? 120  ALA A N   1 
ATOM   921  C CA  . ALA A 1 128 ? 1.299   7.472   -7.152  1.00 20.94 ? 120  ALA A CA  1 
ATOM   922  C C   . ALA A 1 128 ? 1.514   8.856   -7.755  1.00 20.49 ? 120  ALA A C   1 
ATOM   923  O O   . ALA A 1 128 ? 2.117   9.712   -7.115  1.00 22.51 ? 120  ALA A O   1 
ATOM   924  C CB  . ALA A 1 128 ? 2.285   6.476   -7.778  1.00 22.67 ? 120  ALA A CB  1 
ATOM   925  N N   . ALA A 1 129 ? 1.053   9.046   -8.982  1.00 20.70 ? 121  ALA A N   1 
ATOM   926  C CA  . ALA A 1 129 ? 1.202   10.315  -9.643  1.00 20.75 ? 121  ALA A CA  1 
ATOM   927  C C   . ALA A 1 129 ? 0.533   11.431  -8.857  1.00 20.30 ? 121  ALA A C   1 
ATOM   928  O O   . ALA A 1 129 ? 1.096   12.519  -8.723  1.00 20.97 ? 121  ALA A O   1 
ATOM   929  C CB  . ALA A 1 129 ? 0.642   10.247  -11.083 1.00 21.55 ? 121  ALA A CB  1 
ATOM   930  N N   . ALA A 1 130 ? -0.697  11.192  -8.410  1.00 20.16 ? 122  ALA A N   1 
ATOM   931  C CA  . ALA A 1 130 ? -1.449  12.181  -7.616  1.00 22.09 ? 122  ALA A CA  1 
ATOM   932  C C   . ALA A 1 130 ? -0.742  12.535  -6.280  1.00 23.99 ? 122  ALA A C   1 
ATOM   933  O O   . ALA A 1 130 ? -0.648  13.706  -5.905  1.00 23.62 ? 122  ALA A O   1 
ATOM   934  C CB  . ALA A 1 130 ? -2.865  11.663  -7.354  1.00 24.17 ? 122  ALA A CB  1 
ATOM   935  N N   . LEU A 1 131 ? -0.177  11.533  -5.602  1.00 22.09 ? 123  LEU A N   1 
ATOM   936  C CA  . LEU A 1 131 ? 0.593   11.749  -4.397  1.00 22.93 ? 123  LEU A CA  1 
ATOM   937  C C   . LEU A 1 131 ? 1.867   12.532  -4.681  1.00 25.11 ? 123  LEU A C   1 
ATOM   938  O O   . LEU A 1 131 ? 2.248   13.425  -3.919  1.00 24.15 ? 123  LEU A O   1 
ATOM   939  C CB  . LEU A 1 131 ? 0.933   10.406  -3.705  1.00 23.09 ? 123  LEU A CB  1 
ATOM   940  C CG  . LEU A 1 131 ? -0.289  9.725   -3.092  1.00 22.73 ? 123  LEU A CG  1 
ATOM   941  C CD1 . LEU A 1 131 ? 0.031   8.274   -2.787  1.00 21.81 ? 123  LEU A CD1 1 
ATOM   942  C CD2 . LEU A 1 131 ? -0.735  10.478  -1.801  1.00 25.19 ? 123  LEU A CD2 1 
ATOM   943  N N   . LEU A 1 132 ? 2.479   12.279  -5.823  1.00 24.69 ? 124  LEU A N   1 
ATOM   944  C CA  . LEU A 1 132 ? 3.660   13.046  -6.172  1.00 27.43 ? 124  LEU A CA  1 
ATOM   945  C C   . LEU A 1 132 ? 3.286   14.502  -6.409  1.00 30.18 ? 124  LEU A C   1 
ATOM   946  O O   . LEU A 1 132 ? 4.041   15.397  -6.025  1.00 26.65 ? 124  LEU A O   1 
ATOM   947  C CB  . LEU A 1 132 ? 4.356   12.487  -7.395  1.00 27.39 ? 124  LEU A CB  1 
ATOM   948  C CG  . LEU A 1 132 ? 5.204   11.214  -7.230  1.00 25.78 ? 124  LEU A CG  1 
ATOM   949  C CD1 . LEU A 1 132 ? 5.788   10.864  -8.572  1.00 31.03 ? 124  LEU A CD1 1 
ATOM   950  C CD2 . LEU A 1 132 ? 6.300   11.445  -6.171  1.00 30.58 ? 124  LEU A CD2 1 
ATOM   951  N N   . ASP A 1 133 ? 2.125   14.736  -7.004  1.00 28.45 ? 125  ASP A N   1 
ATOM   952  C CA  . ASP A 1 133 ? 1.633   16.092  -7.140  1.00 31.08 ? 125  ASP A CA  1 
ATOM   953  C C   . ASP A 1 133 ? 1.420   16.788  -5.812  1.00 31.49 ? 125  ASP A C   1 
ATOM   954  O O   . ASP A 1 133 ? 1.465   17.999  -5.782  1.00 29.83 ? 125  ASP A O   1 
ATOM   955  C CB  . ASP A 1 133 ? 0.326   16.144  -7.924  1.00 33.40 ? 125  ASP A CB  1 
ATOM   956  C CG  . ASP A 1 133 ? 0.534   15.939  -9.395  1.00 44.66 ? 125  ASP A CG  1 
ATOM   957  O OD1 . ASP A 1 133 ? 1.665   16.213  -9.862  1.00 56.97 ? 125  ASP A OD1 1 
ATOM   958  O OD2 . ASP A 1 133 ? -0.432  15.522  -10.088 1.00 54.50 ? 125  ASP A OD2 1 
ATOM   959  N N   . MET A 1 134 ? 1.083   16.049  -4.761  1.00 29.08 ? 126  MET A N   1 
ATOM   960  C CA  . MET A 1 134 ? 0.926   16.606  -3.407  1.00 30.84 ? 126  MET A CA  1 
ATOM   961  C C   . MET A 1 134 ? 2.241   16.711  -2.615  1.00 30.12 ? 126  MET A C   1 
ATOM   962  O O   . MET A 1 134 ? 2.214   16.965  -1.410  1.00 27.35 ? 126  MET A O   1 
ATOM   963  C CB  . MET A 1 134 ? 0.004   15.702  -2.601  1.00 29.91 ? 126  MET A CB  1 
ATOM   964  C CG  . MET A 1 134 ? -1.403  15.701  -3.081  1.00 33.94 ? 126  MET A CG  1 
ATOM   965  S SD  . MET A 1 134 ? -2.415  14.469  -2.258  1.00 35.55 ? 126  MET A SD  1 
ATOM   966  C CE  . MET A 1 134 ? -2.346  15.063  -0.574  1.00 31.56 ? 126  MET A CE  1 
ATOM   967  N N   . LYS A 1 135 ? 3.356   16.377  -3.264  1.00 29.08 ? 127  LYS A N   1 
ATOM   968  C CA  . LYS A 1 135 ? 4.696   16.392  -2.683  1.00 31.60 ? 127  LYS A CA  1 
ATOM   969  C C   . LYS A 1 135 ? 4.827   15.420  -1.515  1.00 29.47 ? 127  LYS A C   1 
ATOM   970  O O   . LYS A 1 135 ? 5.554   15.671  -0.564  1.00 29.42 ? 127  LYS A O   1 
ATOM   971  C CB  . LYS A 1 135 ? 5.131   17.819  -2.318  1.00 33.66 ? 127  LYS A CB  1 
ATOM   972  C CG  . LYS A 1 135 ? 5.129   18.775  -3.530  1.00 38.32 ? 127  LYS A CG  1 
ATOM   973  C CD  . LYS A 1 135 ? 5.593   20.178  -3.107  1.00 43.84 ? 127  LYS A CD  1 
ATOM   974  C CE  . LYS A 1 135 ? 5.290   21.302  -4.167  1.00 53.34 ? 127  LYS A CE  1 
ATOM   975  N NZ  . LYS A 1 135 ? 5.476   22.729  -3.598  1.00 53.94 ? 127  LYS A NZ  1 
ATOM   976  N N   . LYS A 1 136 ? 4.169   14.267  -1.629  1.00 26.14 ? 128  LYS A N   1 
ATOM   977  C CA  . LYS A 1 136 ? 4.339   13.197  -0.664  1.00 24.89 ? 128  LYS A CA  1 
ATOM   978  C C   . LYS A 1 136 ? 5.378   12.196  -1.200  1.00 26.81 ? 128  LYS A C   1 
ATOM   979  O O   . LYS A 1 136 ? 5.527   12.030  -2.406  1.00 28.50 ? 128  LYS A O   1 
ATOM   980  C CB  . LYS A 1 136 ? 3.006   12.486  -0.424  1.00 25.76 ? 128  LYS A CB  1 
ATOM   981  C CG  . LYS A 1 136 ? 1.826   13.384  -0.005  1.00 28.83 ? 128  LYS A CG  1 
ATOM   982  C CD  . LYS A 1 136 ? 2.054   14.001  1.351   1.00 23.81 ? 128  LYS A CD  1 
ATOM   983  C CE  . LYS A 1 136 ? 0.877   14.840  1.812   1.00 28.58 ? 128  LYS A CE  1 
ATOM   984  N NZ  . LYS A 1 136 ? 1.077   15.298  3.246   1.00 23.41 ? 128  LYS A NZ  1 
ATOM   985  N N   . LYS A 1 137 ? 6.036   11.491  -0.293  1.00 25.09 ? 129  LYS A N   1 
ATOM   986  C CA  . LYS A 1 137 ? 6.871   10.336  -0.624  1.00 25.18 ? 129  LYS A CA  1 
ATOM   987  C C   . LYS A 1 137 ? 5.933   9.174   -0.798  1.00 22.55 ? 129  LYS A C   1 
ATOM   988  O O   . LYS A 1 137 ? 4.946   9.042   -0.063  1.00 26.45 ? 129  LYS A O   1 
ATOM   989  C CB  . LYS A 1 137 ? 7.867   10.039  0.526   1.00 24.89 ? 129  LYS A CB  1 
ATOM   990  C CG  . LYS A 1 137 ? 8.781   8.775   0.263   1.00 27.25 ? 129  LYS A CG  1 
ATOM   991  C CD  . LYS A 1 137 ? 9.771   8.545   1.420   1.00 33.92 ? 129  LYS A CD  1 
ATOM   992  C CE  . LYS A 1 137 ? 11.001  9.491   1.358   1.00 36.19 ? 129  LYS A CE  1 
ATOM   993  N NZ  . LYS A 1 137 ? 11.532  9.809   2.742   1.00 34.37 ? 129  LYS A NZ  1 
ATOM   994  N N   . VAL A 1 138 ? 6.133   8.405   -1.848  1.00 26.19 ? 130  VAL A N   1 
ATOM   995  C CA  . VAL A 1 138 ? 5.279   7.237   -2.088  1.00 22.83 ? 130  VAL A CA  1 
ATOM   996  C C   . VAL A 1 138 ? 6.125   6.014   -2.472  1.00 23.26 ? 130  VAL A C   1 
ATOM   997  O O   . VAL A 1 138 ? 7.056   6.106   -3.281  1.00 22.47 ? 130  VAL A O   1 
ATOM   998  C CB  . VAL A 1 138 ? 4.094   7.549   -3.082  1.00 26.80 ? 130  VAL A CB  1 
ATOM   999  C CG1 . VAL A 1 138 ? 4.533   8.226   -4.303  1.00 30.40 ? 130  VAL A CG1 1 
ATOM   1000 C CG2 . VAL A 1 138 ? 3.291   6.290   -3.429  1.00 29.11 ? 130  VAL A CG2 1 
ATOM   1001 N N   . VAL A 1 139 ? 5.900   4.906   -1.767  1.00 20.50 ? 131  VAL A N   1 
ATOM   1002 C CA  . VAL A 1 139 ? 6.664   3.686   -1.975  1.00 21.50 ? 131  VAL A CA  1 
ATOM   1003 C C   . VAL A 1 139 ? 5.711   2.606   -2.386  1.00 20.60 ? 131  VAL A C   1 
ATOM   1004 O O   . VAL A 1 139 ? 4.681   2.392   -1.702  1.00 22.88 ? 131  VAL A O   1 
ATOM   1005 C CB  . VAL A 1 139 ? 7.419   3.291   -0.689  1.00 22.87 ? 131  VAL A CB  1 
ATOM   1006 C CG1 . VAL A 1 139 ? 8.371   2.092   -0.954  1.00 22.53 ? 131  VAL A CG1 1 
ATOM   1007 C CG2 . VAL A 1 139 ? 8.186   4.474   -0.233  1.00 28.07 ? 131  VAL A CG2 1 
ATOM   1008 N N   . ILE A 1 140 ? 5.942   2.070   -3.574  1.00 21.14 ? 132  ILE A N   1 
ATOM   1009 C CA  . ILE A 1 140 ? 5.112   1.019   -4.109  1.00 21.21 ? 132  ILE A CA  1 
ATOM   1010 C C   . ILE A 1 140 ? 5.631   -0.318  -3.500  1.00 20.23 ? 132  ILE A C   1 
ATOM   1011 O O   . ILE A 1 140 ? 6.801   -0.637  -3.631  1.00 23.24 ? 132  ILE A O   1 
ATOM   1012 C CB  . ILE A 1 140 ? 5.167   0.979   -5.659  1.00 20.78 ? 132  ILE A CB  1 
ATOM   1013 C CG1 . ILE A 1 140 ? 4.939   2.355   -6.281  1.00 25.33 ? 132  ILE A CG1 1 
ATOM   1014 C CG2 . ILE A 1 140 ? 4.218   -0.053  -6.227  1.00 20.69 ? 132  ILE A CG2 1 
ATOM   1015 C CD1 . ILE A 1 140 ? 3.645   2.956   -5.950  1.00 25.67 ? 132  ILE A CD1 1 
ATOM   1016 N N   . ALA A 1 141 ? 4.729   -1.144  -2.965  1.00 20.23 ? 133  ALA A N   1 
ATOM   1017 C CA  . ALA A 1 141 ? 5.104   -2.511  -2.566  1.00 18.68 ? 133  ALA A CA  1 
ATOM   1018 C C   . ALA A 1 141 ? 4.799   -3.425  -3.725  1.00 21.41 ? 133  ALA A C   1 
ATOM   1019 O O   . ALA A 1 141 ? 3.671   -3.908  -3.859  1.00 21.10 ? 133  ALA A O   1 
ATOM   1020 C CB  . ALA A 1 141 ? 4.336   -2.958  -1.322  1.00 21.29 ? 133  ALA A CB  1 
ATOM   1021 N N   . VAL A 1 142 ? 5.779   -3.639  -4.588  1.00 21.48 ? 134  VAL A N   1 
ATOM   1022 C CA  . VAL A 1 142 ? 5.525   -4.363  -5.835  1.00 22.45 ? 134  VAL A CA  1 
ATOM   1023 C C   . VAL A 1 142 ? 4.948   -5.766  -5.656  1.00 22.97 ? 134  VAL A C   1 
ATOM   1024 O O   . VAL A 1 142 ? 4.166   -6.253  -6.509  1.00 22.76 ? 134  VAL A O   1 
ATOM   1025 C CB  . VAL A 1 142 ? 6.812   -4.375  -6.764  1.00 22.91 ? 134  VAL A CB  1 
ATOM   1026 C CG1 . VAL A 1 142 ? 7.977   -5.142  -6.178  1.00 22.74 ? 134  VAL A CG1 1 
ATOM   1027 C CG2 . VAL A 1 142 ? 6.488   -4.918  -8.191  1.00 24.63 ? 134  VAL A CG2 1 
ATOM   1028 N N   . ASP A 1 143 ? 5.379   -6.447  -4.589  1.00 21.40 ? 135  ASP A N   1 
ATOM   1029 C CA  . ASP A 1 143 ? 4.910   -7.809  -4.268  1.00 22.37 ? 135  ASP A CA  1 
ATOM   1030 C C   . ASP A 1 143 ? 3.439   -7.876  -3.867  1.00 21.67 ? 135  ASP A C   1 
ATOM   1031 O O   . ASP A 1 143 ? 2.856   -8.959  -3.922  1.00 22.69 ? 135  ASP A O   1 
ATOM   1032 C CB  . ASP A 1 143 ? 5.802   -8.534  -3.195  1.00 23.13 ? 135  ASP A CB  1 
ATOM   1033 C CG  . ASP A 1 143 ? 5.934   -7.769  -1.842  1.00 23.38 ? 135  ASP A CG  1 
ATOM   1034 O OD1 . ASP A 1 143 ? 6.068   -6.533  -1.864  1.00 21.51 ? 135  ASP A OD1 1 
ATOM   1035 O OD2 . ASP A 1 143 ? 6.022   -8.431  -0.754  1.00 23.25 ? 135  ASP A OD2 1 
ATOM   1036 N N   . GLY A 1 144 ? 2.824   -6.712  -3.631  1.00 22.36 ? 136  GLY A N   1 
ATOM   1037 C CA  . GLY A 1 144 ? 1.386   -6.574  -3.348  1.00 23.15 ? 136  GLY A CA  1 
ATOM   1038 C C   . GLY A 1 144 ? 0.610   -5.849  -4.458  1.00 23.34 ? 136  GLY A C   1 
ATOM   1039 O O   . GLY A 1 144 ? -0.503  -5.371  -4.246  1.00 24.02 ? 136  GLY A O   1 
ATOM   1040 N N   . CYS A 1 145 ? 1.251   -5.694  -5.615  1.00 21.33 ? 137  CYS A N   1 
ATOM   1041 C CA  . CYS A 1 145 ? 0.642   -5.108  -6.827  1.00 19.45 ? 137  CYS A CA  1 
ATOM   1042 C C   . CYS A 1 145 ? 0.430   -6.129  -7.921  1.00 20.67 ? 137  CYS A C   1 
ATOM   1043 O O   . CYS A 1 145 ? 1.204   -7.079  -8.067  1.00 22.26 ? 137  CYS A O   1 
ATOM   1044 C CB  . CYS A 1 145 ? 1.502   -3.944  -7.383  1.00 20.30 ? 137  CYS A CB  1 
ATOM   1045 S SG  . CYS A 1 145 ? 1.602   -2.538  -6.336  1.00 21.77 ? 137  CYS A SG  1 
ATOM   1046 N N   . GLY A 1 146 ? -0.623  -5.912  -8.713  1.00 20.00 ? 138  GLY A N   1 
ATOM   1047 C CA  . GLY A 1 146 ? -0.912  -6.778  -9.814  1.00 21.24 ? 138  GLY A CA  1 
ATOM   1048 C C   . GLY A 1 146 ? -1.824  -6.152  -10.826 1.00 20.55 ? 138  GLY A C   1 
ATOM   1049 O O   . GLY A 1 146 ? -2.599  -5.212  -10.480 1.00 21.16 ? 138  GLY A O   1 
ATOM   1050 N N   . SER A 1 147 ? -1.786  -6.717  -12.041 1.00 20.84 ? 139  SER A N   1 
ATOM   1051 C CA  . SER A 1 147 ? -2.689  -6.317  -13.126 1.00 22.55 ? 139  SER A CA  1 
ATOM   1052 C C   . SER A 1 147 ? -3.272  -7.566  -13.760 1.00 22.28 ? 139  SER A C   1 
ATOM   1053 O O   . SER A 1 147 ? -2.784  -8.682  -13.521 1.00 19.13 ? 139  SER A O   1 
ATOM   1054 C CB  . SER A 1 147 ? -1.972  -5.495  -14.224 1.00 21.38 ? 139  SER A CB  1 
ATOM   1055 O OG  . SER A 1 147 ? -1.402  -4.308  -13.723 1.00 23.33 ? 139  SER A OG  1 
ATOM   1056 N N   . GLN A 1 148 ? -4.282  -7.392  -14.613 1.00 22.80 ? 140  GLN A N   1 
ATOM   1057 C CA  . GLN A 1 148 ? -4.838  -8.567  -15.301 1.00 26.18 ? 140  GLN A CA  1 
ATOM   1058 C C   . GLN A 1 148 ? -3.845  -9.137  -16.329 1.00 28.08 ? 140  GLN A C   1 
ATOM   1059 O O   . GLN A 1 148 ? -3.845  -10.341 -16.613 1.00 30.04 ? 140  GLN A O   1 
ATOM   1060 C CB  . GLN A 1 148 ? -6.203  -8.244  -15.922 1.00 26.35 ? 140  GLN A CB  1 
ATOM   1061 C CG  . GLN A 1 148 ? -7.283  -8.006  -14.849 1.00 29.04 ? 140  GLN A CG  1 
ATOM   1062 C CD  . GLN A 1 148 ? -8.652  -7.725  -15.415 1.00 32.93 ? 140  GLN A CD  1 
ATOM   1063 O OE1 . GLN A 1 148 ? -9.137  -6.593  -15.346 1.00 42.51 ? 140  GLN A OE1 1 
ATOM   1064 N NE2 . GLN A 1 148 ? -9.134  -8.649  -16.212 1.00 33.00 ? 140  GLN A NE2 1 
ATOM   1065 N N   . SER A 1 149 ? -2.904  -8.328  -16.806 1.00 23.74 ? 141  SER A N   1 
ATOM   1066 C CA  . SER A 1 149 ? -1.871  -8.859  -17.647 1.00 26.50 ? 141  SER A CA  1 
ATOM   1067 C C   . SER A 1 149 ? -0.509  -8.508  -17.094 1.00 27.94 ? 141  SER A C   1 
ATOM   1068 O O   . SER A 1 149 ? -0.301  -7.406  -16.586 1.00 28.94 ? 141  SER A O   1 
ATOM   1069 C CB  . SER A 1 149 ? -2.013  -8.309  -19.068 1.00 32.06 ? 141  SER A CB  1 
ATOM   1070 O OG  . SER A 1 149 ? -0.896  -7.473  -19.375 1.00 37.59 ? 141  SER A OG  1 
ATOM   1071 N N   . GLN A 1 150 ? 0.443   -9.424  -17.222 1.00 27.35 ? 142  GLN A N   1 
ATOM   1072 C CA  . GLN A 1 150 ? 1.789   -9.195  -16.709 1.00 29.54 ? 142  GLN A CA  1 
ATOM   1073 C C   . GLN A 1 150 ? 2.463   -7.992  -17.386 1.00 25.19 ? 142  GLN A C   1 
ATOM   1074 O O   . GLN A 1 150 ? 3.177   -7.228  -16.731 1.00 24.48 ? 142  GLN A O   1 
ATOM   1075 C CB  . GLN A 1 150 ? 2.647   -10.450 -16.937 1.00 31.41 ? 142  GLN A CB  1 
ATOM   1076 C CG  . GLN A 1 150 ? 4.083   -10.351 -16.390 1.00 36.54 ? 142  GLN A CG  1 
ATOM   1077 C CD  . GLN A 1 150 ? 4.949   -11.481 -16.911 1.00 40.56 ? 142  GLN A CD  1 
ATOM   1078 O OE1 . GLN A 1 150 ? 4.549   -12.645 -16.851 1.00 53.69 ? 142  GLN A OE1 1 
ATOM   1079 N NE2 . GLN A 1 150 ? 6.034   -11.130 -17.600 1.00 55.03 ? 142  GLN A NE2 1 
ATOM   1080 N N   . GLY A 1 151 ? 2.261   -7.850  -18.697 1.00 22.80 ? 143  GLY A N   1 
ATOM   1081 C CA  . GLY A 1 151 ? 2.869   -6.763  -19.471 1.00 24.41 ? 143  GLY A CA  1 
ATOM   1082 C C   . GLY A 1 151 ? 2.413   -5.392  -18.997 1.00 23.35 ? 143  GLY A C   1 
ATOM   1083 O O   . GLY A 1 151 ? 3.238   -4.465  -18.906 1.00 22.05 ? 143  GLY A O   1 
ATOM   1084 N N   . ASP A 1 152 ? 1.104   -5.243  -18.729 1.00 20.93 ? 144  ASP A N   1 
ATOM   1085 C CA  . ASP A 1 152 ? 0.578   -4.003  -18.174 1.00 20.38 ? 144  ASP A CA  1 
ATOM   1086 C C   . ASP A 1 152 ? 1.224   -3.681  -16.816 1.00 19.94 ? 144  ASP A C   1 
ATOM   1087 O O   . ASP A 1 152 ? 1.615   -2.559  -16.543 1.00 18.98 ? 144  ASP A O   1 
ATOM   1088 C CB  . ASP A 1 152 ? -0.952  -4.038  -18.029 1.00 19.57 ? 144  ASP A CB  1 
ATOM   1089 C CG  . ASP A 1 152 ? -1.677  -3.935  -19.389 1.00 22.99 ? 144  ASP A CG  1 
ATOM   1090 O OD1 . ASP A 1 152 ? -1.151  -3.296  -20.360 1.00 23.06 ? 144  ASP A OD1 1 
ATOM   1091 O OD2 . ASP A 1 152 ? -2.683  -4.651  -19.549 1.00 24.20 ? 144  ASP A OD2 1 
ATOM   1092 N N   . HIS A 1 153 ? 1.362   -4.696  -15.985 1.00 19.67 ? 145  HIS A N   1 
ATOM   1093 C CA  . HIS A 1 153 ? 1.939   -4.514  -14.651 1.00 19.58 ? 145  HIS A CA  1 
ATOM   1094 C C   . HIS A 1 153 ? 3.405   -4.138  -14.757 1.00 19.90 ? 145  HIS A C   1 
ATOM   1095 O O   . HIS A 1 153 ? 3.829   -3.166  -14.129 1.00 18.55 ? 145  HIS A O   1 
ATOM   1096 C CB  . HIS A 1 153 ? 1.746   -5.844  -13.875 1.00 19.56 ? 145  HIS A CB  1 
ATOM   1097 C CG  . HIS A 1 153 ? 2.624   -5.984  -12.690 1.00 19.89 ? 145  HIS A CG  1 
ATOM   1098 N ND1 . HIS A 1 153 ? 2.273   -5.471  -11.456 1.00 18.99 ? 145  HIS A ND1 1 
ATOM   1099 C CD2 . HIS A 1 153 ? 3.883   -6.457  -12.566 1.00 26.34 ? 145  HIS A CD2 1 
ATOM   1100 C CE1 . HIS A 1 153 ? 3.228   -5.759  -10.593 1.00 25.71 ? 145  HIS A CE1 1 
ATOM   1101 N NE2 . HIS A 1 153 ? 4.221   -6.342  -11.241 1.00 22.14 ? 145  HIS A NE2 1 
ATOM   1102 N N   . CYS A 1 154 ? 4.198   -4.944  -15.481 1.00 19.69 ? 146  CYS A N   1 
ATOM   1103 C CA  . CYS A 1 154 ? 5.657   -4.720  -15.560 1.00 20.74 ? 146  CYS A CA  1 
ATOM   1104 C C   . CYS A 1 154 ? 6.034   -3.354  -16.081 1.00 19.62 ? 146  CYS A C   1 
ATOM   1105 O O   . CYS A 1 154 ? 6.922   -2.701  -15.559 1.00 21.58 ? 146  CYS A O   1 
ATOM   1106 C CB  . CYS A 1 154 ? 6.308   -5.784  -16.422 1.00 24.83 ? 146  CYS A CB  1 
ATOM   1107 S SG  . CYS A 1 154 ? 6.300   -7.387  -15.518 1.00 42.62 ? 146  CYS A SG  1 
ATOM   1108 N N   . THR A 1 155 ? 5.385   -2.956  -17.159 1.00 20.13 ? 147  THR A N   1 
ATOM   1109 C CA  . THR A 1 155 ? 5.645   -1.651  -17.793 1.00 20.26 ? 147  THR A CA  1 
ATOM   1110 C C   . THR A 1 155 ? 5.335   -0.484  -16.875 1.00 19.94 ? 147  THR A C   1 
ATOM   1111 O O   . THR A 1 155 ? 6.179   0.429   -16.726 1.00 20.56 ? 147  THR A O   1 
ATOM   1112 C CB  . THR A 1 155 ? 4.860   -1.512  -19.088 1.00 20.21 ? 147  THR A CB  1 
ATOM   1113 O OG1 . THR A 1 155 ? 5.233   -2.578  -19.954 1.00 17.96 ? 147  THR A OG1 1 
ATOM   1114 C CG2 . THR A 1 155 ? 5.151   -0.173  -19.805 1.00 19.93 ? 147  THR A CG2 1 
ATOM   1115 N N   . ALA A 1 156 ? 4.265   -0.605  -16.088 1.00 17.30 ? 148  ALA A N   1 
ATOM   1116 C CA  . ALA A 1 156 ? 3.925   0.401   -15.099 1.00 19.47 ? 148  ALA A CA  1 
ATOM   1117 C C   . ALA A 1 156 ? 4.875   0.460   -13.893 1.00 20.02 ? 148  ALA A C   1 
ATOM   1118 O O   . ALA A 1 156 ? 5.212   1.536   -13.394 1.00 21.71 ? 148  ALA A O   1 
ATOM   1119 C CB  . ALA A 1 156 ? 2.513   0.227   -14.643 1.00 20.71 ? 148  ALA A CB  1 
ATOM   1120 N N   . ILE A 1 157 ? 5.337   -0.691  -13.441 1.00 18.89 ? 149  ILE A N   1 
ATOM   1121 C CA  . ILE A 1 157 ? 6.336   -0.709  -12.381 1.00 19.69 ? 149  ILE A CA  1 
ATOM   1122 C C   . ILE A 1 157 ? 7.572   0.041   -12.881 1.00 20.87 ? 149  ILE A C   1 
ATOM   1123 O O   . ILE A 1 157 ? 8.163   0.841   -12.151 1.00 20.32 ? 149  ILE A O   1 
ATOM   1124 C CB  . ILE A 1 157 ? 6.714   -2.162  -11.986 1.00 20.33 ? 149  ILE A CB  1 
ATOM   1125 C CG1 . ILE A 1 157 ? 5.558   -2.833  -11.216 1.00 19.05 ? 149  ILE A CG1 1 
ATOM   1126 C CG2 . ILE A 1 157 ? 8.018   -2.200  -11.159 1.00 22.08 ? 149  ILE A CG2 1 
ATOM   1127 C CD1 . ILE A 1 157 ? 5.097   -2.117  -9.988  1.00 20.02 ? 149  ILE A CD1 1 
ATOM   1128 N N   . GLN A 1 158 ? 8.029   -0.329  -14.070 1.00 20.11 ? 150  GLN A N   1 
ATOM   1129 C CA  . GLN A 1 158 ? 9.171   0.331   -14.705 1.00 21.86 ? 150  GLN A CA  1 
ATOM   1130 C C   . GLN A 1 158 ? 8.989   1.815   -14.868 1.00 22.78 ? 150  GLN A C   1 
ATOM   1131 O O   . GLN A 1 158 ? 9.925   2.573   -14.601 1.00 21.89 ? 150  GLN A O   1 
ATOM   1132 C CB  . GLN A 1 158 ? 9.457   -0.299  -16.054 1.00 20.94 ? 150  GLN A CB  1 
ATOM   1133 C CG  . GLN A 1 158 ? 9.941   -1.726  -15.879 1.00 23.16 ? 150  GLN A CG  1 
ATOM   1134 C CD  . GLN A 1 158 ? 10.099  -2.471  -17.191 1.00 31.44 ? 150  GLN A CD  1 
ATOM   1135 O OE1 . GLN A 1 158 ? 9.596   -2.047  -18.257 1.00 28.50 ? 150  GLN A OE1 1 
ATOM   1136 N NE2 . GLN A 1 158 ? 10.592  -3.686  -17.075 1.00 40.83 ? 150  GLN A NE2 1 
ATOM   1137 N N   . LEU A 1 159 ? 7.766   2.242   -15.166 1.00 20.99 ? 151  LEU A N   1 
ATOM   1138 C CA  . LEU A 1 159 ? 7.477   3.684   -15.248 1.00 22.77 ? 151  LEU A CA  1 
ATOM   1139 C C   . LEU A 1 159 ? 7.680   4.368   -13.875 1.00 23.28 ? 151  LEU A C   1 
ATOM   1140 O O   . LEU A 1 159 ? 8.446   5.337   -13.744 1.00 22.85 ? 151  LEU A O   1 
ATOM   1141 C CB  . LEU A 1 159 ? 6.060   3.896   -15.770 1.00 21.53 ? 151  LEU A CB  1 
ATOM   1142 C CG  . LEU A 1 159 ? 5.512   5.324   -15.906 1.00 23.26 ? 151  LEU A CG  1 
ATOM   1143 C CD1 . LEU A 1 159 ? 6.567   6.256   -16.473 1.00 28.63 ? 151  LEU A CD1 1 
ATOM   1144 C CD2 . LEU A 1 159 ? 4.289   5.205   -16.830 1.00 23.97 ? 151  LEU A CD2 1 
ATOM   1145 N N   . MET A 1 160 ? 7.104   3.771   -12.837 1.00 21.00 ? 152  MET A N   1 
ATOM   1146 C CA  . MET A 1 160 ? 7.248   4.267   -11.492 1.00 21.22 ? 152  MET A CA  1 
ATOM   1147 C C   . MET A 1 160 ? 8.682   4.238   -10.964 1.00 26.32 ? 152  MET A C   1 
ATOM   1148 O O   . MET A 1 160 ? 9.084   5.183   -10.302 1.00 25.70 ? 152  MET A O   1 
ATOM   1149 C CB  . MET A 1 160 ? 6.310   3.551   -10.553 1.00 22.81 ? 152  MET A CB  1 
ATOM   1150 C CG  . MET A 1 160 ? 4.904   3.868   -10.870 1.00 21.60 ? 152  MET A CG  1 
ATOM   1151 S SD  . MET A 1 160 ? 3.652   3.256   -9.750  1.00 24.10 ? 152  MET A SD  1 
ATOM   1152 C CE  . MET A 1 160 ? 3.572   1.549   -10.200 1.00 28.00 ? 152  MET A CE  1 
ATOM   1153 N N   . GLN A 1 161 ? 9.490   3.261   -11.393 1.00 25.76 ? 153  GLN A N   1 
ATOM   1154 C CA  . GLN A 1 161 ? 10.903  3.229   -11.036 1.00 26.44 ? 153  GLN A CA  1 
ATOM   1155 C C   . GLN A 1 161 ? 11.670  4.414   -11.646 1.00 30.12 ? 153  GLN A C   1 
ATOM   1156 O O   . GLN A 1 161 ? 12.648  4.898   -11.069 1.00 29.50 ? 153  GLN A O   1 
ATOM   1157 C CB  . GLN A 1 161 ? 11.527  1.895   -11.436 1.00 24.37 ? 153  GLN A CB  1 
ATOM   1158 C CG  . GLN A 1 161 ? 11.007  0.714   -10.568 1.00 23.12 ? 153  GLN A CG  1 
ATOM   1159 C CD  . GLN A 1 161 ? 11.599  -0.614  -10.988 1.00 26.07 ? 153  GLN A CD  1 
ATOM   1160 O OE1 . GLN A 1 161 ? 11.540  -0.944  -12.168 1.00 23.87 ? 153  GLN A OE1 1 
ATOM   1161 N NE2 . GLN A 1 161 ? 12.074  -1.437  -10.012 1.00 21.32 ? 153  GLN A NE2 1 
ATOM   1162 N N   . SER A 1 162 ? 11.227  4.919   -12.785 1.00 31.58 ? 154  SER A N   1 
ATOM   1163 C CA  . SER A 1 162 ? 11.825  6.155   -13.299 1.00 35.49 ? 154  SER A CA  1 
ATOM   1164 C C   . SER A 1 162 ? 11.446  7.462   -12.512 1.00 37.60 ? 154  SER A C   1 
ATOM   1165 O O   . SER A 1 162 ? 12.066  8.500   -12.726 1.00 36.84 ? 154  SER A O   1 
ATOM   1166 C CB  . SER A 1 162 ? 11.436  6.345   -14.738 1.00 36.10 ? 154  SER A CB  1 
ATOM   1167 O OG  . SER A 1 162 ? 10.103  6.806   -14.715 1.00 40.79 ? 154  SER A OG  1 
ATOM   1168 N N   . TRP A 1 163 ? 10.544  7.406   -11.530 1.00 38.72 ? 155  TRP A N   1 
ATOM   1169 C CA  . TRP A 1 163 ? 10.184  8.618   -10.762 1.00 37.28 ? 155  TRP A CA  1 
ATOM   1170 C C   . TRP A 1 163 ? 10.876  8.804   -9.362  1.00 39.84 ? 155  TRP A C   1 
ATOM   1171 O O   . TRP A 1 163 ? 10.448  9.655   -8.513  1.00 32.45 ? 155  TRP A O   1 
ATOM   1172 C CB  . TRP A 1 163 ? 8.692   8.656   -10.547 1.00 35.32 ? 155  TRP A CB  1 
ATOM   1173 C CG  . TRP A 1 163 ? 7.845   8.559   -11.744 1.00 31.82 ? 155  TRP A CG  1 
ATOM   1174 C CD1 . TRP A 1 163 ? 8.144   8.971   -12.997 1.00 30.24 ? 155  TRP A CD1 1 
ATOM   1175 C CD2 . TRP A 1 163 ? 6.438   8.334   -11.727 1.00 27.39 ? 155  TRP A CD2 1 
ATOM   1176 N NE1 . TRP A 1 163 ? 7.059   8.821   -13.816 1.00 30.92 ? 155  TRP A NE1 1 
ATOM   1177 C CE2 . TRP A 1 163 ? 5.965   8.564   -13.032 1.00 27.37 ? 155  TRP A CE2 1 
ATOM   1178 C CE3 . TRP A 1 163 ? 5.528   7.954   -10.731 1.00 27.47 ? 155  TRP A CE3 1 
ATOM   1179 C CZ2 . TRP A 1 163 ? 4.662   8.299   -13.392 1.00 31.04 ? 155  TRP A CZ2 1 
ATOM   1180 C CZ3 . TRP A 1 163 ? 4.200   7.759   -11.096 1.00 27.10 ? 155  TRP A CZ3 1 
ATOM   1181 C CH2 . TRP A 1 163 ? 3.782   7.986   -12.400 1.00 24.95 ? 155  TRP A CH2 1 
ATOM   1182 N N   . SER A 1 164 ? 11.885  7.975   -9.105  1.00 40.12 ? 156  SER A N   1 
ATOM   1183 C CA  . SER A 1 164 ? 12.679  8.020   -7.827  1.00 41.56 ? 156  SER A CA  1 
ATOM   1184 C C   . SER A 1 164 ? 13.156  9.446   -7.453  1.00 39.29 ? 156  SER A C   1 
ATOM   1185 O O   . SER A 1 164 ? 13.172  9.862   -6.282  1.00 38.49 ? 156  SER A O   1 
ATOM   1186 C CB  . SER A 1 164 ? 13.886  7.037   -7.969  1.00 41.47 ? 156  SER A CB  1 
ATOM   1187 O OG  . SER A 1 164 ? 14.440  6.668   -6.710  1.00 54.34 ? 156  SER A OG  1 
ATOM   1188 N N   . GLY A 1 165 ? 13.559  10.189  -8.465  1.00 39.12 ? 157  GLY A N   1 
ATOM   1189 C CA  . GLY A 1 165 ? 14.092  11.533  -8.269  1.00 39.39 ? 157  GLY A CA  1 
ATOM   1190 C C   . GLY A 1 165 ? 13.113  12.439  -7.572  1.00 40.48 ? 157  GLY A C   1 
ATOM   1191 O O   . GLY A 1 165 ? 13.509  13.324  -6.792  1.00 43.46 ? 157  GLY A O   1 
ATOM   1192 N N   . ASP A 1 166 ? 11.827  12.182  -7.800  1.00 38.15 ? 158  ASP A N   1 
ATOM   1193 C CA  . ASP A 1 166 ? 10.752  13.021  -7.295  1.00 35.55 ? 158  ASP A CA  1 
ATOM   1194 C C   . ASP A 1 166 ? 10.045  12.461  -6.096  1.00 37.11 ? 158  ASP A C   1 
ATOM   1195 O O   . ASP A 1 166 ? 9.063   13.090  -5.649  1.00 38.23 ? 158  ASP A O   1 
ATOM   1196 C CB  . ASP A 1 166 ? 9.737   13.259  -8.406  1.00 39.45 ? 158  ASP A CB  1 
ATOM   1197 C CG  . ASP A 1 166 ? 10.274  14.211  -9.490  1.00 44.45 ? 158  ASP A CG  1 
ATOM   1198 O OD1 . ASP A 1 166 ? 11.263  14.973  -9.247  1.00 47.46 ? 158  ASP A OD1 1 
ATOM   1199 O OD2 . ASP A 1 166 ? 9.735   14.142  -10.599 1.00 52.68 ? 158  ASP A OD2 1 
ATOM   1200 N N   . GLY A 1 167 ? 10.564  11.367  -5.485  1.00 31.72 ? 159  GLY A N   1 
ATOM   1201 C CA  . GLY A 1 167 ? 9.933   10.851  -4.293  1.00 27.38 ? 159  GLY A CA  1 
ATOM   1202 C C   . GLY A 1 167 ? 8.975   9.667   -4.417  1.00 25.66 ? 159  GLY A C   1 
ATOM   1203 O O   . GLY A 1 167 ? 8.368   9.316   -3.437  1.00 24.30 ? 159  GLY A O   1 
ATOM   1204 N N   . CYS A 1 168 ? 8.965   8.965   -5.555  1.00 23.18 ? 160  CYS A N   1 
ATOM   1205 C CA  . CYS A 1 168 ? 8.255   7.719   -5.700  1.00 22.57 ? 160  CYS A CA  1 
ATOM   1206 C C   . CYS A 1 168 ? 9.290   6.659   -6.023  1.00 26.35 ? 160  CYS A C   1 
ATOM   1207 O O   . CYS A 1 168 ? 10.041  6.811   -6.972  1.00 28.82 ? 160  CYS A O   1 
ATOM   1208 C CB  . CYS A 1 168 ? 7.278   7.789   -6.857  1.00 25.13 ? 160  CYS A CB  1 
ATOM   1209 S SG  . CYS A 1 168 ? 6.529   6.211   -7.303  1.00 26.21 ? 160  CYS A SG  1 
ATOM   1210 N N   . TYR A 1 169 ? 9.372   5.625   -5.199  1.00 22.07 ? 161  TYR A N   1 
ATOM   1211 C CA  . TYR A 1 169 ? 10.139  4.443   -5.583  1.00 23.88 ? 161  TYR A CA  1 
ATOM   1212 C C   . TYR A 1 169 ? 9.460   3.115   -5.296  1.00 21.52 ? 161  TYR A C   1 
ATOM   1213 O O   . TYR A 1 169 ? 8.381   3.043   -4.673  1.00 21.61 ? 161  TYR A O   1 
ATOM   1214 C CB  . TYR A 1 169 ? 11.468  4.464   -4.903  1.00 24.11 ? 161  TYR A CB  1 
ATOM   1215 C CG  . TYR A 1 169 ? 11.370  4.308   -3.432  1.00 23.78 ? 161  TYR A CG  1 
ATOM   1216 C CD1 . TYR A 1 169 ? 11.307  5.434   -2.617  1.00 29.37 ? 161  TYR A CD1 1 
ATOM   1217 C CD2 . TYR A 1 169 ? 11.674  3.056   -2.816  1.00 25.73 ? 161  TYR A CD2 1 
ATOM   1218 C CE1 . TYR A 1 169 ? 11.292  5.299   -1.240  1.00 32.52 ? 161  TYR A CE1 1 
ATOM   1219 C CE2 . TYR A 1 169 ? 11.663  2.908   -1.443  1.00 26.22 ? 161  TYR A CE2 1 
ATOM   1220 C CZ  . TYR A 1 169 ? 11.397  4.028   -0.644  1.00 28.97 ? 161  TYR A CZ  1 
ATOM   1221 O OH  . TYR A 1 169 ? 11.471  3.937   0.755   1.00 25.38 ? 161  TYR A OH  1 
ATOM   1222 N N   . ILE A 1 170 ? 10.043  2.071   -5.854  1.00 19.42 ? 162  ILE A N   1 
ATOM   1223 C CA  . ILE A 1 170 ? 9.425   0.754   -5.793  1.00 22.23 ? 162  ILE A CA  1 
ATOM   1224 C C   . ILE A 1 170 ? 10.263  -0.112  -4.884  1.00 21.63 ? 162  ILE A C   1 
ATOM   1225 O O   . ILE A 1 170 ? 11.505  -0.250  -5.079  1.00 22.37 ? 162  ILE A O   1 
ATOM   1226 C CB  . ILE A 1 170 ? 9.375   0.084   -7.186  1.00 23.09 ? 162  ILE A CB  1 
ATOM   1227 C CG1 . ILE A 1 170 ? 8.730   1.023   -8.186  1.00 26.87 ? 162  ILE A CG1 1 
ATOM   1228 C CG2 . ILE A 1 170 ? 8.710   -1.286  -7.092  1.00 20.69 ? 162  ILE A CG2 1 
ATOM   1229 C CD1 . ILE A 1 170 ? 7.405   1.217   -7.959  1.00 46.13 ? 162  ILE A CD1 1 
ATOM   1230 N N   . SER A 1 171 ? 9.578   -0.752  -3.955  1.00 20.65 ? 163  SER A N   1 
ATOM   1231 C CA  . SER A 1 171 ? 10.222  -1.625  -2.970  1.00 21.45 ? 163  SER A CA  1 
ATOM   1232 C C   . SER A 1 171 ? 9.351   -2.865  -2.765  1.00 21.18 ? 163  SER A C   1 
ATOM   1233 O O   . SER A 1 171 ? 8.518   -3.199  -3.623  1.00 22.68 ? 163  SER A O   1 
ATOM   1234 C CB  . SER A 1 171 ? 10.471  -0.839  -1.662  1.00 21.88 ? 163  SER A CB  1 
ATOM   1235 O OG  . SER A 1 171 ? 11.363  -1.511  -0.790  1.00 19.60 ? 163  SER A OG  1 
ATOM   1236 N N   . THR A 1 172 ? 9.708   -3.676  -1.776  1.00 21.63 ? 164  THR A N   1 
ATOM   1237 C CA  . THR A 1 172 ? 8.896   -4.861  -1.412  1.00 20.17 ? 164  THR A CA  1 
ATOM   1238 C C   . THR A 1 172 ? 8.438   -4.718  0.027   1.00 19.40 ? 164  THR A C   1 
ATOM   1239 O O   . THR A 1 172 ? 9.105   -4.078  0.819   1.00 19.22 ? 164  THR A O   1 
ATOM   1240 C CB  . THR A 1 172 ? 9.668   -6.189  -1.600  1.00 22.54 ? 164  THR A CB  1 
ATOM   1241 O OG1 . THR A 1 172 ? 10.866  -6.151  -0.833  1.00 22.17 ? 164  THR A OG1 1 
ATOM   1242 C CG2 . THR A 1 172 ? 10.000  -6.426  -3.063  1.00 21.51 ? 164  THR A CG2 1 
ATOM   1243 N N   . SER A 1 173 ? 7.381   -5.449  0.404   1.00 19.48 ? 165  SER A N   1 
ATOM   1244 C CA  . SER A 1 173 ? 6.814   -5.336  1.759   1.00 20.85 ? 165  SER A CA  1 
ATOM   1245 C C   . SER A 1 173 ? 7.830   -5.610  2.877   1.00 22.02 ? 165  SER A C   1 
ATOM   1246 O O   . SER A 1 173 ? 7.889   -4.879  3.891   1.00 20.04 ? 165  SER A O   1 
ATOM   1247 C CB  . SER A 1 173 ? 5.556   -6.228  1.884   1.00 19.89 ? 165  SER A CB  1 
ATOM   1248 O OG  . SER A 1 173 ? 5.851   -7.640  1.711   1.00 19.25 ? 165  SER A OG  1 
ATOM   1249 N N   . GLU A 1 174 ? 8.718   -6.575  2.669   1.00 21.50 ? 166  GLU A N   1 
ATOM   1250 C CA  . GLU A 1 174 ? 9.678   -6.887  3.721   1.00 22.99 ? 166  GLU A CA  1 
ATOM   1251 C C   . GLU A 1 174 ? 10.708  -5.746  3.896   1.00 23.20 ? 166  GLU A C   1 
ATOM   1252 O O   . GLU A 1 174 ? 11.014  -5.347  5.024   1.00 23.32 ? 166  GLU A O   1 
ATOM   1253 C CB  . GLU A 1 174 ? 10.384  -8.223  3.443   1.00 24.10 ? 166  GLU A CB  1 
ATOM   1254 C CG  . GLU A 1 174 ? 11.261  -8.618  4.596   1.00 29.24 ? 166  GLU A CG  1 
ATOM   1255 C CD  . GLU A 1 174 ? 11.786  -10.021 4.469   1.00 28.23 ? 166  GLU A CD  1 
ATOM   1256 O OE1 . GLU A 1 174 ? 11.012  -10.972 4.742   1.00 31.26 ? 166  GLU A OE1 1 
ATOM   1257 O OE2 . GLU A 1 174 ? 12.974  -10.130 4.137   1.00 28.46 ? 166  GLU A OE2 1 
ATOM   1258 N N   . SER A 1 175 ? 11.128  -5.167  2.775   1.00 20.18 ? 167  SER A N   1 
ATOM   1259 C CA  . SER A 1 175 ? 12.039  -4.061  2.759   1.00 21.45 ? 167  SER A CA  1 
ATOM   1260 C C   . SER A 1 175 ? 11.401  -2.847  3.397   1.00 21.54 ? 167  SER A C   1 
ATOM   1261 O O   . SER A 1 175 ? 12.013  -2.235  4.270   1.00 21.39 ? 167  SER A O   1 
ATOM   1262 C CB  . SER A 1 175 ? 12.471  -3.741  1.353   1.00 20.57 ? 167  SER A CB  1 
ATOM   1263 O OG  . SER A 1 175 ? 13.564  -2.859  1.351   1.00 19.55 ? 167  SER A OG  1 
ATOM   1264 N N   . ILE A 1 176 ? 10.110  -2.677  3.115   1.00 20.11 ? 168  ILE A N   1 
ATOM   1265 C CA  . ILE A 1 176 ? 9.324   -1.560  3.646   1.00 20.59 ? 168  ILE A CA  1 
ATOM   1266 C C   . ILE A 1 176 ? 9.194   -1.664  5.186   1.00 21.55 ? 168  ILE A C   1 
ATOM   1267 O O   . ILE A 1 176 ? 9.521   -0.702  5.913   1.00 21.29 ? 168  ILE A O   1 
ATOM   1268 C CB  . ILE A 1 176 ? 7.984   -1.473  2.934   1.00 20.38 ? 168  ILE A CB  1 
ATOM   1269 C CG1 . ILE A 1 176 ? 8.198   -0.967  1.505   1.00 21.59 ? 168  ILE A CG1 1 
ATOM   1270 C CG2 . ILE A 1 176 ? 6.948   -0.639  3.700   1.00 22.07 ? 168  ILE A CG2 1 
ATOM   1271 C CD1 . ILE A 1 176 ? 7.063   -1.284  0.557   1.00 20.22 ? 168  ILE A CD1 1 
ATOM   1272 N N   . LEU A 1 177 ? 8.862   -2.858  5.681   1.00 23.92 ? 169  LEU A N   1 
ATOM   1273 C CA  . LEU A 1 177 ? 8.796   -3.067  7.116   1.00 21.93 ? 169  LEU A CA  1 
ATOM   1274 C C   . LEU A 1 177 ? 10.094  -2.630  7.810   1.00 23.68 ? 169  LEU A C   1 
ATOM   1275 O O   . LEU A 1 177 ? 10.067  -1.913  8.838   1.00 21.82 ? 169  LEU A O   1 
ATOM   1276 C CB  . LEU A 1 177 ? 8.475   -4.539  7.427   1.00 24.75 ? 169  LEU A CB  1 
ATOM   1277 C CG  . LEU A 1 177 ? 7.049   -4.857  7.770   1.00 30.40 ? 169  LEU A CG  1 
ATOM   1278 C CD1 . LEU A 1 177 ? 6.113   -4.454  6.637   1.00 35.89 ? 169  LEU A CD1 1 
ATOM   1279 C CD2 . LEU A 1 177 ? 6.898   -6.332  8.138   1.00 29.99 ? 169  LEU A CD2 1 
ATOM   1280 N N   . MET A 1 178 ? 11.225  -3.089  7.277   1.00 21.35 ? 170  MET A N   1 
ATOM   1281 C CA  . MET A 1 178 ? 12.533  -2.883  7.907   1.00 21.55 ? 170  MET A CA  1 
ATOM   1282 C C   . MET A 1 178 ? 13.057  -1.453  7.693   1.00 22.35 ? 170  MET A C   1 
ATOM   1283 O O   . MET A 1 178 ? 13.754  -0.922  8.558   1.00 22.57 ? 170  MET A O   1 
ATOM   1284 C CB  . MET A 1 178 ? 13.524  -3.941  7.393   1.00 20.97 ? 170  MET A CB  1 
ATOM   1285 C CG  . MET A 1 178 ? 13.092  -5.370  7.730   1.00 26.36 ? 170  MET A CG  1 
ATOM   1286 S SD  . MET A 1 178 ? 13.080  -5.638  9.496   1.00 30.24 ? 170  MET A SD  1 
ATOM   1287 C CE  . MET A 1 178 ? 11.393  -5.274  9.999   1.00 48.23 ? 170  MET A CE  1 
ATOM   1288 N N   . GLN A 1 179 ? 12.595  -0.793  6.621   1.00 21.42 ? 171  GLN A N   1 
ATOM   1289 C CA  . GLN A 1 179 ? 12.800  0.666   6.437   1.00 22.68 ? 171  GLN A CA  1 
ATOM   1290 C C   . GLN A 1 179 ? 12.141  1.528   7.515   1.00 22.29 ? 171  GLN A C   1 
ATOM   1291 O O   . GLN A 1 179 ? 12.722  2.525   7.978   1.00 20.21 ? 171  GLN A O   1 
ATOM   1292 C CB  . GLN A 1 179 ? 12.311  1.156   5.062   1.00 20.92 ? 171  GLN A CB  1 
ATOM   1293 C CG  . GLN A 1 179 ? 13.205  0.747   3.908   1.00 22.95 ? 171  GLN A CG  1 
ATOM   1294 C CD  . GLN A 1 179 ? 12.513  0.969   2.547   1.00 23.13 ? 171  GLN A CD  1 
ATOM   1295 O OE1 . GLN A 1 179 ? 11.942  2.012   2.325   1.00 25.33 ? 171  GLN A OE1 1 
ATOM   1296 N NE2 . GLN A 1 179 ? 12.540  -0.031  1.684   1.00 23.43 ? 171  GLN A NE2 1 
ATOM   1297 N N   . LEU A 1 180 ? 10.937  1.152   7.911   1.00 20.02 ? 172  LEU A N   1 
ATOM   1298 C CA  . LEU A 1 180 ? 10.192  1.905   8.912   1.00 20.48 ? 172  LEU A CA  1 
ATOM   1299 C C   . LEU A 1 180 ? 10.797  1.709   10.288  1.00 21.75 ? 172  LEU A C   1 
ATOM   1300 O O   . LEU A 1 180 ? 10.594  2.548   11.127  1.00 21.52 ? 172  LEU A O   1 
ATOM   1301 C CB  . LEU A 1 180 ? 8.719   1.521   8.929   1.00 19.70 ? 172  LEU A CB  1 
ATOM   1302 C CG  . LEU A 1 180 ? 7.959   1.995   7.712   1.00 23.65 ? 172  LEU A CG  1 
ATOM   1303 C CD1 . LEU A 1 180 ? 6.671   1.146   7.494   1.00 25.70 ? 172  LEU A CD1 1 
ATOM   1304 C CD2 . LEU A 1 180 ? 7.669   3.518   7.824   1.00 27.43 ? 172  LEU A CD2 1 
ATOM   1305 N N   . LEU A 1 181 ? 11.371  0.526   10.554  1.00 20.25 ? 173  LEU A N   1 
ATOM   1306 C CA  . LEU A 1 181 ? 11.947  0.203   11.861  1.00 23.65 ? 173  LEU A CA  1 
ATOM   1307 C C   . LEU A 1 181 ? 13.411  0.568   12.084  1.00 24.20 ? 173  LEU A C   1 
ATOM   1308 O O   . LEU A 1 181 ? 13.801  0.842   13.229  1.00 24.10 ? 173  LEU A O   1 
ATOM   1309 C CB  . LEU A 1 181 ? 11.757  -1.271  12.198  1.00 22.23 ? 173  LEU A CB  1 
ATOM   1310 C CG  . LEU A 1 181 ? 10.447  -1.670  12.877  1.00 27.62 ? 173  LEU A CG  1 
ATOM   1311 C CD1 . LEU A 1 181 ? 9.210   -1.162  12.143  1.00 28.77 ? 173  LEU A CD1 1 
ATOM   1312 C CD2 . LEU A 1 181 ? 10.438  -3.122  12.881  1.00 32.34 ? 173  LEU A CD2 1 
ATOM   1313 N N   . LYS A 1 182 ? 14.250  0.333   11.076  1.00 23.36 ? 174  LYS A N   1 
ATOM   1314 C CA  . LYS A 1 182 ? 15.684  0.708   11.074  1.00 23.84 ? 174  LYS A CA  1 
ATOM   1315 C C   . LYS A 1 182 ? 16.683  -0.047  11.964  1.00 24.08 ? 174  LYS A C   1 
ATOM   1316 O O   . LYS A 1 182 ? 17.882  -0.058  11.641  1.00 21.10 ? 174  LYS A O   1 
ATOM   1317 C CB  . LYS A 1 182 ? 15.893  2.235   11.237  1.00 27.45 ? 174  LYS A CB  1 
ATOM   1318 C CG  . LYS A 1 182 ? 15.081  3.004   10.158  1.00 27.41 ? 174  LYS A CG  1 
ATOM   1319 C CD  . LYS A 1 182 ? 15.716  4.237   9.616   1.00 30.33 ? 174  LYS A CD  1 
ATOM   1320 C CE  . LYS A 1 182 ? 14.854  4.854   8.440   1.00 29.48 ? 174  LYS A CE  1 
ATOM   1321 N NZ  . LYS A 1 182 ? 14.611  4.082   7.090   1.00 35.02 ? 174  LYS A NZ  1 
ATOM   1322 N N   . ASP A 1 183 ? 16.208  -0.761  12.975  1.00 22.72 ? 175  ASP A N   1 
ATOM   1323 C CA  . ASP A 1 183 ? 17.061  -1.307  14.004  1.00 22.42 ? 175  ASP A CA  1 
ATOM   1324 C C   . ASP A 1 183 ? 16.276  -2.409  14.760  1.00 22.81 ? 175  ASP A C   1 
ATOM   1325 O O   . ASP A 1 183 ? 15.118  -2.215  15.140  1.00 25.19 ? 175  ASP A O   1 
ATOM   1326 C CB  . ASP A 1 183 ? 17.521  -0.120  14.900  1.00 20.44 ? 175  ASP A CB  1 
ATOM   1327 C CG  . ASP A 1 183 ? 18.584  -0.488  15.921  1.00 24.82 ? 175  ASP A CG  1 
ATOM   1328 O OD1 . ASP A 1 183 ? 18.451  -1.524  16.613  1.00 25.83 ? 175  ASP A OD1 1 
ATOM   1329 O OD2 . ASP A 1 183 ? 19.475  0.358   16.149  1.00 29.66 ? 175  ASP A OD2 1 
ATOM   1330 N N   . ALA A 1 184 ? 16.897  -3.581  14.952  1.00 23.65 ? 176  ALA A N   1 
ATOM   1331 C CA  . ALA A 1 184 ? 16.264  -4.670  15.677  1.00 25.72 ? 176  ALA A CA  1 
ATOM   1332 C C   . ALA A 1 184 ? 16.009  -4.382  17.131  1.00 24.92 ? 176  ALA A C   1 
ATOM   1333 O O   . ALA A 1 184 ? 15.281  -5.145  17.784  1.00 26.96 ? 176  ALA A O   1 
ATOM   1334 C CB  . ALA A 1 184 ? 17.107  -5.981  15.553  1.00 27.18 ? 176  ALA A CB  1 
ATOM   1335 N N   . SER A 1 185 ? 16.662  -3.367  17.684  1.00 23.63 ? 177  SER A N   1 
ATOM   1336 C CA  . SER A 1 185 ? 16.397  -3.000  19.064  1.00 26.16 ? 177  SER A CA  1 
ATOM   1337 C C   . SER A 1 185 ? 15.242  -2.020  19.201  1.00 26.00 ? 177  SER A C   1 
ATOM   1338 O O   . SER A 1 185 ? 14.871  -1.661  20.312  1.00 26.58 ? 177  SER A O   1 
ATOM   1339 C CB  . SER A 1 185 ? 17.649  -2.447  19.739  1.00 28.94 ? 177  SER A CB  1 
ATOM   1340 O OG  . SER A 1 185 ? 17.884  -1.111  19.360  1.00 30.06 ? 177  SER A OG  1 
ATOM   1341 N N   . ASP A 1 186 ? 14.651  -1.597  18.090  1.00 24.76 ? 178  ASP A N   1 
ATOM   1342 C CA  . ASP A 1 186 ? 13.448  -0.792  18.152  1.00 25.17 ? 178  ASP A CA  1 
ATOM   1343 C C   . ASP A 1 186 ? 12.346  -1.474  18.983  1.00 24.31 ? 178  ASP A C   1 
ATOM   1344 O O   . ASP A 1 186 ? 12.149  -2.686  18.893  1.00 24.94 ? 178  ASP A O   1 
ATOM   1345 C CB  . ASP A 1 186 ? 12.924  -0.464  16.757  1.00 23.00 ? 178  ASP A CB  1 
ATOM   1346 C CG  . ASP A 1 186 ? 11.752  0.506   16.804  1.00 22.65 ? 178  ASP A CG  1 
ATOM   1347 O OD1 . ASP A 1 186 ? 10.587  0.063   17.023  1.00 25.72 ? 178  ASP A OD1 1 
ATOM   1348 O OD2 . ASP A 1 186 ? 11.976  1.699   16.571  1.00 25.59 ? 178  ASP A OD2 1 
ATOM   1349 N N   . PRO A 1 187 ? 11.681  -0.706  19.870  1.00 25.94 ? 179  PRO A N   1 
ATOM   1350 C CA  . PRO A 1 187 ? 10.638  -1.330  20.723  1.00 28.42 ? 179  PRO A CA  1 
ATOM   1351 C C   . PRO A 1 187 ? 9.576   -2.198  19.992  1.00 30.63 ? 179  PRO A C   1 
ATOM   1352 O O   . PRO A 1 187 ? 8.992   -3.043  20.641  1.00 31.08 ? 179  PRO A O   1 
ATOM   1353 C CB  . PRO A 1 187 ? 9.938   -0.126  21.373  1.00 27.54 ? 179  PRO A CB  1 
ATOM   1354 C CG  . PRO A 1 187 ? 10.931  0.984   21.318  1.00 29.48 ? 179  PRO A CG  1 
ATOM   1355 C CD  . PRO A 1 187 ? 11.770  0.744   20.084  1.00 24.68 ? 179  PRO A CD  1 
ATOM   1356 N N   . VAL A 1 188 ? 9.202   -1.892  18.745  1.00 30.28 ? 180  VAL A N   1 
ATOM   1357 C CA  . VAL A 1 188 ? 8.189   -2.709  18.051  1.00 29.39 ? 180  VAL A CA  1 
ATOM   1358 C C   . VAL A 1 188 ? 8.764   -3.884  17.271  1.00 28.76 ? 180  VAL A C   1 
ATOM   1359 O O   . VAL A 1 188 ? 7.994   -4.677  16.722  1.00 27.05 ? 180  VAL A O   1 
ATOM   1360 C CB  . VAL A 1 188 ? 7.217   -1.888  17.105  1.00 32.43 ? 180  VAL A CB  1 
ATOM   1361 C CG1 . VAL A 1 188 ? 6.556   -0.774  17.839  1.00 38.05 ? 180  VAL A CG1 1 
ATOM   1362 C CG2 . VAL A 1 188 ? 7.915   -1.309  15.928  1.00 28.99 ? 180  VAL A CG2 1 
ATOM   1363 N N   . PHE A 1 189 ? 10.090  -3.992  17.148  1.00 26.75 ? 181  PHE A N   1 
ATOM   1364 C CA  . PHE A 1 189 ? 10.644  -5.072  16.339  1.00 27.37 ? 181  PHE A CA  1 
ATOM   1365 C C   . PHE A 1 189 ? 10.133  -6.469  16.723  1.00 27.82 ? 181  PHE A C   1 
ATOM   1366 O O   . PHE A 1 189 ? 9.746   -7.293  15.853  1.00 25.50 ? 181  PHE A O   1 
ATOM   1367 C CB  . PHE A 1 189 ? 12.171  -5.070  16.355  1.00 26.26 ? 181  PHE A CB  1 
ATOM   1368 C CG  . PHE A 1 189 ? 12.755  -6.080  15.446  1.00 28.10 ? 181  PHE A CG  1 
ATOM   1369 C CD1 . PHE A 1 189 ? 12.833  -5.843  14.087  1.00 32.38 ? 181  PHE A CD1 1 
ATOM   1370 C CD2 . PHE A 1 189 ? 13.270  -7.271  15.946  1.00 31.08 ? 181  PHE A CD2 1 
ATOM   1371 C CE1 . PHE A 1 189 ? 13.366  -6.816  13.226  1.00 31.82 ? 181  PHE A CE1 1 
ATOM   1372 C CE2 . PHE A 1 189 ? 13.764  -8.212  15.104  1.00 36.00 ? 181  PHE A CE2 1 
ATOM   1373 C CZ  . PHE A 1 189 ? 13.849  -7.964  13.740  1.00 31.52 ? 181  PHE A CZ  1 
ATOM   1374 N N   . LYS A 1 190 ? 10.185  -6.766  18.006  1.00 29.48 ? 182  LYS A N   1 
ATOM   1375 C CA  . LYS A 1 190 ? 9.734   -8.081  18.481  1.00 31.46 ? 182  LYS A CA  1 
ATOM   1376 C C   . LYS A 1 190 ? 8.293   -8.350  18.121  1.00 31.47 ? 182  LYS A C   1 
ATOM   1377 O O   . LYS A 1 190 ? 7.929   -9.475  17.743  1.00 29.53 ? 182  LYS A O   1 
ATOM   1378 C CB  . LYS A 1 190 ? 9.921   -8.189  19.997  1.00 34.37 ? 182  LYS A CB  1 
ATOM   1379 C CG  . LYS A 1 190 ? 9.507   -9.516  20.578  1.00 40.16 ? 182  LYS A CG  1 
ATOM   1380 C CD  . LYS A 1 190 ? 10.626  -10.561 20.429  1.00 52.13 ? 182  LYS A CD  1 
ATOM   1381 C CE  . LYS A 1 190 ? 10.254  -11.915 21.074  1.00 51.85 ? 182  LYS A CE  1 
ATOM   1382 N NZ  . LYS A 1 190 ? 11.468  -12.787 21.048  1.00 51.23 ? 182  LYS A NZ  1 
ATOM   1383 N N   . THR A 1 191 ? 7.481   -7.301  18.123  1.00 31.75 ? 183  THR A N   1 
ATOM   1384 C CA  . THR A 1 191 ? 6.095   -7.451  17.716  1.00 32.81 ? 183  THR A CA  1 
ATOM   1385 C C   . THR A 1 191 ? 5.918   -7.698  16.208  1.00 32.71 ? 183  THR A C   1 
ATOM   1386 O O   . THR A 1 191 ? 5.032   -8.407  15.819  1.00 31.00 ? 183  THR A O   1 
ATOM   1387 C CB  . THR A 1 191 ? 5.266   -6.214  18.131  1.00 33.66 ? 183  THR A CB  1 
ATOM   1388 O OG1 . THR A 1 191 ? 5.387   -6.014  19.545  1.00 33.19 ? 183  THR A OG1 1 
ATOM   1389 C CG2 . THR A 1 191 ? 3.827   -6.419  17.802  1.00 33.25 ? 183  THR A CG2 1 
ATOM   1390 N N   . ILE A 1 192 ? 6.752   -7.074  15.384  1.00 32.62 ? 184  ILE A N   1 
ATOM   1391 C CA  . ILE A 1 192 ? 6.679   -7.095  13.907  1.00 33.45 ? 184  ILE A CA  1 
ATOM   1392 C C   . ILE A 1 192 ? 7.376   -8.291  13.268  1.00 32.36 ? 184  ILE A C   1 
ATOM   1393 O O   . ILE A 1 192 ? 6.993   -8.755  12.168  1.00 30.51 ? 184  ILE A O   1 
ATOM   1394 C CB  . ILE A 1 192 ? 7.363   -5.765  13.332  1.00 33.55 ? 184  ILE A CB  1 
ATOM   1395 C CG1 . ILE A 1 192 ? 6.522   -4.557  13.684  1.00 40.00 ? 184  ILE A CG1 1 
ATOM   1396 C CG2 . ILE A 1 192 ? 7.554   -5.806  11.830  1.00 37.55 ? 184  ILE A CG2 1 
ATOM   1397 C CD1 . ILE A 1 192 ? 5.088   -4.797  13.530  1.00 45.39 ? 184  ILE A CD1 1 
ATOM   1398 N N   . ALA A 1 193 ? 8.444   -8.737  13.917  1.00 32.37 ? 185  ALA A N   1 
ATOM   1399 C CA  . ALA A 1 193 ? 9.320   -9.817  13.408  1.00 31.99 ? 185  ALA A CA  1 
ATOM   1400 C C   . ALA A 1 193 ? 8.580   -11.073 12.920  1.00 32.61 ? 185  ALA A C   1 
ATOM   1401 O O   . ALA A 1 193 ? 8.923   -11.587 11.853  1.00 33.49 ? 185  ALA A O   1 
ATOM   1402 C CB  . ALA A 1 193 ? 10.356  -10.203 14.452  1.00 32.26 ? 185  ALA A CB  1 
ATOM   1403 N N   . PRO A 1 194 ? 7.528   -11.520 13.642  1.00 33.36 ? 186  PRO A N   1 
ATOM   1404 C CA  . PRO A 1 194 ? 6.730   -12.674 13.177  1.00 33.91 ? 186  PRO A CA  1 
ATOM   1405 C C   . PRO A 1 194 ? 6.061   -12.481 11.806  1.00 33.48 ? 186  PRO A C   1 
ATOM   1406 O O   . PRO A 1 194 ? 5.962   -13.451 11.052  1.00 34.32 ? 186  PRO A O   1 
ATOM   1407 C CB  . PRO A 1 194 ? 5.665   -12.838 14.276  1.00 34.55 ? 186  PRO A CB  1 
ATOM   1408 C CG  . PRO A 1 194 ? 6.286   -12.203 15.483  1.00 33.51 ? 186  PRO A CG  1 
ATOM   1409 C CD  . PRO A 1 194 ? 7.025   -11.032 14.942  1.00 36.05 ? 186  PRO A CD  1 
ATOM   1410 N N   . LEU A 1 195 ? 5.775   -11.228 11.419  1.00 29.72 ? 187  LEU A N   1 
ATOM   1411 C CA  . LEU A 1 195 ? 5.167   -10.962 10.112  1.00 29.88 ? 187  LEU A CA  1 
ATOM   1412 C C   . LEU A 1 195 ? 6.126   -11.318 9.005   1.00 29.34 ? 187  LEU A C   1 
ATOM   1413 O O   . LEU A 1 195 ? 5.733   -11.890 7.999   1.00 26.94 ? 187  LEU A O   1 
ATOM   1414 C CB  . LEU A 1 195 ? 4.758   -9.512  9.959   1.00 26.53 ? 187  LEU A CB  1 
ATOM   1415 C CG  . LEU A 1 195 ? 3.704   -8.976  10.925  1.00 29.71 ? 187  LEU A CG  1 
ATOM   1416 C CD1 . LEU A 1 195 ? 3.553   -7.468  10.729  1.00 33.53 ? 187  LEU A CD1 1 
ATOM   1417 C CD2 . LEU A 1 195 ? 2.393   -9.678  10.707  1.00 29.69 ? 187  LEU A CD2 1 
ATOM   1418 N N   . MET A 1 196 ? 7.413   -11.072 9.229   1.00 32.39 ? 188  MET A N   1 
ATOM   1419 C CA  . MET A 1 196 ? 8.395   -11.393 8.209   1.00 34.93 ? 188  MET A CA  1 
ATOM   1420 C C   . MET A 1 196 ? 8.734   -12.847 8.069   1.00 34.10 ? 188  MET A C   1 
ATOM   1421 O O   . MET A 1 196 ? 9.219   -13.242 7.026   1.00 35.52 ? 188  MET A O   1 
ATOM   1422 C CB  . MET A 1 196 ? 9.657   -10.604 8.443   1.00 35.52 ? 188  MET A CB  1 
ATOM   1423 C CG  . MET A 1 196 ? 9.489   -9.229  7.859   1.00 43.77 ? 188  MET A CG  1 
ATOM   1424 S SD  . MET A 1 196 ? 10.820  -8.252  8.398   1.00 47.24 ? 188  MET A SD  1 
ATOM   1425 C CE  . MET A 1 196 ? 12.280  -9.185  7.962   1.00 52.16 ? 188  MET A CE  1 
ATOM   1426 N N   . LYS A 1 197 ? 8.418   -13.640 9.083   1.00 33.42 ? 189  LYS A N   1 
ATOM   1427 C CA  . LYS A 1 197 ? 8.537   -15.090 9.005   1.00 35.27 ? 189  LYS A CA  1 
ATOM   1428 C C   . LYS A 1 197 ? 7.396   -15.759 8.245   1.00 31.88 ? 189  LYS A C   1 
ATOM   1429 O O   . LYS A 1 197 ? 7.554   -16.858 7.769   1.00 31.98 ? 189  LYS A O   1 
ATOM   1430 C CB  . LYS A 1 197 ? 8.645   -15.696 10.414  1.00 36.00 ? 189  LYS A CB  1 
ATOM   1431 C CG  . LYS A 1 197 ? 9.978   -15.353 11.083  1.00 42.54 ? 189  LYS A CG  1 
ATOM   1432 C CD  . LYS A 1 197 ? 10.001  -15.509 12.612  1.00 44.67 ? 189  LYS A CD  1 
ATOM   1433 C CE  . LYS A 1 197 ? 11.231  -14.744 13.170  1.00 52.46 ? 189  LYS A CE  1 
ATOM   1434 N NZ  . LYS A 1 197 ? 11.653  -15.104 14.539  1.00 57.13 ? 189  LYS A NZ  1 
ATOM   1435 N N   . GLN A 1 198 ? 6.290   -15.057 8.010   1.00 31.84 ? 190  GLN A N   1 
ATOM   1436 C CA  . GLN A 1 198 ? 5.230   -15.600 7.185   1.00 26.70 ? 190  GLN A CA  1 
ATOM   1437 C C   . GLN A 1 198 ? 5.700   -15.622 5.743   1.00 28.58 ? 190  GLN A C   1 
ATOM   1438 O O   . GLN A 1 198 ? 6.514   -14.805 5.369   1.00 27.68 ? 190  GLN A O   1 
ATOM   1439 C CB  . GLN A 1 198 ? 3.970   -14.774 7.361   1.00 27.59 ? 190  GLN A CB  1 
ATOM   1440 C CG  . GLN A 1 198 ? 3.533   -14.725 8.777   1.00 26.52 ? 190  GLN A CG  1 
ATOM   1441 C CD  . GLN A 1 198 ? 2.269   -13.935 8.997   1.00 31.39 ? 190  GLN A CD  1 
ATOM   1442 O OE1 . GLN A 1 198 ? 2.259   -12.717 8.899   1.00 35.78 ? 190  GLN A OE1 1 
ATOM   1443 N NE2 . GLN A 1 198 ? 1.222   -14.620 9.413   1.00 43.73 ? 190  GLN A NE2 1 
ATOM   1444 N N   . THR A 1 199 ? 5.244   -16.602 4.951   1.00 25.44 ? 191  THR A N   1 
ATOM   1445 C CA  . THR A 1 199 ? 5.744   -16.786 3.576   1.00 27.28 ? 191  THR A CA  1 
ATOM   1446 C C   . THR A 1 199 ? 4.680   -16.390 2.561   1.00 26.64 ? 191  THR A C   1 
ATOM   1447 O O   . THR A 1 199 ? 3.494   -16.676 2.754   1.00 26.71 ? 191  THR A O   1 
ATOM   1448 C CB  . THR A 1 199 ? 6.187   -18.290 3.387   1.00 30.39 ? 191  THR A CB  1 
ATOM   1449 O OG1 . THR A 1 199 ? 5.136   -19.111 3.847   1.00 42.88 ? 191  THR A OG1 1 
ATOM   1450 C CG2 . THR A 1 199 ? 7.354   -18.620 4.265   1.00 29.37 ? 191  THR A CG2 1 
ATOM   1451 N N   . HIS A 1 200 ? 5.067   -15.720 1.475   1.00 22.85 ? 192  HIS A N   1 
ATOM   1452 C CA  . HIS A 1 200 ? 4.078   -15.322 0.458   1.00 23.28 ? 192  HIS A CA  1 
ATOM   1453 C C   . HIS A 1 200 ? 3.421   -16.593 -0.044  1.00 22.89 ? 192  HIS A C   1 
ATOM   1454 O O   . HIS A 1 200 ? 4.116   -17.567 -0.308  1.00 21.27 ? 192  HIS A O   1 
ATOM   1455 C CB  . HIS A 1 200 ? 4.733   -14.627 -0.744  1.00 21.43 ? 192  HIS A CB  1 
ATOM   1456 C CG  . HIS A 1 200 ? 5.252   -13.255 -0.467  1.00 24.06 ? 192  HIS A CG  1 
ATOM   1457 N ND1 . HIS A 1 200 ? 6.408   -13.022 0.258   1.00 25.35 ? 192  HIS A ND1 1 
ATOM   1458 C CD2 . HIS A 1 200 ? 4.776   -12.033 -0.821  1.00 27.55 ? 192  HIS A CD2 1 
ATOM   1459 C CE1 . HIS A 1 200 ? 6.631   -11.720 0.312   1.00 25.45 ? 192  HIS A CE1 1 
ATOM   1460 N NE2 . HIS A 1 200 ? 5.678   -11.100 -0.363  1.00 24.42 ? 192  HIS A NE2 1 
ATOM   1461 N N   . PRO A 1 201 ? 2.128   -16.541 -0.363  1.00 27.04 ? 193  PRO A N   1 
ATOM   1462 C CA  . PRO A 1 201 ? 1.538   -17.745 -0.967  1.00 25.53 ? 193  PRO A CA  1 
ATOM   1463 C C   . PRO A 1 201 ? 2.116   -18.130 -2.321  1.00 26.88 ? 193  PRO A C   1 
ATOM   1464 O O   . PRO A 1 201 ? 2.036   -19.293 -2.710  1.00 24.36 ? 193  PRO A O   1 
ATOM   1465 C CB  . PRO A 1 201 ? 0.060   -17.378 -1.140  1.00 27.03 ? 193  PRO A CB  1 
ATOM   1466 C CG  . PRO A 1 201 ? -0.119  -16.033 -0.700  1.00 27.64 ? 193  PRO A CG  1 
ATOM   1467 C CD  . PRO A 1 201 ? 1.117   -15.526 -0.034  1.00 26.10 ? 193  PRO A CD  1 
ATOM   1468 N N   . ILE A 1 202 ? 2.534   -17.143 -3.109  1.00 25.77 ? 194  ILE A N   1 
ATOM   1469 C CA  . ILE A 1 202 ? 3.199   -17.411 -4.355  1.00 27.22 ? 194  ILE A CA  1 
ATOM   1470 C C   . ILE A 1 202 ? 4.615   -16.838 -4.232  1.00 29.04 ? 194  ILE A C   1 
ATOM   1471 O O   . ILE A 1 202 ? 4.788   -15.665 -3.933  1.00 23.92 ? 194  ILE A O   1 
ATOM   1472 C CB  . ILE A 1 202 ? 2.487   -16.712 -5.542  1.00 27.03 ? 194  ILE A CB  1 
ATOM   1473 C CG1 . ILE A 1 202 ? 0.988   -17.069 -5.608  1.00 30.64 ? 194  ILE A CG1 1 
ATOM   1474 C CG2 . ILE A 1 202 ? 3.214   -17.031 -6.881  1.00 31.49 ? 194  ILE A CG2 1 
ATOM   1475 C CD1 . ILE A 1 202 ? 0.177   -16.027 -6.406  1.00 33.43 ? 194  ILE A CD1 1 
ATOM   1476 N N   . ARG A 1 203 ? 5.575   -17.740 -4.246  1.00 31.66 ? 195  ARG A N   1 
ATOM   1477 C CA  . ARG A 1 203 ? 7.002   -17.458 -4.414  1.00 40.32 ? 195  ARG A CA  1 
ATOM   1478 C C   . ARG A 1 203 ? 7.389   -16.138 -4.989  1.00 40.42 ? 195  ARG A C   1 
ATOM   1479 O O   . ARG A 1 203 ? 7.103   -15.929 -6.161  1.00 42.30 ? 195  ARG A O   1 
ATOM   1480 C CB  . ARG A 1 203 ? 7.488   -18.468 -5.448  1.00 46.51 ? 195  ARG A CB  1 
ATOM   1481 C CG  . ARG A 1 203 ? 8.916   -18.350 -5.840  1.00 56.36 ? 195  ARG A CG  1 
ATOM   1482 C CD  . ARG A 1 203 ? 9.241   -17.472 -7.062  1.00 67.63 ? 195  ARG A CD  1 
ATOM   1483 N NE  . ARG A 1 203 ? 10.685  -17.394 -7.319  1.00 66.43 ? 195  ARG A NE  1 
ATOM   1484 C CZ  . ARG A 1 203 ? 11.209  -16.770 -8.366  1.00 68.78 ? 195  ARG A CZ  1 
ATOM   1485 N NH1 . ARG A 1 203 ? 10.426  -16.164 -9.258  1.00 75.17 ? 195  ARG A NH1 1 
ATOM   1486 N NH2 . ARG A 1 203 ? 12.522  -16.745 -8.525  1.00 74.05 ? 195  ARG A NH2 1 
ATOM   1487 N N   . ILE A 1 204 ? 8.163   -15.304 -4.278  1.00 42.23 ? 196  ILE A N   1 
ATOM   1488 C CA  . ILE A 1 204 ? 8.734   -14.094 -4.957  1.00 42.28 ? 196  ILE A CA  1 
ATOM   1489 C C   . ILE A 1 204 ? 10.285  -14.193 -5.179  1.00 45.53 ? 196  ILE A C   1 
ATOM   1490 O O   . ILE A 1 204 ? 10.810  -13.612 -6.116  1.00 49.10 ? 196  ILE A O   1 
ATOM   1491 C CB  . ILE A 1 204 ? 8.315   -12.668 -4.310  1.00 42.91 ? 196  ILE A CB  1 
ATOM   1492 C CG1 . ILE A 1 204 ? 8.998   -12.359 -2.949  1.00 41.48 ? 196  ILE A CG1 1 
ATOM   1493 C CG2 . ILE A 1 204 ? 6.798   -12.497 -4.215  1.00 36.38 ? 196  ILE A CG2 1 
ATOM   1494 C CD1 . ILE A 1 204 ? 9.062   -10.801 -2.640  1.00 37.14 ? 196  ILE A CD1 1 
ATOM   1495 O OXT . ILE A 1 204 ? 11.044  -14.915 -4.522  1.00 46.48 ? 196  ILE A OXT 1 
HETATM 1496 S S   . SO4 B 2 .   ? 8.950   -15.656 0.579   1.00 43.45 ? 400  SO4 A S   1 
HETATM 1497 O O1  . SO4 B 2 .   ? 7.967   -15.150 1.584   1.00 35.08 ? 400  SO4 A O1  1 
HETATM 1498 O O2  . SO4 B 2 .   ? 10.194  -14.843 0.518   1.00 47.93 ? 400  SO4 A O2  1 
HETATM 1499 O O3  . SO4 B 2 .   ? 8.424   -15.643 -0.819  1.00 41.68 ? 400  SO4 A O3  1 
HETATM 1500 O O4  . SO4 B 2 .   ? 9.265   -17.037 0.892   1.00 41.18 ? 400  SO4 A O4  1 
HETATM 1501 O O   . HOH C 3 .   ? -14.988 8.985   -7.009  1.00 17.39 ? 1000 HOH A O   1 
HETATM 1502 O O   . HOH C 3 .   ? -2.773  -13.673 3.733   1.00 21.53 ? 1001 HOH A O   1 
HETATM 1503 O O   . HOH C 3 .   ? 1.396   -0.361  -18.307 1.00 19.57 ? 1002 HOH A O   1 
HETATM 1504 O O   . HOH C 3 .   ? 12.940  -0.862  -7.273  1.00 19.77 ? 1003 HOH A O   1 
HETATM 1505 O O   . HOH C 3 .   ? -2.357  -2.841  -22.759 1.00 20.12 ? 1004 HOH A O   1 
HETATM 1506 O O   . HOH C 3 .   ? 11.530  -5.079  20.078  1.00 28.26 ? 1005 HOH A O   1 
HETATM 1507 O O   . HOH C 3 .   ? 0.564   -11.485 5.654   1.00 22.66 ? 1006 HOH A O   1 
HETATM 1508 O O   . HOH C 3 .   ? 14.300  8.463   9.939   1.00 25.61 ? 1007 HOH A O   1 
HETATM 1509 O O   . HOH C 3 .   ? 3.364   -10.880 -6.035  1.00 22.57 ? 1008 HOH A O   1 
HETATM 1510 O O   . HOH C 3 .   ? 19.273  1.152   9.687   1.00 19.42 ? 1009 HOH A O   1 
HETATM 1511 O O   . HOH C 3 .   ? -3.818  4.349   -16.268 1.00 21.23 ? 1010 HOH A O   1 
HETATM 1512 O O   . HOH C 3 .   ? 13.680  -2.432  -1.593  1.00 23.18 ? 1011 HOH A O   1 
HETATM 1513 O O   . HOH C 3 .   ? -6.481  3.822   10.149  1.00 24.70 ? 1012 HOH A O   1 
HETATM 1514 O O   . HOH C 3 .   ? -3.170  -15.507 -7.026  1.00 29.53 ? 1013 HOH A O   1 
HETATM 1515 O O   . HOH C 3 .   ? 3.225   -10.939 6.815   1.00 26.01 ? 1014 HOH A O   1 
HETATM 1516 O O   . HOH C 3 .   ? 4.995   6.326   10.596  1.00 25.72 ? 1015 HOH A O   1 
HETATM 1517 O O   . HOH C 3 .   ? 12.306  2.469   -7.537  1.00 26.70 ? 1016 HOH A O   1 
HETATM 1518 O O   . HOH C 3 .   ? 0.624   -10.736 -13.643 1.00 49.15 ? 1017 HOH A O   1 
HETATM 1519 O O   . HOH C 3 .   ? -3.268  10.859  -11.203 1.00 28.08 ? 1018 HOH A O   1 
HETATM 1520 O O   . HOH C 3 .   ? -7.881  -7.165  -22.612 1.00 33.06 ? 1019 HOH A O   1 
HETATM 1521 O O   . HOH C 3 .   ? 7.945   -2.453  -20.668 1.00 32.88 ? 1020 HOH A O   1 
HETATM 1522 O O   . HOH C 3 .   ? 4.077   -8.315  -8.436  1.00 32.36 ? 1021 HOH A O   1 
HETATM 1523 O O   . HOH C 3 .   ? -2.397  2.324   13.731  1.00 39.68 ? 1022 HOH A O   1 
HETATM 1524 O O   . HOH C 3 .   ? -20.817 1.249   -5.769  1.00 33.23 ? 1023 HOH A O   1 
HETATM 1525 O O   . HOH C 3 .   ? -5.576  -1.555  14.357  1.00 37.77 ? 1024 HOH A O   1 
HETATM 1526 O O   . HOH C 3 .   ? 14.437  -12.072 4.483   1.00 37.52 ? 1025 HOH A O   1 
HETATM 1527 O O   . HOH C 3 .   ? -5.669  -15.240 -9.624  1.00 30.21 ? 1026 HOH A O   1 
HETATM 1528 O O   . HOH C 3 .   ? 7.206   13.793  -3.638  1.00 36.20 ? 1027 HOH A O   1 
HETATM 1529 O O   . HOH C 3 .   ? 10.019  14.423  13.345  1.00 43.53 ? 1028 HOH A O   1 
HETATM 1530 O O   . HOH C 3 .   ? -4.116  -5.735  -17.611 1.00 31.08 ? 1029 HOH A O   1 
HETATM 1531 O O   . HOH C 3 .   ? -11.760 -15.387 -13.051 1.00 45.79 ? 1030 HOH A O   1 
HETATM 1532 O O   . HOH C 3 .   ? -14.806 10.957  -1.897  1.00 34.16 ? 1031 HOH A O   1 
HETATM 1533 O O   . HOH C 3 .   ? -11.917 -7.478  7.246   1.00 39.70 ? 1032 HOH A O   1 
HETATM 1534 O O   . HOH C 3 .   ? -2.076  -12.974 8.129   1.00 55.79 ? 1033 HOH A O   1 
HETATM 1535 O O   . HOH C 3 .   ? -15.741 -9.621  0.053   1.00 46.83 ? 1034 HOH A O   1 
HETATM 1536 O O   . HOH C 3 .   ? -6.371  -14.754 -1.213  1.00 35.87 ? 1035 HOH A O   1 
HETATM 1537 O O   . HOH C 3 .   ? -4.493  -12.391 8.849   1.00 49.72 ? 1036 HOH A O   1 
HETATM 1538 O O   . HOH C 3 .   ? -6.590  12.363  -8.058  1.00 35.98 ? 1037 HOH A O   1 
HETATM 1539 O O   . HOH C 3 .   ? 5.192   -3.082  20.731  1.00 49.69 ? 1038 HOH A O   1 
HETATM 1540 O O   . HOH C 3 .   ? -12.067 -7.594  3.947   1.00 40.41 ? 1039 HOH A O   1 
HETATM 1541 O O   . HOH C 3 .   ? 0.790   4.534   17.925  1.00 42.31 ? 1040 HOH A O   1 
HETATM 1542 O O   . HOH C 3 .   ? -0.316  17.783  2.901   1.00 38.81 ? 1041 HOH A O   1 
HETATM 1543 O O   . HOH C 3 .   ? -14.570 2.986   7.101   1.00 37.97 ? 1042 HOH A O   1 
HETATM 1544 O O   . HOH C 3 .   ? 6.761   -19.113 -1.376  1.00 54.57 ? 1043 HOH A O   1 
HETATM 1545 O O   . HOH C 3 .   ? -7.105  6.477   11.713  1.00 38.72 ? 1044 HOH A O   1 
HETATM 1546 O O   . HOH C 3 .   ? -2.181  -11.193 -13.891 1.00 36.64 ? 1045 HOH A O   1 
HETATM 1547 O O   . HOH C 3 .   ? 9.204   11.791  -14.756 1.00 41.87 ? 1046 HOH A O   1 
HETATM 1548 O O   . HOH C 3 .   ? -11.293 -13.161 -1.993  1.00 42.14 ? 1047 HOH A O   1 
HETATM 1549 O O   . HOH C 3 .   ? 0.291   -6.436  14.661  1.00 33.46 ? 1048 HOH A O   1 
HETATM 1550 O O   . HOH C 3 .   ? -3.602  -14.675 0.240   1.00 31.95 ? 1049 HOH A O   1 
HETATM 1551 O O   . HOH C 3 .   ? -4.496  10.897  9.169   1.00 34.10 ? 1050 HOH A O   1 
HETATM 1552 O O   . HOH C 3 .   ? -8.654  16.340  8.522   1.00 40.51 ? 1051 HOH A O   1 
HETATM 1553 O O   . HOH C 3 .   ? 3.669   16.147  3.946   1.00 39.80 ? 1052 HOH A O   1 
HETATM 1554 O O   . HOH C 3 .   ? 4.376   12.282  13.280  1.00 48.80 ? 1053 HOH A O   1 
HETATM 1555 O O   . HOH C 3 .   ? -2.793  15.375  -6.458  1.00 44.01 ? 1054 HOH A O   1 
HETATM 1556 O O   . HOH C 3 .   ? 19.971  3.701   9.226   1.00 52.83 ? 1055 HOH A O   1 
HETATM 1557 O O   . HOH C 3 .   ? -6.050  -15.648 -4.986  1.00 38.01 ? 1056 HOH A O   1 
HETATM 1558 O O   . HOH C 3 .   ? -2.987  12.091  11.310  1.00 47.06 ? 1057 HOH A O   1 
HETATM 1559 O O   . HOH C 3 .   ? -9.572  -2.680  -1.328  1.00 35.13 ? 1058 HOH A O   1 
HETATM 1560 O O   . HOH C 3 .   ? -16.838 1.002   -0.125  1.00 45.88 ? 1059 HOH A O   1 
HETATM 1561 O O   . HOH C 3 .   ? 7.757   -5.320  20.289  1.00 40.20 ? 1060 HOH A O   1 
HETATM 1562 O O   . HOH C 3 .   ? -9.761  15.040  -4.135  1.00 41.02 ? 1061 HOH A O   1 
HETATM 1563 O O   . HOH C 3 .   ? 1.215   -21.732 -1.328  1.00 43.99 ? 1062 HOH A O   1 
HETATM 1564 O O   . HOH C 3 .   ? -2.985  -0.481  17.282  1.00 43.87 ? 1063 HOH A O   1 
HETATM 1565 O O   . HOH C 3 .   ? -13.859 12.002  -6.960  1.00 47.16 ? 1064 HOH A O   1 
HETATM 1566 O O   . HOH C 3 .   ? -7.754  18.244  2.318   1.00 55.07 ? 1065 HOH A O   1 
HETATM 1567 O O   . HOH C 3 .   ? 9.250   -11.798 17.973  1.00 52.23 ? 1066 HOH A O   1 
HETATM 1568 O O   . HOH C 3 .   ? -3.452  2.498   18.213  1.00 41.35 ? 1067 HOH A O   1 
HETATM 1569 O O   . HOH C 3 .   ? 21.308  0.199   17.946  1.00 38.13 ? 1068 HOH A O   1 
HETATM 1570 O O   . HOH C 3 .   ? 15.001  8.230   -13.714 1.00 67.37 ? 1069 HOH A O   1 
HETATM 1571 O O   . HOH C 3 .   ? 5.508   -15.822 11.831  1.00 38.92 ? 1070 HOH A O   1 
HETATM 1572 O O   . HOH C 3 .   ? 17.439  -8.496  18.365  1.00 65.65 ? 1071 HOH A O   1 
HETATM 1573 O O   . HOH C 3 .   ? -12.637 -13.249 -9.279  1.00 36.76 ? 1072 HOH A O   1 
HETATM 1574 O O   . HOH C 3 .   ? -14.235 -5.424  6.683   1.00 69.31 ? 1073 HOH A O   1 
HETATM 1575 O O   . HOH C 3 .   ? 11.633  -12.242 11.419  1.00 51.98 ? 1074 HOH A O   1 
HETATM 1576 O O   . HOH C 3 .   ? -18.341 -2.585  0.132   1.00 44.02 ? 1075 HOH A O   1 
HETATM 1577 O O   . HOH C 3 .   ? -6.345  9.622   10.691  1.00 46.27 ? 1076 HOH A O   1 
HETATM 1578 O O   . HOH C 3 .   ? -6.483  18.673  5.229   1.00 54.30 ? 1077 HOH A O   1 
HETATM 1579 O O   . HOH C 3 .   ? -15.205 9.009   -3.973  1.00 42.14 ? 1078 HOH A O   1 
HETATM 1580 O O   . HOH C 3 .   ? 6.824   15.749  -6.207  1.00 58.18 ? 1079 HOH A O   1 
HETATM 1581 O O   . HOH C 3 .   ? 14.911  1.874   15.186  1.00 42.24 ? 1080 HOH A O   1 
HETATM 1582 O O   . HOH C 3 .   ? -19.077 3.569   -6.571  1.00 28.64 ? 1081 HOH A O   1 
HETATM 1583 O O   . HOH C 3 .   ? 17.157  7.385   3.722   1.00 28.49 ? 1082 HOH A O   1 
HETATM 1584 O O   . HOH C 3 .   ? 0.122   -9.124  -11.932 1.00 29.32 ? 1083 HOH A O   1 
HETATM 1585 O O   . HOH C 3 .   ? 9.331   10.602  4.341   1.00 33.84 ? 1084 HOH A O   1 
HETATM 1586 O O   . HOH C 3 .   ? -0.026  -11.070 8.462   1.00 34.33 ? 1085 HOH A O   1 
HETATM 1587 O O   . HOH C 3 .   ? 6.199   -9.731  -7.010  1.00 35.52 ? 1086 HOH A O   1 
HETATM 1588 O O   . HOH C 3 .   ? 1.052   -4.395  19.510  1.00 56.68 ? 1087 HOH A O   1 
HETATM 1589 O O   . HOH C 3 .   ? -1.225  -13.741 5.921   1.00 42.32 ? 1088 HOH A O   1 
HETATM 1590 O O   . HOH C 3 .   ? 2.917   -2.429  19.309  1.00 39.37 ? 1089 HOH A O   1 
HETATM 1591 O O   . HOH C 3 .   ? 4.599   9.336   13.452  1.00 38.28 ? 1090 HOH A O   1 
HETATM 1592 O O   . HOH C 3 .   ? -3.560  10.390  -13.568 1.00 39.18 ? 1091 HOH A O   1 
HETATM 1593 O O   . HOH C 3 .   ? -13.086 8.062   7.834   1.00 46.42 ? 1092 HOH A O   1 
HETATM 1594 O O   . HOH C 3 .   ? -7.269  15.668  -5.010  1.00 48.28 ? 1093 HOH A O   1 
HETATM 1595 O O   . HOH C 3 .   ? -17.335 6.053   0.500   1.00 37.47 ? 1094 HOH A O   1 
HETATM 1596 O O   . HOH C 3 .   ? -7.367  -16.213 -3.344  1.00 46.04 ? 1095 HOH A O   1 
HETATM 1597 O O   . HOH C 3 .   ? 10.606  -5.421  22.858  1.00 42.88 ? 1096 HOH A O   1 
HETATM 1598 O O   . HOH C 3 .   ? -18.266 -8.697  -2.217  1.00 43.69 ? 1097 HOH A O   1 
HETATM 1599 O O   . HOH C 3 .   ? -10.438 18.358  2.736   1.00 44.66 ? 1098 HOH A O   1 
HETATM 1600 O O   . HOH C 3 .   ? -8.248  -5.552  -19.629 1.00 53.04 ? 1099 HOH A O   1 
HETATM 1601 O O   . HOH C 3 .   ? 20.004  2.746   15.254  1.00 38.95 ? 1100 HOH A O   1 
HETATM 1602 O O   . HOH C 3 .   ? 6.911   10.164  -16.531 1.00 47.99 ? 1101 HOH A O   1 
HETATM 1603 O O   . HOH C 3 .   ? -15.269 -0.031  7.356   1.00 58.09 ? 1102 HOH A O   1 
HETATM 1604 O O   . HOH C 3 .   ? 11.427  -3.676  -13.159 1.00 43.45 ? 1103 HOH A O   1 
HETATM 1605 O O   . HOH C 3 .   ? 16.311  4.182   14.452  1.00 45.52 ? 1104 HOH A O   1 
HETATM 1606 O O   . HOH C 3 .   ? -5.500  14.642  -6.681  1.00 48.97 ? 1105 HOH A O   1 
HETATM 1607 O O   . HOH C 3 .   ? 1.220   -16.779 4.612   1.00 55.70 ? 1106 HOH A O   1 
HETATM 1608 O O   . HOH C 3 .   ? -12.356 -2.431  9.383   1.00 51.48 ? 1107 HOH A O   1 
HETATM 1609 O O   . HOH C 3 .   ? 13.000  -16.729 -4.207  1.00 44.52 ? 1108 HOH A O   1 
HETATM 1610 O O   . HOH C 3 .   ? 5.643   11.196  15.585  1.00 48.36 ? 1109 HOH A O   1 
HETATM 1611 O O   . HOH C 3 .   ? 14.981  3.526   -12.629 1.00 62.70 ? 1110 HOH A O   1 
HETATM 1612 O O   . HOH C 3 .   ? -1.768  13.413  -11.070 1.00 52.99 ? 1111 HOH A O   1 
HETATM 1613 O O   . HOH C 3 .   ? -6.335  6.857   19.149  1.00 63.50 ? 1112 HOH A O   1 
HETATM 1614 O O   . HOH C 3 .   ? 14.831  -2.787  22.752  1.00 63.62 ? 1113 HOH A O   1 
HETATM 1615 O O   . HOH C 3 .   ? -17.117 2.033   2.254   1.00 56.65 ? 1114 HOH A O   1 
HETATM 1616 O O   . HOH C 3 .   ? 15.705  1.171   -11.312 1.00 50.75 ? 1115 HOH A O   1 
HETATM 1617 O O   . HOH C 3 .   ? -23.275 4.153   -10.285 1.00 62.51 ? 1116 HOH A O   1 
HETATM 1618 O O   . HOH C 3 .   ? -10.154 -12.630 -16.270 1.00 51.43 ? 1117 HOH A O   1 
HETATM 1619 O O   . HOH C 3 .   ? -12.364 -15.202 -0.053  1.00 57.87 ? 1118 HOH A O   1 
HETATM 1620 O O   . HOH C 3 .   ? 2.923   -8.767  14.530  1.00 56.44 ? 1119 HOH A O   1 
HETATM 1621 O O   . HOH C 3 .   ? 0.353   11.498  14.361  1.00 52.18 ? 1120 HOH A O   1 
HETATM 1622 O O   . HOH C 3 .   ? -15.264 -3.688  2.956   1.00 52.63 ? 1121 HOH A O   1 
HETATM 1623 O O   . HOH C 3 .   ? -4.760  -5.856  12.497  1.00 40.59 ? 1122 HOH A O   1 
HETATM 1624 O O   . HOH C 3 .   ? 6.257   13.569  15.867  1.00 65.03 ? 1123 HOH A O   1 
HETATM 1625 O O   . HOH C 3 .   ? 6.727   14.122  2.063   1.00 51.07 ? 1124 HOH A O   1 
HETATM 1626 O O   . HOH C 3 .   ? 6.671   -7.693  -10.433 1.00 32.80 ? 1125 HOH A O   1 
HETATM 1627 O O   . HOH C 3 .   ? 20.879  10.932  0.156   1.00 42.54 ? 1126 HOH A O   1 
HETATM 1628 O O   . HOH C 3 .   ? 20.319  8.800   1.561   1.00 41.67 ? 1127 HOH A O   1 
HETATM 1629 O O   . HOH C 3 .   ? -14.189 5.642   7.726   1.00 58.39 ? 1128 HOH A O   1 
HETATM 1630 O O   . HOH C 3 .   ? 18.915  3.868   13.322  1.00 47.19 ? 1129 HOH A O   1 
HETATM 1631 O O   . HOH C 3 .   ? 15.300  7.325   5.715   1.00 40.89 ? 1130 HOH A O   1 
HETATM 1632 O O   . HOH C 3 .   ? 8.455   -9.076  -5.787  1.00 48.39 ? 1131 HOH A O   1 
HETATM 1633 O O   . HOH C 3 .   ? 2.658   -9.688  -10.991 1.00 50.62 ? 1132 HOH A O   1 
HETATM 1634 O O   . HOH C 3 .   ? 14.006  -6.182  19.955  1.00 43.92 ? 1133 HOH A O   1 
HETATM 1635 O O   . HOH C 3 .   ? 5.866   -8.947  -19.504 1.00 47.93 ? 1134 HOH A O   1 
HETATM 1636 O O   . HOH C 3 .   ? -18.497 6.357   -5.481  1.00 50.95 ? 1135 HOH A O   1 
HETATM 1637 O O   . HOH C 3 .   ? 12.952  12.903  -13.240 1.00 57.42 ? 1136 HOH A O   1 
HETATM 1638 O O   . HOH C 3 .   ? -1.831  -4.052  22.261  1.00 77.61 ? 1137 HOH A O   1 
HETATM 1639 O O   . HOH C 3 .   ? 0.897   -8.610  14.331  1.00 61.89 ? 1138 HOH A O   1 
HETATM 1640 O O   . HOH C 3 .   ? -1.230  -9.828  10.436  1.00 50.85 ? 1139 HOH A O   1 
HETATM 1641 O O   . HOH C 3 .   ? 12.038  9.177   -1.517  1.00 53.53 ? 1140 HOH A O   1 
HETATM 1642 O O   . HOH C 3 .   ? -3.377  -9.014  9.564   1.00 51.73 ? 1141 HOH A O   1 
HETATM 1643 O O   . HOH C 3 .   ? -12.944 11.588  5.312   1.00 44.16 ? 1142 HOH A O   1 
HETATM 1644 O O   . HOH C 3 .   ? 13.971  1.264   -9.059  1.00 52.21 ? 1143 HOH A O   1 
HETATM 1645 O O   . HOH C 3 .   ? 13.932  -11.796 13.242  1.00 58.88 ? 1144 HOH A O   1 
HETATM 1646 O O   . HOH C 3 .   ? -11.859 -10.615 6.363   1.00 47.53 ? 1145 HOH A O   1 
HETATM 1647 O O   . HOH C 3 .   ? 6.383   15.198  10.456  1.00 60.90 ? 1146 HOH A O   1 
HETATM 1648 O O   . HOH C 3 .   ? -10.828 -14.275 -18.671 1.00 68.02 ? 1147 HOH A O   1 
HETATM 1649 O O   . HOH C 3 .   ? -5.518  3.822   19.799  1.00 67.03 ? 1148 HOH A O   1 
HETATM 1650 O O   . HOH C 3 .   ? -7.544  -9.609  -18.745 1.00 50.21 ? 1149 HOH A O   1 
HETATM 1651 O O   . HOH C 3 .   ? 8.773   -11.815 3.372   1.00 27.37 ? 1150 HOH A O   1 
HETATM 1652 O O   . HOH C 3 .   ? -3.735  -5.943  -21.654 1.00 27.17 ? 1151 HOH A O   1 
HETATM 1653 O O   . HOH C 3 .   ? -5.847  -7.559  -19.488 1.00 40.48 ? 1152 HOH A O   1 
HETATM 1654 O O   . HOH C 3 .   ? 13.463  -18.468 -2.122  1.00 45.27 ? 1153 HOH A O   1 
HETATM 1655 O O   . HOH C 3 .   ? 11.926  -17.114 0.767   1.00 49.06 ? 1154 HOH A O   1 
HETATM 1656 O O   . HOH C 3 .   ? 5.938   -9.914  -12.248 1.00 49.33 ? 1155 HOH A O   1 
HETATM 1657 O O   . HOH C 3 .   ? -3.934  1.086   14.817  1.00 55.78 ? 1156 HOH A O   1 
HETATM 1658 O O   . HOH C 3 .   ? -3.775  7.054   12.443  1.00 55.05 ? 1157 HOH A O   1 
HETATM 1659 O O   . HOH C 3 .   ? -14.503 -6.287  2.569   1.00 50.89 ? 1158 HOH A O   1 
HETATM 1660 O O   . HOH C 3 .   ? -23.151 -3.251  -12.478 1.00 66.30 ? 1159 HOH A O   1 
HETATM 1661 O O   . HOH C 3 .   ? 1.946   -11.183 14.022  1.00 66.78 ? 1160 HOH A O   1 
HETATM 1662 O O   . HOH C 3 .   ? 0.613   18.571  -0.147  1.00 59.34 ? 1161 HOH A O   1 
HETATM 1663 O O   . HOH C 3 .   ? 15.433  -17.782 -3.272  1.00 62.00 ? 1162 HOH A O   1 
HETATM 1664 O O   . HOH C 3 .   ? 7.189   -16.231 14.411  1.00 65.13 ? 1163 HOH A O   1 
HETATM 1665 O O   . HOH C 3 .   ? 12.306  8.601   -4.125  1.00 59.64 ? 1164 HOH A O   1 
HETATM 1666 O O   . HOH C 3 .   ? 9.708   -13.864 15.593  1.00 58.11 ? 1165 HOH A O   1 
# 
